data_4GVB
# 
_entry.id   4GVB 
# 
_audit_conform.dict_name       mmcif_pdbx.dic 
_audit_conform.dict_version    5.399 
_audit_conform.dict_location   http://mmcif.pdb.org/dictionaries/ascii/mmcif_pdbx.dic 
# 
loop_
_database_2.database_id 
_database_2.database_code 
_database_2.pdbx_database_accession 
_database_2.pdbx_DOI 
PDB   4GVB         pdb_00004gvb 10.2210/pdb4gvb/pdb 
RCSB  RCSB074677   ?            ?                   
WWPDB D_1000074677 ?            ?                   
# 
loop_
_pdbx_audit_revision_history.ordinal 
_pdbx_audit_revision_history.data_content_type 
_pdbx_audit_revision_history.major_revision 
_pdbx_audit_revision_history.minor_revision 
_pdbx_audit_revision_history.revision_date 
1 'Structure model' 1 0 2012-12-19 
2 'Structure model' 1 1 2013-01-23 
3 'Structure model' 1 2 2013-02-13 
4 'Structure model' 1 3 2024-11-20 
# 
_pdbx_audit_revision_details.ordinal             1 
_pdbx_audit_revision_details.revision_ordinal    1 
_pdbx_audit_revision_details.data_content_type   'Structure model' 
_pdbx_audit_revision_details.provider            repository 
_pdbx_audit_revision_details.type                'Initial release' 
_pdbx_audit_revision_details.description         ? 
_pdbx_audit_revision_details.details             ? 
# 
loop_
_pdbx_audit_revision_group.ordinal 
_pdbx_audit_revision_group.revision_ordinal 
_pdbx_audit_revision_group.data_content_type 
_pdbx_audit_revision_group.group 
1 2 'Structure model' 'Database references' 
2 3 'Structure model' 'Database references' 
3 4 'Structure model' 'Data collection'     
4 4 'Structure model' 'Database references' 
5 4 'Structure model' 'Structure summary'   
# 
loop_
_pdbx_audit_revision_category.ordinal 
_pdbx_audit_revision_category.revision_ordinal 
_pdbx_audit_revision_category.data_content_type 
_pdbx_audit_revision_category.category 
1 4 'Structure model' chem_comp_atom            
2 4 'Structure model' chem_comp_bond            
3 4 'Structure model' database_2                
4 4 'Structure model' pdbx_entry_details        
5 4 'Structure model' pdbx_modification_feature 
# 
loop_
_pdbx_audit_revision_item.ordinal 
_pdbx_audit_revision_item.revision_ordinal 
_pdbx_audit_revision_item.data_content_type 
_pdbx_audit_revision_item.item 
1 4 'Structure model' '_database_2.pdbx_DOI'                
2 4 'Structure model' '_database_2.pdbx_database_accession' 
# 
_pdbx_database_status.status_code                     REL 
_pdbx_database_status.entry_id                        4GVB 
_pdbx_database_status.recvd_initial_deposition_date   2012-08-30 
_pdbx_database_status.deposit_site                    RCSB 
_pdbx_database_status.process_site                    RCSB 
_pdbx_database_status.status_code_sf                  REL 
_pdbx_database_status.status_code_mr                  ? 
_pdbx_database_status.SG_entry                        ? 
_pdbx_database_status.status_code_cs                  ? 
_pdbx_database_status.methods_development_category    ? 
_pdbx_database_status.pdb_format_compatible           Y 
_pdbx_database_status.status_code_nmr_data            ? 
# 
_audit_author.name           'Smith, T.' 
_audit_author.pdbx_ordinal   1 
# 
_citation.id                        primary 
_citation.title                     'The Atomic Structure of the Virally Encoded Antifungal Protein, KP6.' 
_citation.journal_abbrev            J.Mol.Biol. 
_citation.journal_volume            425 
_citation.page_first                609 
_citation.page_last                 621 
_citation.year                      2013 
_citation.journal_id_ASTM           JMOBAK 
_citation.country                   UK 
_citation.journal_id_ISSN           0022-2836 
_citation.journal_id_CSD            0070 
_citation.book_publisher            ? 
_citation.pdbx_database_id_PubMed   23219466 
_citation.pdbx_database_id_DOI      10.1016/j.jmb.2012.11.033 
# 
loop_
_citation_author.citation_id 
_citation_author.name 
_citation_author.ordinal 
_citation_author.identifier_ORCID 
primary 'Allen, A.'   1 ? 
primary 'Chatt, E.'   2 ? 
primary 'Smith, T.J.' 3 ? 
# 
loop_
_entity.id 
_entity.type 
_entity.src_method 
_entity.pdbx_description 
_entity.formula_weight 
_entity.pdbx_number_of_molecules 
_entity.pdbx_ec 
_entity.pdbx_mutation 
_entity.pdbx_fragment 
_entity.details 
1 polymer nat 'KP6 killer toxin subunit alpha' 8893.862 1   ? ? 'KP6 alpha subunit' ? 
2 polymer nat 'KP6 killer toxin subunit beta'  9142.168 1   ? ? 'KP6 beta subunit'  ? 
3 water   nat water                            18.015   168 ? ? ?                   ? 
# 
loop_
_entity_name_com.entity_id 
_entity_name_com.name 
1 VP10   
2 VP12.5 
# 
loop_
_entity_poly.entity_id 
_entity_poly.type 
_entity_poly.nstd_linkage 
_entity_poly.nstd_monomer 
_entity_poly.pdbx_seq_one_letter_code 
_entity_poly.pdbx_seq_one_letter_code_can 
_entity_poly.pdbx_strand_id 
_entity_poly.pdbx_target_identifier 
1 'polypeptide(L)' no no NNAFCAGFGLSCKWECWCTAHGTGNELRYATAAGCGDHLSKSYYDARAGHCLFSDDLRNQFYSHCSSLNNNMSCRSLSKR     
NNAFCAGFGLSCKWECWCTAHGTGNELRYATAAGCGDHLSKSYYDARAGHCLFSDDLRNQFYSHCSSLNNNMSCRSLSKR     A ? 
2 'polypeptide(L)' no no 
;GKRPRPVMCQCVDTTNGGVRLDAVTRAACSIDSFIDGYYTEKDGFCRAKYSWDLFTSGQFYQACLRYSHAGTNCQPDPQY
E
;
;GKRPRPVMCQCVDTTNGGVRLDAVTRAACSIDSFIDGYYTEKDGFCRAKYSWDLFTSGQFYQACLRYSHAGTNCQPDPQY
E
;
B ? 
# 
_pdbx_entity_nonpoly.entity_id   3 
_pdbx_entity_nonpoly.name        water 
_pdbx_entity_nonpoly.comp_id     HOH 
# 
loop_
_entity_poly_seq.entity_id 
_entity_poly_seq.num 
_entity_poly_seq.mon_id 
_entity_poly_seq.hetero 
1 1  ASN n 
1 2  ASN n 
1 3  ALA n 
1 4  PHE n 
1 5  CYS n 
1 6  ALA n 
1 7  GLY n 
1 8  PHE n 
1 9  GLY n 
1 10 LEU n 
1 11 SER n 
1 12 CYS n 
1 13 LYS n 
1 14 TRP n 
1 15 GLU n 
1 16 CYS n 
1 17 TRP n 
1 18 CYS n 
1 19 THR n 
1 20 ALA n 
1 21 HIS n 
1 22 GLY n 
1 23 THR n 
1 24 GLY n 
1 25 ASN n 
1 26 GLU n 
1 27 LEU n 
1 28 ARG n 
1 29 TYR n 
1 30 ALA n 
1 31 THR n 
1 32 ALA n 
1 33 ALA n 
1 34 GLY n 
1 35 CYS n 
1 36 GLY n 
1 37 ASP n 
1 38 HIS n 
1 39 LEU n 
1 40 SER n 
1 41 LYS n 
1 42 SER n 
1 43 TYR n 
1 44 TYR n 
1 45 ASP n 
1 46 ALA n 
1 47 ARG n 
1 48 ALA n 
1 49 GLY n 
1 50 HIS n 
1 51 CYS n 
1 52 LEU n 
1 53 PHE n 
1 54 SER n 
1 55 ASP n 
1 56 ASP n 
1 57 LEU n 
1 58 ARG n 
1 59 ASN n 
1 60 GLN n 
1 61 PHE n 
1 62 TYR n 
1 63 SER n 
1 64 HIS n 
1 65 CYS n 
1 66 SER n 
1 67 SER n 
1 68 LEU n 
1 69 ASN n 
1 70 ASN n 
1 71 ASN n 
1 72 MET n 
1 73 SER n 
1 74 CYS n 
1 75 ARG n 
1 76 SER n 
1 77 LEU n 
1 78 SER n 
1 79 LYS n 
1 80 ARG n 
2 1  GLY n 
2 2  LYS n 
2 3  ARG n 
2 4  PRO n 
2 5  ARG n 
2 6  PRO n 
2 7  VAL n 
2 8  MET n 
2 9  CYS n 
2 10 GLN n 
2 11 CYS n 
2 12 VAL n 
2 13 ASP n 
2 14 THR n 
2 15 THR n 
2 16 ASN n 
2 17 GLY n 
2 18 GLY n 
2 19 VAL n 
2 20 ARG n 
2 21 LEU n 
2 22 ASP n 
2 23 ALA n 
2 24 VAL n 
2 25 THR n 
2 26 ARG n 
2 27 ALA n 
2 28 ALA n 
2 29 CYS n 
2 30 SER n 
2 31 ILE n 
2 32 ASP n 
2 33 SER n 
2 34 PHE n 
2 35 ILE n 
2 36 ASP n 
2 37 GLY n 
2 38 TYR n 
2 39 TYR n 
2 40 THR n 
2 41 GLU n 
2 42 LYS n 
2 43 ASP n 
2 44 GLY n 
2 45 PHE n 
2 46 CYS n 
2 47 ARG n 
2 48 ALA n 
2 49 LYS n 
2 50 TYR n 
2 51 SER n 
2 52 TRP n 
2 53 ASP n 
2 54 LEU n 
2 55 PHE n 
2 56 THR n 
2 57 SER n 
2 58 GLY n 
2 59 GLN n 
2 60 PHE n 
2 61 TYR n 
2 62 GLN n 
2 63 ALA n 
2 64 CYS n 
2 65 LEU n 
2 66 ARG n 
2 67 TYR n 
2 68 SER n 
2 69 HIS n 
2 70 ALA n 
2 71 GLY n 
2 72 THR n 
2 73 ASN n 
2 74 CYS n 
2 75 GLN n 
2 76 PRO n 
2 77 ASP n 
2 78 PRO n 
2 79 GLN n 
2 80 TYR n 
2 81 GLU n 
# 
loop_
_entity_src_nat.entity_id 
_entity_src_nat.pdbx_src_id 
_entity_src_nat.pdbx_alt_source_flag 
_entity_src_nat.pdbx_beg_seq_num 
_entity_src_nat.pdbx_end_seq_num 
_entity_src_nat.common_name 
_entity_src_nat.pdbx_organism_scientific 
_entity_src_nat.pdbx_ncbi_taxonomy_id 
_entity_src_nat.genus 
_entity_src_nat.species 
_entity_src_nat.strain 
_entity_src_nat.tissue 
_entity_src_nat.tissue_fraction 
_entity_src_nat.pdbx_secretion 
_entity_src_nat.pdbx_fragment 
_entity_src_nat.pdbx_variant 
_entity_src_nat.pdbx_cell_line 
_entity_src_nat.pdbx_atcc 
_entity_src_nat.pdbx_cellular_location 
_entity_src_nat.pdbx_organ 
_entity_src_nat.pdbx_organelle 
_entity_src_nat.pdbx_cell 
_entity_src_nat.pdbx_plasmid_name 
_entity_src_nat.pdbx_plasmid_details 
_entity_src_nat.details 
1 1 sample ? ? UmV6 'Ustilago maydis virus P6' 11010 ? ? ? ? ? ? ? ? ? ? ? ? ? ? ? ? ? 
2 1 sample ? ? UmV6 'Ustilago maydis virus P6' 11010 ? ? ? ? ? ? ? ? ? ? ? ? ? ? ? ? ? 
# 
loop_
_chem_comp.id 
_chem_comp.type 
_chem_comp.mon_nstd_flag 
_chem_comp.name 
_chem_comp.pdbx_synonyms 
_chem_comp.formula 
_chem_comp.formula_weight 
ALA 'L-peptide linking' y ALANINE         ? 'C3 H7 N O2'     89.093  
ARG 'L-peptide linking' y ARGININE        ? 'C6 H15 N4 O2 1' 175.209 
ASN 'L-peptide linking' y ASPARAGINE      ? 'C4 H8 N2 O3'    132.118 
ASP 'L-peptide linking' y 'ASPARTIC ACID' ? 'C4 H7 N O4'     133.103 
CYS 'L-peptide linking' y CYSTEINE        ? 'C3 H7 N O2 S'   121.158 
GLN 'L-peptide linking' y GLUTAMINE       ? 'C5 H10 N2 O3'   146.144 
GLU 'L-peptide linking' y 'GLUTAMIC ACID' ? 'C5 H9 N O4'     147.129 
GLY 'peptide linking'   y GLYCINE         ? 'C2 H5 N O2'     75.067  
HIS 'L-peptide linking' y HISTIDINE       ? 'C6 H10 N3 O2 1' 156.162 
HOH non-polymer         . WATER           ? 'H2 O'           18.015  
ILE 'L-peptide linking' y ISOLEUCINE      ? 'C6 H13 N O2'    131.173 
LEU 'L-peptide linking' y LEUCINE         ? 'C6 H13 N O2'    131.173 
LYS 'L-peptide linking' y LYSINE          ? 'C6 H15 N2 O2 1' 147.195 
MET 'L-peptide linking' y METHIONINE      ? 'C5 H11 N O2 S'  149.211 
PHE 'L-peptide linking' y PHENYLALANINE   ? 'C9 H11 N O2'    165.189 
PRO 'L-peptide linking' y PROLINE         ? 'C5 H9 N O2'     115.130 
SER 'L-peptide linking' y SERINE          ? 'C3 H7 N O3'     105.093 
THR 'L-peptide linking' y THREONINE       ? 'C4 H9 N O3'     119.119 
TRP 'L-peptide linking' y TRYPTOPHAN      ? 'C11 H12 N2 O2'  204.225 
TYR 'L-peptide linking' y TYROSINE        ? 'C9 H11 N O3'    181.189 
VAL 'L-peptide linking' y VALINE          ? 'C5 H11 N O2'    117.146 
# 
loop_
_pdbx_poly_seq_scheme.asym_id 
_pdbx_poly_seq_scheme.entity_id 
_pdbx_poly_seq_scheme.seq_id 
_pdbx_poly_seq_scheme.mon_id 
_pdbx_poly_seq_scheme.ndb_seq_num 
_pdbx_poly_seq_scheme.pdb_seq_num 
_pdbx_poly_seq_scheme.auth_seq_num 
_pdbx_poly_seq_scheme.pdb_mon_id 
_pdbx_poly_seq_scheme.auth_mon_id 
_pdbx_poly_seq_scheme.pdb_strand_id 
_pdbx_poly_seq_scheme.pdb_ins_code 
_pdbx_poly_seq_scheme.hetero 
A 1 1  ASN 1  1  1  ASN ASN A . n 
A 1 2  ASN 2  2  2  ASN ASN A . n 
A 1 3  ALA 3  3  3  ALA ALA A . n 
A 1 4  PHE 4  4  4  PHE PHE A . n 
A 1 5  CYS 5  5  5  CYS CYS A . n 
A 1 6  ALA 6  6  6  ALA ALA A . n 
A 1 7  GLY 7  7  7  GLY GLY A . n 
A 1 8  PHE 8  8  8  PHE PHE A . n 
A 1 9  GLY 9  9  9  GLY GLY A . n 
A 1 10 LEU 10 10 10 LEU LEU A . n 
A 1 11 SER 11 11 11 SER SER A . n 
A 1 12 CYS 12 12 12 CYS CYS A . n 
A 1 13 LYS 13 13 13 LYS LYS A . n 
A 1 14 TRP 14 14 14 TRP TRP A . n 
A 1 15 GLU 15 15 15 GLU GLU A . n 
A 1 16 CYS 16 16 16 CYS CYS A . n 
A 1 17 TRP 17 17 17 TRP TRP A . n 
A 1 18 CYS 18 18 18 CYS CYS A . n 
A 1 19 THR 19 19 19 THR THR A . n 
A 1 20 ALA 20 20 20 ALA ALA A . n 
A 1 21 HIS 21 21 21 HIS HIS A . n 
A 1 22 GLY 22 22 22 GLY GLY A . n 
A 1 23 THR 23 23 23 THR THR A . n 
A 1 24 GLY 24 24 24 GLY GLY A . n 
A 1 25 ASN 25 25 25 ASN ASN A . n 
A 1 26 GLU 26 26 26 GLU GLU A . n 
A 1 27 LEU 27 27 27 LEU LEU A . n 
A 1 28 ARG 28 28 28 ARG ARG A . n 
A 1 29 TYR 29 29 29 TYR TYR A . n 
A 1 30 ALA 30 30 30 ALA ALA A . n 
A 1 31 THR 31 31 31 THR THR A . n 
A 1 32 ALA 32 32 32 ALA ALA A . n 
A 1 33 ALA 33 33 33 ALA ALA A . n 
A 1 34 GLY 34 34 34 GLY GLY A . n 
A 1 35 CYS 35 35 35 CYS CYS A . n 
A 1 36 GLY 36 36 36 GLY GLY A . n 
A 1 37 ASP 37 37 37 ASP ASP A . n 
A 1 38 HIS 38 38 38 HIS HIS A . n 
A 1 39 LEU 39 39 39 LEU LEU A . n 
A 1 40 SER 40 40 40 SER SER A . n 
A 1 41 LYS 41 41 41 LYS LYS A . n 
A 1 42 SER 42 42 42 SER SER A . n 
A 1 43 TYR 43 43 43 TYR TYR A . n 
A 1 44 TYR 44 44 44 TYR TYR A . n 
A 1 45 ASP 45 45 45 ASP ASP A . n 
A 1 46 ALA 46 46 46 ALA ALA A . n 
A 1 47 ARG 47 47 47 ARG ARG A . n 
A 1 48 ALA 48 48 48 ALA ALA A . n 
A 1 49 GLY 49 49 49 GLY GLY A . n 
A 1 50 HIS 50 50 50 HIS HIS A . n 
A 1 51 CYS 51 51 51 CYS CYS A . n 
A 1 52 LEU 52 52 52 LEU LEU A . n 
A 1 53 PHE 53 53 53 PHE PHE A . n 
A 1 54 SER 54 54 54 SER SER A . n 
A 1 55 ASP 55 55 55 ASP ASP A . n 
A 1 56 ASP 56 56 56 ASP ASP A . n 
A 1 57 LEU 57 57 57 LEU LEU A . n 
A 1 58 ARG 58 58 58 ARG ARG A . n 
A 1 59 ASN 59 59 59 ASN ASN A . n 
A 1 60 GLN 60 60 60 GLN GLN A . n 
A 1 61 PHE 61 61 61 PHE PHE A . n 
A 1 62 TYR 62 62 62 TYR TYR A . n 
A 1 63 SER 63 63 63 SER SER A . n 
A 1 64 HIS 64 64 64 HIS HIS A . n 
A 1 65 CYS 65 65 65 CYS CYS A . n 
A 1 66 SER 66 66 66 SER SER A . n 
A 1 67 SER 67 67 67 SER SER A . n 
A 1 68 LEU 68 68 68 LEU LEU A . n 
A 1 69 ASN 69 69 69 ASN ASN A . n 
A 1 70 ASN 70 70 70 ASN ASN A . n 
A 1 71 ASN 71 71 71 ASN ASN A . n 
A 1 72 MET 72 72 72 MET MET A . n 
A 1 73 SER 73 73 73 SER SER A . n 
A 1 74 CYS 74 74 74 CYS CYS A . n 
A 1 75 ARG 75 75 75 ARG ARG A . n 
A 1 76 SER 76 76 76 SER SER A . n 
A 1 77 LEU 77 77 77 LEU LEU A . n 
A 1 78 SER 78 78 ?  ?   ?   A . n 
A 1 79 LYS 79 79 ?  ?   ?   A . n 
A 1 80 ARG 80 80 ?  ?   ?   A . n 
B 2 1  GLY 1  1  ?  ?   ?   B . n 
B 2 2  LYS 2  2  ?  ?   ?   B . n 
B 2 3  ARG 3  3  ?  ?   ?   B . n 
B 2 4  PRO 4  4  4  PRO PRO B . n 
B 2 5  ARG 5  5  5  ARG ARG B . n 
B 2 6  PRO 6  6  6  PRO PRO B . n 
B 2 7  VAL 7  7  7  VAL VAL B . n 
B 2 8  MET 8  8  8  MET MET B . n 
B 2 9  CYS 9  9  9  CYS CYS B . n 
B 2 10 GLN 10 10 10 GLN GLN B . n 
B 2 11 CYS 11 11 11 CYS CYS B . n 
B 2 12 VAL 12 12 12 VAL VAL B . n 
B 2 13 ASP 13 13 13 ASP ASP B . n 
B 2 14 THR 14 14 14 THR THR B . n 
B 2 15 THR 15 15 15 THR THR B . n 
B 2 16 ASN 16 16 16 ASN ASN B . n 
B 2 17 GLY 17 17 17 GLY GLY B . n 
B 2 18 GLY 18 18 18 GLY GLY B . n 
B 2 19 VAL 19 19 19 VAL VAL B . n 
B 2 20 ARG 20 20 20 ARG ARG B . n 
B 2 21 LEU 21 21 21 LEU LEU B . n 
B 2 22 ASP 22 22 22 ASP ASP B . n 
B 2 23 ALA 23 23 23 ALA ALA B . n 
B 2 24 VAL 24 24 24 VAL VAL B . n 
B 2 25 THR 25 25 25 THR THR B . n 
B 2 26 ARG 26 26 26 ARG ARG B . n 
B 2 27 ALA 27 27 27 ALA ALA B . n 
B 2 28 ALA 28 28 28 ALA ALA B . n 
B 2 29 CYS 29 29 29 CYS CYS B . n 
B 2 30 SER 30 30 30 SER SER B . n 
B 2 31 ILE 31 31 ?  ?   ?   B . n 
B 2 32 ASP 32 32 ?  ?   ?   B . n 
B 2 33 SER 33 33 ?  ?   ?   B . n 
B 2 34 PHE 34 34 ?  ?   ?   B . n 
B 2 35 ILE 35 35 35 ILE ILE B . n 
B 2 36 ASP 36 36 36 ASP ASP B . n 
B 2 37 GLY 37 37 37 GLY GLY B . n 
B 2 38 TYR 38 38 38 TYR TYR B . n 
B 2 39 TYR 39 39 39 TYR TYR B . n 
B 2 40 THR 40 40 40 THR THR B . n 
B 2 41 GLU 41 41 41 GLU GLU B . n 
B 2 42 LYS 42 42 42 LYS LYS B . n 
B 2 43 ASP 43 43 43 ASP ASP B . n 
B 2 44 GLY 44 44 44 GLY GLY B . n 
B 2 45 PHE 45 45 45 PHE PHE B . n 
B 2 46 CYS 46 46 46 CYS CYS B . n 
B 2 47 ARG 47 47 47 ARG ARG B . n 
B 2 48 ALA 48 48 48 ALA ALA B . n 
B 2 49 LYS 49 49 49 LYS LYS B . n 
B 2 50 TYR 50 50 50 TYR TYR B . n 
B 2 51 SER 51 51 51 SER SER B . n 
B 2 52 TRP 52 52 52 TRP TRP B . n 
B 2 53 ASP 53 53 53 ASP ASP B . n 
B 2 54 LEU 54 54 54 LEU LEU B . n 
B 2 55 PHE 55 55 55 PHE PHE B . n 
B 2 56 THR 56 56 56 THR THR B . n 
B 2 57 SER 57 57 57 SER SER B . n 
B 2 58 GLY 58 58 58 GLY GLY B . n 
B 2 59 GLN 59 59 59 GLN GLN B . n 
B 2 60 PHE 60 60 60 PHE PHE B . n 
B 2 61 TYR 61 61 61 TYR TYR B . n 
B 2 62 GLN 62 62 62 GLN GLN B . n 
B 2 63 ALA 63 63 63 ALA ALA B . n 
B 2 64 CYS 64 64 64 CYS CYS B . n 
B 2 65 LEU 65 65 65 LEU LEU B . n 
B 2 66 ARG 66 66 66 ARG ARG B . n 
B 2 67 TYR 67 67 67 TYR TYR B . n 
B 2 68 SER 68 68 68 SER SER B . n 
B 2 69 HIS 69 69 69 HIS HIS B . n 
B 2 70 ALA 70 70 70 ALA ALA B . n 
B 2 71 GLY 71 71 71 GLY GLY B . n 
B 2 72 THR 72 72 72 THR THR B . n 
B 2 73 ASN 73 73 73 ASN ASN B . n 
B 2 74 CYS 74 74 74 CYS CYS B . n 
B 2 75 GLN 75 75 75 GLN GLN B . n 
B 2 76 PRO 76 76 76 PRO PRO B . n 
B 2 77 ASP 77 77 77 ASP ASP B . n 
B 2 78 PRO 78 78 78 PRO PRO B . n 
B 2 79 GLN 79 79 79 GLN GLN B . n 
B 2 80 TYR 80 80 80 TYR TYR B . n 
B 2 81 GLU 81 81 81 GLU GLU B . n 
# 
loop_
_pdbx_nonpoly_scheme.asym_id 
_pdbx_nonpoly_scheme.entity_id 
_pdbx_nonpoly_scheme.mon_id 
_pdbx_nonpoly_scheme.ndb_seq_num 
_pdbx_nonpoly_scheme.pdb_seq_num 
_pdbx_nonpoly_scheme.auth_seq_num 
_pdbx_nonpoly_scheme.pdb_mon_id 
_pdbx_nonpoly_scheme.auth_mon_id 
_pdbx_nonpoly_scheme.pdb_strand_id 
_pdbx_nonpoly_scheme.pdb_ins_code 
C 3 HOH 1   101 1   HOH HOH A . 
C 3 HOH 2   102 2   HOH HOH A . 
C 3 HOH 3   103 3   HOH HOH A . 
C 3 HOH 4   104 7   HOH HOH A . 
C 3 HOH 5   105 9   HOH HOH A . 
C 3 HOH 6   106 10  HOH HOH A . 
C 3 HOH 7   107 12  HOH HOH A . 
C 3 HOH 8   108 15  HOH HOH A . 
C 3 HOH 9   109 16  HOH HOH A . 
C 3 HOH 10  110 18  HOH HOH A . 
C 3 HOH 11  111 19  HOH HOH A . 
C 3 HOH 12  112 20  HOH HOH A . 
C 3 HOH 13  113 22  HOH HOH A . 
C 3 HOH 14  114 23  HOH HOH A . 
C 3 HOH 15  115 24  HOH HOH A . 
C 3 HOH 16  116 25  HOH HOH A . 
C 3 HOH 17  117 26  HOH HOH A . 
C 3 HOH 18  118 27  HOH HOH A . 
C 3 HOH 19  119 28  HOH HOH A . 
C 3 HOH 20  120 30  HOH HOH A . 
C 3 HOH 21  121 31  HOH HOH A . 
C 3 HOH 22  122 32  HOH HOH A . 
C 3 HOH 23  123 33  HOH HOH A . 
C 3 HOH 24  124 34  HOH HOH A . 
C 3 HOH 25  125 35  HOH HOH A . 
C 3 HOH 26  126 36  HOH HOH A . 
C 3 HOH 27  127 37  HOH HOH A . 
C 3 HOH 28  128 38  HOH HOH A . 
C 3 HOH 29  129 41  HOH HOH A . 
C 3 HOH 30  130 42  HOH HOH A . 
C 3 HOH 31  131 46  HOH HOH A . 
C 3 HOH 32  132 47  HOH HOH A . 
C 3 HOH 33  133 48  HOH HOH A . 
C 3 HOH 34  134 49  HOH HOH A . 
C 3 HOH 35  135 50  HOH HOH A . 
C 3 HOH 36  136 51  HOH HOH A . 
C 3 HOH 37  137 52  HOH HOH A . 
C 3 HOH 38  138 53  HOH HOH A . 
C 3 HOH 39  139 54  HOH HOH A . 
C 3 HOH 40  140 55  HOH HOH A . 
C 3 HOH 41  141 56  HOH HOH A . 
C 3 HOH 42  142 57  HOH HOH A . 
C 3 HOH 43  143 59  HOH HOH A . 
C 3 HOH 44  144 61  HOH HOH A . 
C 3 HOH 45  145 62  HOH HOH A . 
C 3 HOH 46  146 63  HOH HOH A . 
C 3 HOH 47  147 65  HOH HOH A . 
C 3 HOH 48  148 66  HOH HOH A . 
C 3 HOH 49  149 67  HOH HOH A . 
C 3 HOH 50  150 69  HOH HOH A . 
C 3 HOH 51  151 70  HOH HOH A . 
C 3 HOH 52  152 74  HOH HOH A . 
C 3 HOH 53  153 75  HOH HOH A . 
C 3 HOH 54  154 76  HOH HOH A . 
C 3 HOH 55  155 77  HOH HOH A . 
C 3 HOH 56  156 78  HOH HOH A . 
C 3 HOH 57  157 80  HOH HOH A . 
C 3 HOH 58  158 81  HOH HOH A . 
C 3 HOH 59  159 83  HOH HOH A . 
C 3 HOH 60  160 84  HOH HOH A . 
C 3 HOH 61  161 85  HOH HOH A . 
C 3 HOH 62  162 87  HOH HOH A . 
C 3 HOH 63  163 88  HOH HOH A . 
C 3 HOH 64  164 90  HOH HOH A . 
C 3 HOH 65  165 93  HOH HOH A . 
C 3 HOH 66  166 95  HOH HOH A . 
C 3 HOH 67  167 97  HOH HOH A . 
C 3 HOH 68  168 99  HOH HOH A . 
C 3 HOH 69  169 100 HOH HOH A . 
C 3 HOH 70  170 101 HOH HOH A . 
C 3 HOH 71  171 102 HOH HOH A . 
C 3 HOH 72  172 105 HOH HOH A . 
C 3 HOH 73  173 106 HOH HOH A . 
C 3 HOH 74  174 107 HOH HOH A . 
C 3 HOH 75  175 108 HOH HOH A . 
C 3 HOH 76  176 109 HOH HOH A . 
C 3 HOH 77  177 111 HOH HOH A . 
C 3 HOH 78  178 112 HOH HOH A . 
C 3 HOH 79  179 114 HOH HOH A . 
C 3 HOH 80  180 115 HOH HOH A . 
C 3 HOH 81  181 118 HOH HOH A . 
C 3 HOH 82  182 119 HOH HOH A . 
C 3 HOH 83  183 120 HOH HOH A . 
C 3 HOH 84  184 121 HOH HOH A . 
C 3 HOH 85  185 123 HOH HOH A . 
C 3 HOH 86  186 124 HOH HOH A . 
C 3 HOH 87  187 126 HOH HOH A . 
C 3 HOH 88  188 127 HOH HOH A . 
C 3 HOH 89  189 129 HOH HOH A . 
C 3 HOH 90  190 131 HOH HOH A . 
C 3 HOH 91  191 132 HOH HOH A . 
C 3 HOH 92  192 141 HOH HOH A . 
C 3 HOH 93  193 142 HOH HOH A . 
C 3 HOH 94  194 143 HOH HOH A . 
C 3 HOH 95  195 144 HOH HOH A . 
C 3 HOH 96  196 145 HOH HOH A . 
C 3 HOH 97  197 146 HOH HOH A . 
C 3 HOH 98  198 148 HOH HOH A . 
C 3 HOH 99  199 149 HOH HOH A . 
C 3 HOH 100 200 150 HOH HOH A . 
C 3 HOH 101 201 151 HOH HOH A . 
C 3 HOH 102 202 155 HOH HOH A . 
C 3 HOH 103 203 156 HOH HOH A . 
C 3 HOH 104 204 157 HOH HOH A . 
C 3 HOH 105 205 158 HOH HOH A . 
C 3 HOH 106 206 163 HOH HOH A . 
C 3 HOH 107 207 164 HOH HOH A . 
D 3 HOH 1   101 4   HOH HOH B . 
D 3 HOH 2   102 5   HOH HOH B . 
D 3 HOH 3   103 6   HOH HOH B . 
D 3 HOH 4   104 8   HOH HOH B . 
D 3 HOH 5   105 11  HOH HOH B . 
D 3 HOH 6   106 13  HOH HOH B . 
D 3 HOH 7   107 14  HOH HOH B . 
D 3 HOH 8   108 17  HOH HOH B . 
D 3 HOH 9   109 21  HOH HOH B . 
D 3 HOH 10  110 29  HOH HOH B . 
D 3 HOH 11  111 39  HOH HOH B . 
D 3 HOH 12  112 40  HOH HOH B . 
D 3 HOH 13  113 43  HOH HOH B . 
D 3 HOH 14  114 44  HOH HOH B . 
D 3 HOH 15  115 45  HOH HOH B . 
D 3 HOH 16  116 58  HOH HOH B . 
D 3 HOH 17  117 60  HOH HOH B . 
D 3 HOH 18  118 64  HOH HOH B . 
D 3 HOH 19  119 68  HOH HOH B . 
D 3 HOH 20  120 71  HOH HOH B . 
D 3 HOH 21  121 72  HOH HOH B . 
D 3 HOH 22  122 73  HOH HOH B . 
D 3 HOH 23  123 79  HOH HOH B . 
D 3 HOH 24  124 82  HOH HOH B . 
D 3 HOH 25  125 86  HOH HOH B . 
D 3 HOH 26  126 89  HOH HOH B . 
D 3 HOH 27  127 91  HOH HOH B . 
D 3 HOH 28  128 92  HOH HOH B . 
D 3 HOH 29  129 94  HOH HOH B . 
D 3 HOH 30  130 96  HOH HOH B . 
D 3 HOH 31  131 98  HOH HOH B . 
D 3 HOH 32  132 103 HOH HOH B . 
D 3 HOH 33  133 104 HOH HOH B . 
D 3 HOH 34  134 110 HOH HOH B . 
D 3 HOH 35  135 113 HOH HOH B . 
D 3 HOH 36  136 116 HOH HOH B . 
D 3 HOH 37  137 117 HOH HOH B . 
D 3 HOH 38  138 122 HOH HOH B . 
D 3 HOH 39  139 125 HOH HOH B . 
D 3 HOH 40  140 128 HOH HOH B . 
D 3 HOH 41  141 130 HOH HOH B . 
D 3 HOH 42  142 133 HOH HOH B . 
D 3 HOH 43  143 134 HOH HOH B . 
D 3 HOH 44  144 135 HOH HOH B . 
D 3 HOH 45  145 136 HOH HOH B . 
D 3 HOH 46  146 137 HOH HOH B . 
D 3 HOH 47  147 138 HOH HOH B . 
D 3 HOH 48  148 139 HOH HOH B . 
D 3 HOH 49  149 140 HOH HOH B . 
D 3 HOH 50  150 147 HOH HOH B . 
D 3 HOH 51  151 152 HOH HOH B . 
D 3 HOH 52  152 153 HOH HOH B . 
D 3 HOH 53  153 154 HOH HOH B . 
D 3 HOH 54  154 159 HOH HOH B . 
D 3 HOH 55  155 160 HOH HOH B . 
D 3 HOH 56  156 161 HOH HOH B . 
D 3 HOH 57  157 162 HOH HOH B . 
D 3 HOH 58  158 165 HOH HOH B . 
D 3 HOH 59  159 166 HOH HOH B . 
D 3 HOH 60  160 167 HOH HOH B . 
D 3 HOH 61  161 168 HOH HOH B . 
# 
loop_
_software.name 
_software.classification 
_software.version 
_software.citation_id 
_software.pdbx_ordinal 
'PROTEUM PLUS' 'data collection' PLUS                         ? 1 
MOLREP         phasing           .                            ? 2 
PHENIX         refinement        '(phenix.refine: 1.6.1_353)' ? 3 
SAINT          'data reduction'  .                            ? 4 
'PROTEUM PLUS' 'data scaling'    PLUS                         ? 5 
# 
_cell.entry_id           4GVB 
_cell.length_a           44.419 
_cell.length_b           44.419 
_cell.length_c           155.648 
_cell.angle_alpha        90.00 
_cell.angle_beta         90.00 
_cell.angle_gamma        120.00 
_cell.Z_PDB              6 
_cell.pdbx_unique_axis   ? 
_cell.length_a_esd       ? 
_cell.length_b_esd       ? 
_cell.length_c_esd       ? 
_cell.angle_alpha_esd    ? 
_cell.angle_beta_esd     ? 
_cell.angle_gamma_esd    ? 
# 
_symmetry.entry_id                         4GVB 
_symmetry.space_group_name_H-M             'P 32 2 1' 
_symmetry.pdbx_full_space_group_name_H-M   ? 
_symmetry.cell_setting                     ? 
_symmetry.Int_Tables_number                154 
_symmetry.space_group_name_Hall            ? 
# 
_exptl.entry_id          4GVB 
_exptl.method            'X-RAY DIFFRACTION' 
_exptl.crystals_number   3 
# 
_exptl_crystal.id                    1 
_exptl_crystal.density_meas          ? 
_exptl_crystal.density_Matthews      2.46 
_exptl_crystal.density_percent_sol   49.95 
_exptl_crystal.description           ? 
_exptl_crystal.F_000                 ? 
_exptl_crystal.preparation           ? 
# 
_exptl_crystal_grow.crystal_id      1 
_exptl_crystal_grow.method          'VAPOR DIFFUSION, HANGING DROP' 
_exptl_crystal_grow.temp            298 
_exptl_crystal_grow.temp_details    ? 
_exptl_crystal_grow.pH              8.0 
_exptl_crystal_grow.pdbx_details    
;Reservoir solution contained 50 mM Tris, pH 8.0, 0.7 M ammonium sulfate, and 1 mM sodium azide.  The drops were composed of 1:1 ratio of reservoir solution and 8.2 mg/ml KP6, VAPOR DIFFUSION, HANGING DROP, temperature 298K
;
_exptl_crystal_grow.pdbx_pH_range   ? 
# 
_diffrn.id                     1 
_diffrn.ambient_temp           100 
_diffrn.ambient_temp_details   ? 
_diffrn.crystal_id             1 
# 
_diffrn_detector.diffrn_id              1 
_diffrn_detector.detector               CCD 
_diffrn_detector.type                   'BRUKER SMART 6000' 
_diffrn_detector.pdbx_collection_date   2012-05-12 
_diffrn_detector.details                mirrors 
# 
_diffrn_radiation.diffrn_id                        1 
_diffrn_radiation.wavelength_id                    1 
_diffrn_radiation.pdbx_monochromatic_or_laue_m_l   M 
_diffrn_radiation.monochromator                    'Osmic (blue) mirror optics' 
_diffrn_radiation.pdbx_diffrn_protocol             'SINGLE WAVELENGTH' 
_diffrn_radiation.pdbx_scattering_type             x-ray 
# 
_diffrn_radiation_wavelength.id           1 
_diffrn_radiation_wavelength.wavelength   1.5418 
_diffrn_radiation_wavelength.wt           1.0 
# 
_diffrn_source.diffrn_id                   1 
_diffrn_source.source                      'ROTATING ANODE' 
_diffrn_source.type                        'ENRAF-NONIUS FR591' 
_diffrn_source.pdbx_synchrotron_site       ? 
_diffrn_source.pdbx_synchrotron_beamline   ? 
_diffrn_source.pdbx_wavelength             ? 
_diffrn_source.pdbx_wavelength_list        1.5418 
# 
_reflns.entry_id                     4GVB 
_reflns.observed_criterion_sigma_I   1 
_reflns.observed_criterion_sigma_F   1 
_reflns.d_resolution_low             39 
_reflns.d_resolution_high            1.8 
_reflns.number_obs                   13869 
_reflns.number_all                   13869 
_reflns.percent_possible_obs         93.7 
_reflns.pdbx_Rmerge_I_obs            ? 
_reflns.pdbx_Rsym_value              ? 
_reflns.pdbx_netI_over_sigmaI        ? 
_reflns.B_iso_Wilson_estimate        ? 
_reflns.pdbx_redundancy              8.2 
_reflns.R_free_details               ? 
_reflns.limit_h_max                  ? 
_reflns.limit_h_min                  ? 
_reflns.limit_k_max                  ? 
_reflns.limit_k_min                  ? 
_reflns.limit_l_max                  ? 
_reflns.limit_l_min                  ? 
_reflns.observed_criterion_F_max     ? 
_reflns.observed_criterion_F_min     ? 
_reflns.pdbx_chi_squared             ? 
_reflns.pdbx_scaling_rejects         ? 
_reflns.pdbx_ordinal                 1 
_reflns.pdbx_diffrn_id               1 
# 
_reflns_shell.d_res_high             1.80 
_reflns_shell.d_res_low              1.89 
_reflns_shell.percent_possible_all   90.5 
_reflns_shell.Rmerge_I_obs           ? 
_reflns_shell.pdbx_Rsym_value        ? 
_reflns_shell.meanI_over_sigI_obs    ? 
_reflns_shell.pdbx_redundancy        ? 
_reflns_shell.percent_possible_obs   ? 
_reflns_shell.number_unique_all      ? 
_reflns_shell.number_measured_all    ? 
_reflns_shell.number_measured_obs    ? 
_reflns_shell.number_unique_obs      ? 
_reflns_shell.pdbx_chi_squared       ? 
_reflns_shell.pdbx_ordinal           1 
_reflns_shell.pdbx_diffrn_id         1 
# 
_refine.entry_id                                 4GVB 
_refine.ls_number_reflns_obs                     ? 
_refine.ls_number_reflns_all                     ? 
_refine.pdbx_ls_sigma_I                          ? 
_refine.pdbx_ls_sigma_F                          0.08 
_refine.pdbx_data_cutoff_high_absF               ? 
_refine.pdbx_data_cutoff_low_absF                ? 
_refine.pdbx_data_cutoff_high_rms_absF           ? 
_refine.ls_d_res_low                             38.468 
_refine.ls_d_res_high                            1.800 
_refine.ls_percent_reflns_obs                    86.87 
_refine.ls_R_factor_obs                          0.2164 
_refine.ls_R_factor_all                          ? 
_refine.ls_R_factor_R_work                       0.2148 
_refine.ls_R_factor_R_free                       0.2475 
_refine.ls_R_factor_R_free_error                 ? 
_refine.ls_R_factor_R_free_error_details         ? 
_refine.ls_percent_reflns_R_free                 4.99 
_refine.ls_number_reflns_R_free                  753 
_refine.ls_number_parameters                     ? 
_refine.ls_number_restraints                     ? 
_refine.occupancy_min                            ? 
_refine.occupancy_max                            ? 
_refine.correlation_coeff_Fo_to_Fc               ? 
_refine.correlation_coeff_Fo_to_Fc_free          ? 
_refine.B_iso_mean                               ? 
_refine.aniso_B[1][1]                            3.7075 
_refine.aniso_B[2][2]                            3.7075 
_refine.aniso_B[3][3]                            -7.4151 
_refine.aniso_B[1][2]                            0.0000 
_refine.aniso_B[1][3]                            -0.0000 
_refine.aniso_B[2][3]                            0.0000 
_refine.solvent_model_details                    'FLAT BULK SOLVENT MODEL' 
_refine.solvent_model_param_ksol                 0.357 
_refine.solvent_model_param_bsol                 50.721 
_refine.pdbx_solvent_vdw_probe_radii             1.11 
_refine.pdbx_solvent_ion_probe_radii             ? 
_refine.pdbx_solvent_shrinkage_radii             0.90 
_refine.pdbx_ls_cross_valid_method               ? 
_refine.details                                  ? 
_refine.pdbx_starting_model                      ? 
_refine.pdbx_method_to_determine_struct          'MOLECULAR REPLACEMENT' 
_refine.pdbx_isotropic_thermal_model             ? 
_refine.pdbx_stereochemistry_target_values       ML 
_refine.pdbx_stereochem_target_val_spec_case     ? 
_refine.pdbx_R_Free_selection_details            Random 
_refine.pdbx_overall_ESU_R                       ? 
_refine.pdbx_overall_ESU_R_Free                  ? 
_refine.overall_SU_ML                            0.23 
_refine.pdbx_overall_phase_error                 24.77 
_refine.overall_SU_B                             ? 
_refine.overall_SU_R_Cruickshank_DPI             ? 
_refine.ls_redundancy_reflns_obs                 ? 
_refine.B_iso_min                                ? 
_refine.B_iso_max                                ? 
_refine.overall_SU_R_free                        ? 
_refine.ls_wR_factor_R_free                      ? 
_refine.ls_wR_factor_R_work                      ? 
_refine.overall_FOM_free_R_set                   ? 
_refine.overall_FOM_work_R_set                   ? 
_refine.pdbx_diffrn_id                           1 
_refine.pdbx_refine_id                           'X-RAY DIFFRACTION' 
_refine.pdbx_TLS_residual_ADP_flag               ? 
_refine.pdbx_overall_SU_R_free_Cruickshank_DPI   ? 
_refine.pdbx_overall_SU_R_Blow_DPI               ? 
_refine.pdbx_overall_SU_R_free_Blow_DPI          ? 
# 
_refine_hist.pdbx_refine_id                   'X-RAY DIFFRACTION' 
_refine_hist.cycle_id                         LAST 
_refine_hist.pdbx_number_atoms_protein        1173 
_refine_hist.pdbx_number_atoms_nucleic_acid   0 
_refine_hist.pdbx_number_atoms_ligand         0 
_refine_hist.number_atoms_solvent             168 
_refine_hist.number_atoms_total               1341 
_refine_hist.d_res_high                       1.800 
_refine_hist.d_res_low                        38.468 
# 
loop_
_refine_ls_restr.type 
_refine_ls_restr.dev_ideal 
_refine_ls_restr.dev_ideal_target 
_refine_ls_restr.weight 
_refine_ls_restr.number 
_refine_ls_restr.pdbx_restraint_function 
_refine_ls_restr.pdbx_refine_id 
f_bond_d           0.007  ? ? 1209 ? 'X-RAY DIFFRACTION' 
f_angle_d          0.965  ? ? 1623 ? 'X-RAY DIFFRACTION' 
f_dihedral_angle_d 12.476 ? ? 417  ? 'X-RAY DIFFRACTION' 
f_chiral_restr     0.075  ? ? 162  ? 'X-RAY DIFFRACTION' 
f_plane_restr      0.004  ? ? 214  ? 'X-RAY DIFFRACTION' 
# 
loop_
_refine_ls_shell.pdbx_total_number_of_bins_used 
_refine_ls_shell.d_res_high 
_refine_ls_shell.d_res_low 
_refine_ls_shell.number_reflns_R_work 
_refine_ls_shell.R_factor_R_work 
_refine_ls_shell.percent_reflns_obs 
_refine_ls_shell.R_factor_R_free 
_refine_ls_shell.R_factor_R_free_error 
_refine_ls_shell.percent_reflns_R_free 
_refine_ls_shell.number_reflns_R_free 
_refine_ls_shell.number_reflns_all 
_refine_ls_shell.R_factor_all 
_refine_ls_shell.number_reflns_obs 
_refine_ls_shell.redundancy_reflns_obs 
_refine_ls_shell.pdbx_refine_id 
. 1.8000 1.9390  2359 0.2897 73.00 0.3237 . . 128 . . . . 'X-RAY DIFFRACTION' 
. 1.9390 2.1341  2560 0.2519 79.00 0.2943 . . 134 . . . . 'X-RAY DIFFRACTION' 
. 2.1341 2.4429  2754 0.2344 85.00 0.3128 . . 155 . . . . 'X-RAY DIFFRACTION' 
. 2.4429 3.0776  3187 0.2157 97.00 0.2483 . . 171 . . . . 'X-RAY DIFFRACTION' 
. 3.0776 38.4768 3465 0.1936 99.00 0.2069 . . 165 . . . . 'X-RAY DIFFRACTION' 
# 
_struct.entry_id                  4GVB 
_struct.title                     'Crystal structure of the virally encoded antifungal protein, KP6, heterodimer' 
_struct.pdbx_model_details        ? 
_struct.pdbx_CASP_flag            ? 
_struct.pdbx_model_type_details   ? 
# 
_struct_keywords.entry_id        4GVB 
_struct_keywords.pdbx_keywords   TOXIN 
_struct_keywords.text            'Antifungal protein, Secreted, TOXIN' 
# 
loop_
_struct_asym.id 
_struct_asym.pdbx_blank_PDB_chainid_flag 
_struct_asym.pdbx_modified 
_struct_asym.entity_id 
_struct_asym.details 
A N N 1 ? 
B N N 2 ? 
C N N 3 ? 
D N N 3 ? 
# 
loop_
_struct_ref.id 
_struct_ref.db_name 
_struct_ref.db_code 
_struct_ref.pdbx_db_accession 
_struct_ref.entity_id 
_struct_ref.pdbx_seq_one_letter_code 
_struct_ref.pdbx_align_begin 
_struct_ref.pdbx_db_isoform 
1 UNP KP6T_UMV6 P16948 1 
;NNAFCAGFGLSCKWECWCTAHGTGNELRYATAAGCGDHLSKSYYDARAGHCLFSDDLRNQFYSHCSSLNNNMSCRSLSKR

;
28  ? 
2 UNP KP6T_UMV6 P16948 2 
;GKRPRPVMCQCVDTTNGGVRLDAVTRAACSIDSFIDGYYTEKDGFCRAKYSWDLFTSGQFYQACLRYSHAGTNCQPDPQY
E
;
139 ? 
# 
loop_
_struct_ref_seq.align_id 
_struct_ref_seq.ref_id 
_struct_ref_seq.pdbx_PDB_id_code 
_struct_ref_seq.pdbx_strand_id 
_struct_ref_seq.seq_align_beg 
_struct_ref_seq.pdbx_seq_align_beg_ins_code 
_struct_ref_seq.seq_align_end 
_struct_ref_seq.pdbx_seq_align_end_ins_code 
_struct_ref_seq.pdbx_db_accession 
_struct_ref_seq.db_align_beg 
_struct_ref_seq.pdbx_db_align_beg_ins_code 
_struct_ref_seq.db_align_end 
_struct_ref_seq.pdbx_db_align_end_ins_code 
_struct_ref_seq.pdbx_auth_seq_align_beg 
_struct_ref_seq.pdbx_auth_seq_align_end 
1 1 4GVB A 1 ? 80 ? P16948 28  ? 107 ? 1 80 
2 2 4GVB B 1 ? 81 ? P16948 139 ? 219 ? 1 81 
# 
_pdbx_struct_assembly.id                   1 
_pdbx_struct_assembly.details              author_and_software_defined_assembly 
_pdbx_struct_assembly.method_details       PISA 
_pdbx_struct_assembly.oligomeric_details   dimeric 
_pdbx_struct_assembly.oligomeric_count     2 
# 
loop_
_pdbx_struct_assembly_prop.biol_id 
_pdbx_struct_assembly_prop.type 
_pdbx_struct_assembly_prop.value 
_pdbx_struct_assembly_prop.details 
1 'ABSA (A^2)' 910  ? 
1 MORE         -5   ? 
1 'SSA (A^2)'  8100 ? 
# 
_pdbx_struct_assembly_gen.assembly_id       1 
_pdbx_struct_assembly_gen.oper_expression   1 
_pdbx_struct_assembly_gen.asym_id_list      A,B,C,D 
# 
_pdbx_struct_oper_list.id                   1 
_pdbx_struct_oper_list.type                 'identity operation' 
_pdbx_struct_oper_list.name                 1_555 
_pdbx_struct_oper_list.symmetry_operation   x,y,z 
_pdbx_struct_oper_list.matrix[1][1]         1.0000000000 
_pdbx_struct_oper_list.matrix[1][2]         0.0000000000 
_pdbx_struct_oper_list.matrix[1][3]         0.0000000000 
_pdbx_struct_oper_list.vector[1]            0.0000000000 
_pdbx_struct_oper_list.matrix[2][1]         0.0000000000 
_pdbx_struct_oper_list.matrix[2][2]         1.0000000000 
_pdbx_struct_oper_list.matrix[2][3]         0.0000000000 
_pdbx_struct_oper_list.vector[2]            0.0000000000 
_pdbx_struct_oper_list.matrix[3][1]         0.0000000000 
_pdbx_struct_oper_list.matrix[3][2]         0.0000000000 
_pdbx_struct_oper_list.matrix[3][3]         1.0000000000 
_pdbx_struct_oper_list.vector[3]            0.0000000000 
# 
_struct_biol.id        1 
_struct_biol.details   ? 
# 
loop_
_struct_conf.conf_type_id 
_struct_conf.id 
_struct_conf.pdbx_PDB_helix_id 
_struct_conf.beg_label_comp_id 
_struct_conf.beg_label_asym_id 
_struct_conf.beg_label_seq_id 
_struct_conf.pdbx_beg_PDB_ins_code 
_struct_conf.end_label_comp_id 
_struct_conf.end_label_asym_id 
_struct_conf.end_label_seq_id 
_struct_conf.pdbx_end_PDB_ins_code 
_struct_conf.beg_auth_comp_id 
_struct_conf.beg_auth_asym_id 
_struct_conf.beg_auth_seq_id 
_struct_conf.end_auth_comp_id 
_struct_conf.end_auth_asym_id 
_struct_conf.end_auth_seq_id 
_struct_conf.pdbx_PDB_helix_class 
_struct_conf.details 
_struct_conf.pdbx_PDB_helix_length 
HELX_P HELX_P1 1 ASN A 1  ? GLY A 9  ? ASN A 1  GLY A 9  1 ? 9  
HELX_P HELX_P2 2 LEU A 27 ? GLY A 34 ? LEU A 27 GLY A 34 1 ? 8  
HELX_P HELX_P3 3 CYS A 35 ? LEU A 39 ? CYS A 35 LEU A 39 5 ? 5  
HELX_P HELX_P4 4 LEU A 57 ? LEU A 68 ? LEU A 57 LEU A 68 1 ? 12 
HELX_P HELX_P5 5 THR B 15 ? VAL B 19 ? THR B 15 VAL B 19 5 ? 5  
HELX_P HELX_P6 6 LEU B 21 ? SER B 30 ? LEU B 21 SER B 30 1 ? 10 
HELX_P HELX_P7 7 THR B 56 ? SER B 68 ? THR B 56 SER B 68 1 ? 13 
HELX_P HELX_P8 8 PRO B 78 ? GLU B 81 ? PRO B 78 GLU B 81 5 ? 4  
# 
_struct_conf_type.id          HELX_P 
_struct_conf_type.criteria    ? 
_struct_conf_type.reference   ? 
# 
loop_
_struct_conn.id 
_struct_conn.conn_type_id 
_struct_conn.pdbx_leaving_atom_flag 
_struct_conn.pdbx_PDB_id 
_struct_conn.ptnr1_label_asym_id 
_struct_conn.ptnr1_label_comp_id 
_struct_conn.ptnr1_label_seq_id 
_struct_conn.ptnr1_label_atom_id 
_struct_conn.pdbx_ptnr1_label_alt_id 
_struct_conn.pdbx_ptnr1_PDB_ins_code 
_struct_conn.pdbx_ptnr1_standard_comp_id 
_struct_conn.ptnr1_symmetry 
_struct_conn.ptnr2_label_asym_id 
_struct_conn.ptnr2_label_comp_id 
_struct_conn.ptnr2_label_seq_id 
_struct_conn.ptnr2_label_atom_id 
_struct_conn.pdbx_ptnr2_label_alt_id 
_struct_conn.pdbx_ptnr2_PDB_ins_code 
_struct_conn.ptnr1_auth_asym_id 
_struct_conn.ptnr1_auth_comp_id 
_struct_conn.ptnr1_auth_seq_id 
_struct_conn.ptnr2_auth_asym_id 
_struct_conn.ptnr2_auth_comp_id 
_struct_conn.ptnr2_auth_seq_id 
_struct_conn.ptnr2_symmetry 
_struct_conn.pdbx_ptnr3_label_atom_id 
_struct_conn.pdbx_ptnr3_label_seq_id 
_struct_conn.pdbx_ptnr3_label_comp_id 
_struct_conn.pdbx_ptnr3_label_asym_id 
_struct_conn.pdbx_ptnr3_label_alt_id 
_struct_conn.pdbx_ptnr3_PDB_ins_code 
_struct_conn.details 
_struct_conn.pdbx_dist_value 
_struct_conn.pdbx_value_order 
_struct_conn.pdbx_role 
disulf1 disulf ? ? A CYS 5  SG ? ? ? 1_555 A CYS 12 SG ? ? A CYS 5  A CYS 12 1_555 ? ? ? ? ? ? ? 2.046 ? ? 
disulf2 disulf ? ? A CYS 16 SG ? ? ? 1_555 A CYS 74 SG ? ? A CYS 16 A CYS 74 1_555 ? ? ? ? ? ? ? 2.027 ? ? 
disulf3 disulf ? ? A CYS 18 SG ? ? ? 1_555 A CYS 65 SG ? ? A CYS 18 A CYS 65 1_555 ? ? ? ? ? ? ? 2.024 ? ? 
disulf4 disulf ? ? A CYS 35 SG ? ? ? 1_555 A CYS 51 SG ? ? A CYS 35 A CYS 51 1_555 ? ? ? ? ? ? ? 2.023 ? ? 
disulf5 disulf ? ? B CYS 9  SG ? ? ? 1_555 B CYS 74 SG ? ? B CYS 9  B CYS 74 1_555 ? ? ? ? ? ? ? 2.035 ? ? 
disulf6 disulf ? ? B CYS 11 SG ? ? ? 1_555 B CYS 64 SG ? ? B CYS 11 B CYS 64 1_555 ? ? ? ? ? ? ? 2.024 ? ? 
disulf7 disulf ? ? B CYS 29 SG ? ? ? 1_555 B CYS 46 SG ? ? B CYS 29 B CYS 46 1_555 ? ? ? ? ? ? ? 2.039 ? ? 
# 
_struct_conn_type.id          disulf 
_struct_conn_type.criteria    ? 
_struct_conn_type.reference   ? 
# 
loop_
_pdbx_modification_feature.ordinal 
_pdbx_modification_feature.label_comp_id 
_pdbx_modification_feature.label_asym_id 
_pdbx_modification_feature.label_seq_id 
_pdbx_modification_feature.label_alt_id 
_pdbx_modification_feature.modified_residue_label_comp_id 
_pdbx_modification_feature.modified_residue_label_asym_id 
_pdbx_modification_feature.modified_residue_label_seq_id 
_pdbx_modification_feature.modified_residue_label_alt_id 
_pdbx_modification_feature.auth_comp_id 
_pdbx_modification_feature.auth_asym_id 
_pdbx_modification_feature.auth_seq_id 
_pdbx_modification_feature.PDB_ins_code 
_pdbx_modification_feature.symmetry 
_pdbx_modification_feature.modified_residue_auth_comp_id 
_pdbx_modification_feature.modified_residue_auth_asym_id 
_pdbx_modification_feature.modified_residue_auth_seq_id 
_pdbx_modification_feature.modified_residue_PDB_ins_code 
_pdbx_modification_feature.modified_residue_symmetry 
_pdbx_modification_feature.comp_id_linking_atom 
_pdbx_modification_feature.modified_residue_id_linking_atom 
_pdbx_modification_feature.modified_residue_id 
_pdbx_modification_feature.ref_pcm_id 
_pdbx_modification_feature.ref_comp_id 
_pdbx_modification_feature.type 
_pdbx_modification_feature.category 
1 CYS A 5  ? CYS A 12 ? CYS A 5  ? 1_555 CYS A 12 ? 1_555 SG SG . . . None 'Disulfide bridge' 
2 CYS A 16 ? CYS A 74 ? CYS A 16 ? 1_555 CYS A 74 ? 1_555 SG SG . . . None 'Disulfide bridge' 
3 CYS A 18 ? CYS A 65 ? CYS A 18 ? 1_555 CYS A 65 ? 1_555 SG SG . . . None 'Disulfide bridge' 
4 CYS A 35 ? CYS A 51 ? CYS A 35 ? 1_555 CYS A 51 ? 1_555 SG SG . . . None 'Disulfide bridge' 
5 CYS B 9  ? CYS B 74 ? CYS B 9  ? 1_555 CYS B 74 ? 1_555 SG SG . . . None 'Disulfide bridge' 
6 CYS B 11 ? CYS B 64 ? CYS B 11 ? 1_555 CYS B 64 ? 1_555 SG SG . . . None 'Disulfide bridge' 
7 CYS B 29 ? CYS B 46 ? CYS B 29 ? 1_555 CYS B 46 ? 1_555 SG SG . . . None 'Disulfide bridge' 
# 
loop_
_struct_sheet.id 
_struct_sheet.type 
_struct_sheet.number_strands 
_struct_sheet.details 
A ? 4 ? 
B ? 2 ? 
C ? 2 ? 
# 
loop_
_struct_sheet_order.sheet_id 
_struct_sheet_order.range_id_1 
_struct_sheet_order.range_id_2 
_struct_sheet_order.offset 
_struct_sheet_order.sense 
A 1 2 ? anti-parallel 
A 2 3 ? anti-parallel 
A 3 4 ? anti-parallel 
B 1 2 ? anti-parallel 
C 1 2 ? anti-parallel 
# 
loop_
_struct_sheet_range.sheet_id 
_struct_sheet_range.id 
_struct_sheet_range.beg_label_comp_id 
_struct_sheet_range.beg_label_asym_id 
_struct_sheet_range.beg_label_seq_id 
_struct_sheet_range.pdbx_beg_PDB_ins_code 
_struct_sheet_range.end_label_comp_id 
_struct_sheet_range.end_label_asym_id 
_struct_sheet_range.end_label_seq_id 
_struct_sheet_range.pdbx_end_PDB_ins_code 
_struct_sheet_range.beg_auth_comp_id 
_struct_sheet_range.beg_auth_asym_id 
_struct_sheet_range.beg_auth_seq_id 
_struct_sheet_range.end_auth_comp_id 
_struct_sheet_range.end_auth_asym_id 
_struct_sheet_range.end_auth_seq_id 
A 1 TYR A 43 ? ASP A 45 ? TYR A 43 ASP A 45 
A 2 HIS A 50 ? PHE A 53 ? HIS A 50 PHE A 53 
A 3 TRP A 14 ? THR A 19 ? TRP A 14 THR A 19 
A 4 ASN A 71 ? SER A 76 ? ASN A 71 SER A 76 
B 1 VAL B 7  ? ASP B 13 ? VAL B 7  ASP B 13 
B 2 ALA B 70 ? PRO B 76 ? ALA B 70 PRO B 76 
C 1 TYR B 38 ? TYR B 39 ? TYR B 38 TYR B 39 
C 2 CYS B 46 ? ARG B 47 ? CYS B 46 ARG B 47 
# 
loop_
_pdbx_struct_sheet_hbond.sheet_id 
_pdbx_struct_sheet_hbond.range_id_1 
_pdbx_struct_sheet_hbond.range_id_2 
_pdbx_struct_sheet_hbond.range_1_label_atom_id 
_pdbx_struct_sheet_hbond.range_1_label_comp_id 
_pdbx_struct_sheet_hbond.range_1_label_asym_id 
_pdbx_struct_sheet_hbond.range_1_label_seq_id 
_pdbx_struct_sheet_hbond.range_1_PDB_ins_code 
_pdbx_struct_sheet_hbond.range_1_auth_atom_id 
_pdbx_struct_sheet_hbond.range_1_auth_comp_id 
_pdbx_struct_sheet_hbond.range_1_auth_asym_id 
_pdbx_struct_sheet_hbond.range_1_auth_seq_id 
_pdbx_struct_sheet_hbond.range_2_label_atom_id 
_pdbx_struct_sheet_hbond.range_2_label_comp_id 
_pdbx_struct_sheet_hbond.range_2_label_asym_id 
_pdbx_struct_sheet_hbond.range_2_label_seq_id 
_pdbx_struct_sheet_hbond.range_2_PDB_ins_code 
_pdbx_struct_sheet_hbond.range_2_auth_atom_id 
_pdbx_struct_sheet_hbond.range_2_auth_comp_id 
_pdbx_struct_sheet_hbond.range_2_auth_asym_id 
_pdbx_struct_sheet_hbond.range_2_auth_seq_id 
A 1 2 N TYR A 43 ? N TYR A 43 O LEU A 52 ? O LEU A 52 
A 2 3 O CYS A 51 ? O CYS A 51 N CYS A 16 ? N CYS A 16 
A 3 4 N THR A 19 ? N THR A 19 O ASN A 71 ? O ASN A 71 
B 1 2 N MET B 8  ? N MET B 8  O GLN B 75 ? O GLN B 75 
C 1 2 N TYR B 38 ? N TYR B 38 O ARG B 47 ? O ARG B 47 
# 
_pdbx_entry_details.entry_id                   4GVB 
_pdbx_entry_details.compound_details           ? 
_pdbx_entry_details.source_details             ? 
_pdbx_entry_details.nonpolymer_details         ? 
_pdbx_entry_details.sequence_details           ? 
_pdbx_entry_details.has_ligand_of_interest     ? 
_pdbx_entry_details.has_protein_modification   Y 
# 
loop_
_pdbx_validate_close_contact.id 
_pdbx_validate_close_contact.PDB_model_num 
_pdbx_validate_close_contact.auth_atom_id_1 
_pdbx_validate_close_contact.auth_asym_id_1 
_pdbx_validate_close_contact.auth_comp_id_1 
_pdbx_validate_close_contact.auth_seq_id_1 
_pdbx_validate_close_contact.PDB_ins_code_1 
_pdbx_validate_close_contact.label_alt_id_1 
_pdbx_validate_close_contact.auth_atom_id_2 
_pdbx_validate_close_contact.auth_asym_id_2 
_pdbx_validate_close_contact.auth_comp_id_2 
_pdbx_validate_close_contact.auth_seq_id_2 
_pdbx_validate_close_contact.PDB_ins_code_2 
_pdbx_validate_close_contact.label_alt_id_2 
_pdbx_validate_close_contact.dist 
1 1 O   B HOH 115 ? ? O B HOH 118 ? ? 1.97 
2 1 O   A HOH 113 ? ? O A HOH 141 ? ? 2.04 
3 1 O   B THR 15  ? ? O B HOH 132 ? ? 2.08 
4 1 O   B HOH 108 ? ? O B HOH 112 ? ? 2.12 
5 1 NH1 B ARG 66  ? ? O B HOH 152 ? ? 2.16 
6 1 O   B HOH 132 ? ? O B HOH 143 ? ? 2.18 
7 1 O   B HOH 122 ? ? O B HOH 124 ? ? 2.18 
8 1 OE1 B GLU 41  ? ? O B HOH 138 ? ? 2.18 
# 
loop_
_pdbx_validate_torsion.id 
_pdbx_validate_torsion.PDB_model_num 
_pdbx_validate_torsion.auth_comp_id 
_pdbx_validate_torsion.auth_asym_id 
_pdbx_validate_torsion.auth_seq_id 
_pdbx_validate_torsion.PDB_ins_code 
_pdbx_validate_torsion.label_alt_id 
_pdbx_validate_torsion.phi 
_pdbx_validate_torsion.psi 
1 1 PHE A 8  ? ? -142.87 -5.98   
2 1 LYS A 41 ? ? 81.27   -2.74   
3 1 THR B 15 ? ? -125.61 -131.99 
4 1 ASN B 16 ? ? -31.69  92.57   
5 1 ASP B 53 ? ? -105.75 51.60   
# 
loop_
_pdbx_struct_special_symmetry.id 
_pdbx_struct_special_symmetry.PDB_model_num 
_pdbx_struct_special_symmetry.auth_asym_id 
_pdbx_struct_special_symmetry.auth_comp_id 
_pdbx_struct_special_symmetry.auth_seq_id 
_pdbx_struct_special_symmetry.PDB_ins_code 
_pdbx_struct_special_symmetry.label_asym_id 
_pdbx_struct_special_symmetry.label_comp_id 
_pdbx_struct_special_symmetry.label_seq_id 
1 1 B HOH 101 ? D HOH . 
2 1 B HOH 131 ? D HOH . 
# 
loop_
_pdbx_unobs_or_zero_occ_residues.id 
_pdbx_unobs_or_zero_occ_residues.PDB_model_num 
_pdbx_unobs_or_zero_occ_residues.polymer_flag 
_pdbx_unobs_or_zero_occ_residues.occupancy_flag 
_pdbx_unobs_or_zero_occ_residues.auth_asym_id 
_pdbx_unobs_or_zero_occ_residues.auth_comp_id 
_pdbx_unobs_or_zero_occ_residues.auth_seq_id 
_pdbx_unobs_or_zero_occ_residues.PDB_ins_code 
_pdbx_unobs_or_zero_occ_residues.label_asym_id 
_pdbx_unobs_or_zero_occ_residues.label_comp_id 
_pdbx_unobs_or_zero_occ_residues.label_seq_id 
1  1 Y 1 A SER 78 ? A SER 78 
2  1 Y 1 A LYS 79 ? A LYS 79 
3  1 Y 1 A ARG 80 ? A ARG 80 
4  1 Y 1 B GLY 1  ? B GLY 1  
5  1 Y 1 B LYS 2  ? B LYS 2  
6  1 Y 1 B ARG 3  ? B ARG 3  
7  1 Y 1 B ILE 31 ? B ILE 31 
8  1 Y 1 B ASP 32 ? B ASP 32 
9  1 Y 1 B SER 33 ? B SER 33 
10 1 Y 1 B PHE 34 ? B PHE 34 
# 
loop_
_chem_comp_atom.comp_id 
_chem_comp_atom.atom_id 
_chem_comp_atom.type_symbol 
_chem_comp_atom.pdbx_aromatic_flag 
_chem_comp_atom.pdbx_stereo_config 
_chem_comp_atom.pdbx_ordinal 
ALA N    N N N 1   
ALA CA   C N S 2   
ALA C    C N N 3   
ALA O    O N N 4   
ALA CB   C N N 5   
ALA OXT  O N N 6   
ALA H    H N N 7   
ALA H2   H N N 8   
ALA HA   H N N 9   
ALA HB1  H N N 10  
ALA HB2  H N N 11  
ALA HB3  H N N 12  
ALA HXT  H N N 13  
ARG N    N N N 14  
ARG CA   C N S 15  
ARG C    C N N 16  
ARG O    O N N 17  
ARG CB   C N N 18  
ARG CG   C N N 19  
ARG CD   C N N 20  
ARG NE   N N N 21  
ARG CZ   C N N 22  
ARG NH1  N N N 23  
ARG NH2  N N N 24  
ARG OXT  O N N 25  
ARG H    H N N 26  
ARG H2   H N N 27  
ARG HA   H N N 28  
ARG HB2  H N N 29  
ARG HB3  H N N 30  
ARG HG2  H N N 31  
ARG HG3  H N N 32  
ARG HD2  H N N 33  
ARG HD3  H N N 34  
ARG HE   H N N 35  
ARG HH11 H N N 36  
ARG HH12 H N N 37  
ARG HH21 H N N 38  
ARG HH22 H N N 39  
ARG HXT  H N N 40  
ASN N    N N N 41  
ASN CA   C N S 42  
ASN C    C N N 43  
ASN O    O N N 44  
ASN CB   C N N 45  
ASN CG   C N N 46  
ASN OD1  O N N 47  
ASN ND2  N N N 48  
ASN OXT  O N N 49  
ASN H    H N N 50  
ASN H2   H N N 51  
ASN HA   H N N 52  
ASN HB2  H N N 53  
ASN HB3  H N N 54  
ASN HD21 H N N 55  
ASN HD22 H N N 56  
ASN HXT  H N N 57  
ASP N    N N N 58  
ASP CA   C N S 59  
ASP C    C N N 60  
ASP O    O N N 61  
ASP CB   C N N 62  
ASP CG   C N N 63  
ASP OD1  O N N 64  
ASP OD2  O N N 65  
ASP OXT  O N N 66  
ASP H    H N N 67  
ASP H2   H N N 68  
ASP HA   H N N 69  
ASP HB2  H N N 70  
ASP HB3  H N N 71  
ASP HD2  H N N 72  
ASP HXT  H N N 73  
CYS N    N N N 74  
CYS CA   C N R 75  
CYS C    C N N 76  
CYS O    O N N 77  
CYS CB   C N N 78  
CYS SG   S N N 79  
CYS OXT  O N N 80  
CYS H    H N N 81  
CYS H2   H N N 82  
CYS HA   H N N 83  
CYS HB2  H N N 84  
CYS HB3  H N N 85  
CYS HG   H N N 86  
CYS HXT  H N N 87  
GLN N    N N N 88  
GLN CA   C N S 89  
GLN C    C N N 90  
GLN O    O N N 91  
GLN CB   C N N 92  
GLN CG   C N N 93  
GLN CD   C N N 94  
GLN OE1  O N N 95  
GLN NE2  N N N 96  
GLN OXT  O N N 97  
GLN H    H N N 98  
GLN H2   H N N 99  
GLN HA   H N N 100 
GLN HB2  H N N 101 
GLN HB3  H N N 102 
GLN HG2  H N N 103 
GLN HG3  H N N 104 
GLN HE21 H N N 105 
GLN HE22 H N N 106 
GLN HXT  H N N 107 
GLU N    N N N 108 
GLU CA   C N S 109 
GLU C    C N N 110 
GLU O    O N N 111 
GLU CB   C N N 112 
GLU CG   C N N 113 
GLU CD   C N N 114 
GLU OE1  O N N 115 
GLU OE2  O N N 116 
GLU OXT  O N N 117 
GLU H    H N N 118 
GLU H2   H N N 119 
GLU HA   H N N 120 
GLU HB2  H N N 121 
GLU HB3  H N N 122 
GLU HG2  H N N 123 
GLU HG3  H N N 124 
GLU HE2  H N N 125 
GLU HXT  H N N 126 
GLY N    N N N 127 
GLY CA   C N N 128 
GLY C    C N N 129 
GLY O    O N N 130 
GLY OXT  O N N 131 
GLY H    H N N 132 
GLY H2   H N N 133 
GLY HA2  H N N 134 
GLY HA3  H N N 135 
GLY HXT  H N N 136 
HIS N    N N N 137 
HIS CA   C N S 138 
HIS C    C N N 139 
HIS O    O N N 140 
HIS CB   C N N 141 
HIS CG   C Y N 142 
HIS ND1  N Y N 143 
HIS CD2  C Y N 144 
HIS CE1  C Y N 145 
HIS NE2  N Y N 146 
HIS OXT  O N N 147 
HIS H    H N N 148 
HIS H2   H N N 149 
HIS HA   H N N 150 
HIS HB2  H N N 151 
HIS HB3  H N N 152 
HIS HD1  H N N 153 
HIS HD2  H N N 154 
HIS HE1  H N N 155 
HIS HE2  H N N 156 
HIS HXT  H N N 157 
HOH O    O N N 158 
HOH H1   H N N 159 
HOH H2   H N N 160 
ILE N    N N N 161 
ILE CA   C N S 162 
ILE C    C N N 163 
ILE O    O N N 164 
ILE CB   C N S 165 
ILE CG1  C N N 166 
ILE CG2  C N N 167 
ILE CD1  C N N 168 
ILE OXT  O N N 169 
ILE H    H N N 170 
ILE H2   H N N 171 
ILE HA   H N N 172 
ILE HB   H N N 173 
ILE HG12 H N N 174 
ILE HG13 H N N 175 
ILE HG21 H N N 176 
ILE HG22 H N N 177 
ILE HG23 H N N 178 
ILE HD11 H N N 179 
ILE HD12 H N N 180 
ILE HD13 H N N 181 
ILE HXT  H N N 182 
LEU N    N N N 183 
LEU CA   C N S 184 
LEU C    C N N 185 
LEU O    O N N 186 
LEU CB   C N N 187 
LEU CG   C N N 188 
LEU CD1  C N N 189 
LEU CD2  C N N 190 
LEU OXT  O N N 191 
LEU H    H N N 192 
LEU H2   H N N 193 
LEU HA   H N N 194 
LEU HB2  H N N 195 
LEU HB3  H N N 196 
LEU HG   H N N 197 
LEU HD11 H N N 198 
LEU HD12 H N N 199 
LEU HD13 H N N 200 
LEU HD21 H N N 201 
LEU HD22 H N N 202 
LEU HD23 H N N 203 
LEU HXT  H N N 204 
LYS N    N N N 205 
LYS CA   C N S 206 
LYS C    C N N 207 
LYS O    O N N 208 
LYS CB   C N N 209 
LYS CG   C N N 210 
LYS CD   C N N 211 
LYS CE   C N N 212 
LYS NZ   N N N 213 
LYS OXT  O N N 214 
LYS H    H N N 215 
LYS H2   H N N 216 
LYS HA   H N N 217 
LYS HB2  H N N 218 
LYS HB3  H N N 219 
LYS HG2  H N N 220 
LYS HG3  H N N 221 
LYS HD2  H N N 222 
LYS HD3  H N N 223 
LYS HE2  H N N 224 
LYS HE3  H N N 225 
LYS HZ1  H N N 226 
LYS HZ2  H N N 227 
LYS HZ3  H N N 228 
LYS HXT  H N N 229 
MET N    N N N 230 
MET CA   C N S 231 
MET C    C N N 232 
MET O    O N N 233 
MET CB   C N N 234 
MET CG   C N N 235 
MET SD   S N N 236 
MET CE   C N N 237 
MET OXT  O N N 238 
MET H    H N N 239 
MET H2   H N N 240 
MET HA   H N N 241 
MET HB2  H N N 242 
MET HB3  H N N 243 
MET HG2  H N N 244 
MET HG3  H N N 245 
MET HE1  H N N 246 
MET HE2  H N N 247 
MET HE3  H N N 248 
MET HXT  H N N 249 
PHE N    N N N 250 
PHE CA   C N S 251 
PHE C    C N N 252 
PHE O    O N N 253 
PHE CB   C N N 254 
PHE CG   C Y N 255 
PHE CD1  C Y N 256 
PHE CD2  C Y N 257 
PHE CE1  C Y N 258 
PHE CE2  C Y N 259 
PHE CZ   C Y N 260 
PHE OXT  O N N 261 
PHE H    H N N 262 
PHE H2   H N N 263 
PHE HA   H N N 264 
PHE HB2  H N N 265 
PHE HB3  H N N 266 
PHE HD1  H N N 267 
PHE HD2  H N N 268 
PHE HE1  H N N 269 
PHE HE2  H N N 270 
PHE HZ   H N N 271 
PHE HXT  H N N 272 
PRO N    N N N 273 
PRO CA   C N S 274 
PRO C    C N N 275 
PRO O    O N N 276 
PRO CB   C N N 277 
PRO CG   C N N 278 
PRO CD   C N N 279 
PRO OXT  O N N 280 
PRO H    H N N 281 
PRO HA   H N N 282 
PRO HB2  H N N 283 
PRO HB3  H N N 284 
PRO HG2  H N N 285 
PRO HG3  H N N 286 
PRO HD2  H N N 287 
PRO HD3  H N N 288 
PRO HXT  H N N 289 
SER N    N N N 290 
SER CA   C N S 291 
SER C    C N N 292 
SER O    O N N 293 
SER CB   C N N 294 
SER OG   O N N 295 
SER OXT  O N N 296 
SER H    H N N 297 
SER H2   H N N 298 
SER HA   H N N 299 
SER HB2  H N N 300 
SER HB3  H N N 301 
SER HG   H N N 302 
SER HXT  H N N 303 
THR N    N N N 304 
THR CA   C N S 305 
THR C    C N N 306 
THR O    O N N 307 
THR CB   C N R 308 
THR OG1  O N N 309 
THR CG2  C N N 310 
THR OXT  O N N 311 
THR H    H N N 312 
THR H2   H N N 313 
THR HA   H N N 314 
THR HB   H N N 315 
THR HG1  H N N 316 
THR HG21 H N N 317 
THR HG22 H N N 318 
THR HG23 H N N 319 
THR HXT  H N N 320 
TRP N    N N N 321 
TRP CA   C N S 322 
TRP C    C N N 323 
TRP O    O N N 324 
TRP CB   C N N 325 
TRP CG   C Y N 326 
TRP CD1  C Y N 327 
TRP CD2  C Y N 328 
TRP NE1  N Y N 329 
TRP CE2  C Y N 330 
TRP CE3  C Y N 331 
TRP CZ2  C Y N 332 
TRP CZ3  C Y N 333 
TRP CH2  C Y N 334 
TRP OXT  O N N 335 
TRP H    H N N 336 
TRP H2   H N N 337 
TRP HA   H N N 338 
TRP HB2  H N N 339 
TRP HB3  H N N 340 
TRP HD1  H N N 341 
TRP HE1  H N N 342 
TRP HE3  H N N 343 
TRP HZ2  H N N 344 
TRP HZ3  H N N 345 
TRP HH2  H N N 346 
TRP HXT  H N N 347 
TYR N    N N N 348 
TYR CA   C N S 349 
TYR C    C N N 350 
TYR O    O N N 351 
TYR CB   C N N 352 
TYR CG   C Y N 353 
TYR CD1  C Y N 354 
TYR CD2  C Y N 355 
TYR CE1  C Y N 356 
TYR CE2  C Y N 357 
TYR CZ   C Y N 358 
TYR OH   O N N 359 
TYR OXT  O N N 360 
TYR H    H N N 361 
TYR H2   H N N 362 
TYR HA   H N N 363 
TYR HB2  H N N 364 
TYR HB3  H N N 365 
TYR HD1  H N N 366 
TYR HD2  H N N 367 
TYR HE1  H N N 368 
TYR HE2  H N N 369 
TYR HH   H N N 370 
TYR HXT  H N N 371 
VAL N    N N N 372 
VAL CA   C N S 373 
VAL C    C N N 374 
VAL O    O N N 375 
VAL CB   C N N 376 
VAL CG1  C N N 377 
VAL CG2  C N N 378 
VAL OXT  O N N 379 
VAL H    H N N 380 
VAL H2   H N N 381 
VAL HA   H N N 382 
VAL HB   H N N 383 
VAL HG11 H N N 384 
VAL HG12 H N N 385 
VAL HG13 H N N 386 
VAL HG21 H N N 387 
VAL HG22 H N N 388 
VAL HG23 H N N 389 
VAL HXT  H N N 390 
# 
loop_
_chem_comp_bond.comp_id 
_chem_comp_bond.atom_id_1 
_chem_comp_bond.atom_id_2 
_chem_comp_bond.value_order 
_chem_comp_bond.pdbx_aromatic_flag 
_chem_comp_bond.pdbx_stereo_config 
_chem_comp_bond.pdbx_ordinal 
ALA N   CA   sing N N 1   
ALA N   H    sing N N 2   
ALA N   H2   sing N N 3   
ALA CA  C    sing N N 4   
ALA CA  CB   sing N N 5   
ALA CA  HA   sing N N 6   
ALA C   O    doub N N 7   
ALA C   OXT  sing N N 8   
ALA CB  HB1  sing N N 9   
ALA CB  HB2  sing N N 10  
ALA CB  HB3  sing N N 11  
ALA OXT HXT  sing N N 12  
ARG N   CA   sing N N 13  
ARG N   H    sing N N 14  
ARG N   H2   sing N N 15  
ARG CA  C    sing N N 16  
ARG CA  CB   sing N N 17  
ARG CA  HA   sing N N 18  
ARG C   O    doub N N 19  
ARG C   OXT  sing N N 20  
ARG CB  CG   sing N N 21  
ARG CB  HB2  sing N N 22  
ARG CB  HB3  sing N N 23  
ARG CG  CD   sing N N 24  
ARG CG  HG2  sing N N 25  
ARG CG  HG3  sing N N 26  
ARG CD  NE   sing N N 27  
ARG CD  HD2  sing N N 28  
ARG CD  HD3  sing N N 29  
ARG NE  CZ   sing N N 30  
ARG NE  HE   sing N N 31  
ARG CZ  NH1  sing N N 32  
ARG CZ  NH2  doub N N 33  
ARG NH1 HH11 sing N N 34  
ARG NH1 HH12 sing N N 35  
ARG NH2 HH21 sing N N 36  
ARG NH2 HH22 sing N N 37  
ARG OXT HXT  sing N N 38  
ASN N   CA   sing N N 39  
ASN N   H    sing N N 40  
ASN N   H2   sing N N 41  
ASN CA  C    sing N N 42  
ASN CA  CB   sing N N 43  
ASN CA  HA   sing N N 44  
ASN C   O    doub N N 45  
ASN C   OXT  sing N N 46  
ASN CB  CG   sing N N 47  
ASN CB  HB2  sing N N 48  
ASN CB  HB3  sing N N 49  
ASN CG  OD1  doub N N 50  
ASN CG  ND2  sing N N 51  
ASN ND2 HD21 sing N N 52  
ASN ND2 HD22 sing N N 53  
ASN OXT HXT  sing N N 54  
ASP N   CA   sing N N 55  
ASP N   H    sing N N 56  
ASP N   H2   sing N N 57  
ASP CA  C    sing N N 58  
ASP CA  CB   sing N N 59  
ASP CA  HA   sing N N 60  
ASP C   O    doub N N 61  
ASP C   OXT  sing N N 62  
ASP CB  CG   sing N N 63  
ASP CB  HB2  sing N N 64  
ASP CB  HB3  sing N N 65  
ASP CG  OD1  doub N N 66  
ASP CG  OD2  sing N N 67  
ASP OD2 HD2  sing N N 68  
ASP OXT HXT  sing N N 69  
CYS N   CA   sing N N 70  
CYS N   H    sing N N 71  
CYS N   H2   sing N N 72  
CYS CA  C    sing N N 73  
CYS CA  CB   sing N N 74  
CYS CA  HA   sing N N 75  
CYS C   O    doub N N 76  
CYS C   OXT  sing N N 77  
CYS CB  SG   sing N N 78  
CYS CB  HB2  sing N N 79  
CYS CB  HB3  sing N N 80  
CYS SG  HG   sing N N 81  
CYS OXT HXT  sing N N 82  
GLN N   CA   sing N N 83  
GLN N   H    sing N N 84  
GLN N   H2   sing N N 85  
GLN CA  C    sing N N 86  
GLN CA  CB   sing N N 87  
GLN CA  HA   sing N N 88  
GLN C   O    doub N N 89  
GLN C   OXT  sing N N 90  
GLN CB  CG   sing N N 91  
GLN CB  HB2  sing N N 92  
GLN CB  HB3  sing N N 93  
GLN CG  CD   sing N N 94  
GLN CG  HG2  sing N N 95  
GLN CG  HG3  sing N N 96  
GLN CD  OE1  doub N N 97  
GLN CD  NE2  sing N N 98  
GLN NE2 HE21 sing N N 99  
GLN NE2 HE22 sing N N 100 
GLN OXT HXT  sing N N 101 
GLU N   CA   sing N N 102 
GLU N   H    sing N N 103 
GLU N   H2   sing N N 104 
GLU CA  C    sing N N 105 
GLU CA  CB   sing N N 106 
GLU CA  HA   sing N N 107 
GLU C   O    doub N N 108 
GLU C   OXT  sing N N 109 
GLU CB  CG   sing N N 110 
GLU CB  HB2  sing N N 111 
GLU CB  HB3  sing N N 112 
GLU CG  CD   sing N N 113 
GLU CG  HG2  sing N N 114 
GLU CG  HG3  sing N N 115 
GLU CD  OE1  doub N N 116 
GLU CD  OE2  sing N N 117 
GLU OE2 HE2  sing N N 118 
GLU OXT HXT  sing N N 119 
GLY N   CA   sing N N 120 
GLY N   H    sing N N 121 
GLY N   H2   sing N N 122 
GLY CA  C    sing N N 123 
GLY CA  HA2  sing N N 124 
GLY CA  HA3  sing N N 125 
GLY C   O    doub N N 126 
GLY C   OXT  sing N N 127 
GLY OXT HXT  sing N N 128 
HIS N   CA   sing N N 129 
HIS N   H    sing N N 130 
HIS N   H2   sing N N 131 
HIS CA  C    sing N N 132 
HIS CA  CB   sing N N 133 
HIS CA  HA   sing N N 134 
HIS C   O    doub N N 135 
HIS C   OXT  sing N N 136 
HIS CB  CG   sing N N 137 
HIS CB  HB2  sing N N 138 
HIS CB  HB3  sing N N 139 
HIS CG  ND1  sing Y N 140 
HIS CG  CD2  doub Y N 141 
HIS ND1 CE1  doub Y N 142 
HIS ND1 HD1  sing N N 143 
HIS CD2 NE2  sing Y N 144 
HIS CD2 HD2  sing N N 145 
HIS CE1 NE2  sing Y N 146 
HIS CE1 HE1  sing N N 147 
HIS NE2 HE2  sing N N 148 
HIS OXT HXT  sing N N 149 
HOH O   H1   sing N N 150 
HOH O   H2   sing N N 151 
ILE N   CA   sing N N 152 
ILE N   H    sing N N 153 
ILE N   H2   sing N N 154 
ILE CA  C    sing N N 155 
ILE CA  CB   sing N N 156 
ILE CA  HA   sing N N 157 
ILE C   O    doub N N 158 
ILE C   OXT  sing N N 159 
ILE CB  CG1  sing N N 160 
ILE CB  CG2  sing N N 161 
ILE CB  HB   sing N N 162 
ILE CG1 CD1  sing N N 163 
ILE CG1 HG12 sing N N 164 
ILE CG1 HG13 sing N N 165 
ILE CG2 HG21 sing N N 166 
ILE CG2 HG22 sing N N 167 
ILE CG2 HG23 sing N N 168 
ILE CD1 HD11 sing N N 169 
ILE CD1 HD12 sing N N 170 
ILE CD1 HD13 sing N N 171 
ILE OXT HXT  sing N N 172 
LEU N   CA   sing N N 173 
LEU N   H    sing N N 174 
LEU N   H2   sing N N 175 
LEU CA  C    sing N N 176 
LEU CA  CB   sing N N 177 
LEU CA  HA   sing N N 178 
LEU C   O    doub N N 179 
LEU C   OXT  sing N N 180 
LEU CB  CG   sing N N 181 
LEU CB  HB2  sing N N 182 
LEU CB  HB3  sing N N 183 
LEU CG  CD1  sing N N 184 
LEU CG  CD2  sing N N 185 
LEU CG  HG   sing N N 186 
LEU CD1 HD11 sing N N 187 
LEU CD1 HD12 sing N N 188 
LEU CD1 HD13 sing N N 189 
LEU CD2 HD21 sing N N 190 
LEU CD2 HD22 sing N N 191 
LEU CD2 HD23 sing N N 192 
LEU OXT HXT  sing N N 193 
LYS N   CA   sing N N 194 
LYS N   H    sing N N 195 
LYS N   H2   sing N N 196 
LYS CA  C    sing N N 197 
LYS CA  CB   sing N N 198 
LYS CA  HA   sing N N 199 
LYS C   O    doub N N 200 
LYS C   OXT  sing N N 201 
LYS CB  CG   sing N N 202 
LYS CB  HB2  sing N N 203 
LYS CB  HB3  sing N N 204 
LYS CG  CD   sing N N 205 
LYS CG  HG2  sing N N 206 
LYS CG  HG3  sing N N 207 
LYS CD  CE   sing N N 208 
LYS CD  HD2  sing N N 209 
LYS CD  HD3  sing N N 210 
LYS CE  NZ   sing N N 211 
LYS CE  HE2  sing N N 212 
LYS CE  HE3  sing N N 213 
LYS NZ  HZ1  sing N N 214 
LYS NZ  HZ2  sing N N 215 
LYS NZ  HZ3  sing N N 216 
LYS OXT HXT  sing N N 217 
MET N   CA   sing N N 218 
MET N   H    sing N N 219 
MET N   H2   sing N N 220 
MET CA  C    sing N N 221 
MET CA  CB   sing N N 222 
MET CA  HA   sing N N 223 
MET C   O    doub N N 224 
MET C   OXT  sing N N 225 
MET CB  CG   sing N N 226 
MET CB  HB2  sing N N 227 
MET CB  HB3  sing N N 228 
MET CG  SD   sing N N 229 
MET CG  HG2  sing N N 230 
MET CG  HG3  sing N N 231 
MET SD  CE   sing N N 232 
MET CE  HE1  sing N N 233 
MET CE  HE2  sing N N 234 
MET CE  HE3  sing N N 235 
MET OXT HXT  sing N N 236 
PHE N   CA   sing N N 237 
PHE N   H    sing N N 238 
PHE N   H2   sing N N 239 
PHE CA  C    sing N N 240 
PHE CA  CB   sing N N 241 
PHE CA  HA   sing N N 242 
PHE C   O    doub N N 243 
PHE C   OXT  sing N N 244 
PHE CB  CG   sing N N 245 
PHE CB  HB2  sing N N 246 
PHE CB  HB3  sing N N 247 
PHE CG  CD1  doub Y N 248 
PHE CG  CD2  sing Y N 249 
PHE CD1 CE1  sing Y N 250 
PHE CD1 HD1  sing N N 251 
PHE CD2 CE2  doub Y N 252 
PHE CD2 HD2  sing N N 253 
PHE CE1 CZ   doub Y N 254 
PHE CE1 HE1  sing N N 255 
PHE CE2 CZ   sing Y N 256 
PHE CE2 HE2  sing N N 257 
PHE CZ  HZ   sing N N 258 
PHE OXT HXT  sing N N 259 
PRO N   CA   sing N N 260 
PRO N   CD   sing N N 261 
PRO N   H    sing N N 262 
PRO CA  C    sing N N 263 
PRO CA  CB   sing N N 264 
PRO CA  HA   sing N N 265 
PRO C   O    doub N N 266 
PRO C   OXT  sing N N 267 
PRO CB  CG   sing N N 268 
PRO CB  HB2  sing N N 269 
PRO CB  HB3  sing N N 270 
PRO CG  CD   sing N N 271 
PRO CG  HG2  sing N N 272 
PRO CG  HG3  sing N N 273 
PRO CD  HD2  sing N N 274 
PRO CD  HD3  sing N N 275 
PRO OXT HXT  sing N N 276 
SER N   CA   sing N N 277 
SER N   H    sing N N 278 
SER N   H2   sing N N 279 
SER CA  C    sing N N 280 
SER CA  CB   sing N N 281 
SER CA  HA   sing N N 282 
SER C   O    doub N N 283 
SER C   OXT  sing N N 284 
SER CB  OG   sing N N 285 
SER CB  HB2  sing N N 286 
SER CB  HB3  sing N N 287 
SER OG  HG   sing N N 288 
SER OXT HXT  sing N N 289 
THR N   CA   sing N N 290 
THR N   H    sing N N 291 
THR N   H2   sing N N 292 
THR CA  C    sing N N 293 
THR CA  CB   sing N N 294 
THR CA  HA   sing N N 295 
THR C   O    doub N N 296 
THR C   OXT  sing N N 297 
THR CB  OG1  sing N N 298 
THR CB  CG2  sing N N 299 
THR CB  HB   sing N N 300 
THR OG1 HG1  sing N N 301 
THR CG2 HG21 sing N N 302 
THR CG2 HG22 sing N N 303 
THR CG2 HG23 sing N N 304 
THR OXT HXT  sing N N 305 
TRP N   CA   sing N N 306 
TRP N   H    sing N N 307 
TRP N   H2   sing N N 308 
TRP CA  C    sing N N 309 
TRP CA  CB   sing N N 310 
TRP CA  HA   sing N N 311 
TRP C   O    doub N N 312 
TRP C   OXT  sing N N 313 
TRP CB  CG   sing N N 314 
TRP CB  HB2  sing N N 315 
TRP CB  HB3  sing N N 316 
TRP CG  CD1  doub Y N 317 
TRP CG  CD2  sing Y N 318 
TRP CD1 NE1  sing Y N 319 
TRP CD1 HD1  sing N N 320 
TRP CD2 CE2  doub Y N 321 
TRP CD2 CE3  sing Y N 322 
TRP NE1 CE2  sing Y N 323 
TRP NE1 HE1  sing N N 324 
TRP CE2 CZ2  sing Y N 325 
TRP CE3 CZ3  doub Y N 326 
TRP CE3 HE3  sing N N 327 
TRP CZ2 CH2  doub Y N 328 
TRP CZ2 HZ2  sing N N 329 
TRP CZ3 CH2  sing Y N 330 
TRP CZ3 HZ3  sing N N 331 
TRP CH2 HH2  sing N N 332 
TRP OXT HXT  sing N N 333 
TYR N   CA   sing N N 334 
TYR N   H    sing N N 335 
TYR N   H2   sing N N 336 
TYR CA  C    sing N N 337 
TYR CA  CB   sing N N 338 
TYR CA  HA   sing N N 339 
TYR C   O    doub N N 340 
TYR C   OXT  sing N N 341 
TYR CB  CG   sing N N 342 
TYR CB  HB2  sing N N 343 
TYR CB  HB3  sing N N 344 
TYR CG  CD1  doub Y N 345 
TYR CG  CD2  sing Y N 346 
TYR CD1 CE1  sing Y N 347 
TYR CD1 HD1  sing N N 348 
TYR CD2 CE2  doub Y N 349 
TYR CD2 HD2  sing N N 350 
TYR CE1 CZ   doub Y N 351 
TYR CE1 HE1  sing N N 352 
TYR CE2 CZ   sing Y N 353 
TYR CE2 HE2  sing N N 354 
TYR CZ  OH   sing N N 355 
TYR OH  HH   sing N N 356 
TYR OXT HXT  sing N N 357 
VAL N   CA   sing N N 358 
VAL N   H    sing N N 359 
VAL N   H2   sing N N 360 
VAL CA  C    sing N N 361 
VAL CA  CB   sing N N 362 
VAL CA  HA   sing N N 363 
VAL C   O    doub N N 364 
VAL C   OXT  sing N N 365 
VAL CB  CG1  sing N N 366 
VAL CB  CG2  sing N N 367 
VAL CB  HB   sing N N 368 
VAL CG1 HG11 sing N N 369 
VAL CG1 HG12 sing N N 370 
VAL CG1 HG13 sing N N 371 
VAL CG2 HG21 sing N N 372 
VAL CG2 HG22 sing N N 373 
VAL CG2 HG23 sing N N 374 
VAL OXT HXT  sing N N 375 
# 
_atom_sites.entry_id                    4GVB 
_atom_sites.fract_transf_matrix[1][1]   -0.01468577 
_atom_sites.fract_transf_matrix[1][2]   -0.00575485 
_atom_sites.fract_transf_matrix[1][3]   -0.02066381 
_atom_sites.fract_transf_matrix[2][1]   0.00898922 
_atom_sites.fract_transf_matrix[2][2]   0.00445637 
_atom_sites.fract_transf_matrix[2][3]   -0.02398180 
_atom_sites.fract_transf_matrix[3][1]   0.00252606 
_atom_sites.fract_transf_matrix[3][2]   -0.00590567 
_atom_sites.fract_transf_matrix[3][3]   -0.00015055 
_atom_sites.fract_transf_vector[1]      -0.033076 
_atom_sites.fract_transf_vector[2]      0.641483 
_atom_sites.fract_transf_vector[3]      0.082243 
# 
loop_
_atom_type.symbol 
C 
N 
O 
S 
# 
loop_
_atom_site.group_PDB 
_atom_site.id 
_atom_site.type_symbol 
_atom_site.label_atom_id 
_atom_site.label_alt_id 
_atom_site.label_comp_id 
_atom_site.label_asym_id 
_atom_site.label_entity_id 
_atom_site.label_seq_id 
_atom_site.pdbx_PDB_ins_code 
_atom_site.Cartn_x 
_atom_site.Cartn_y 
_atom_site.Cartn_z 
_atom_site.occupancy 
_atom_site.B_iso_or_equiv 
_atom_site.pdbx_formal_charge 
_atom_site.auth_seq_id 
_atom_site.auth_comp_id 
_atom_site.auth_asym_id 
_atom_site.auth_atom_id 
_atom_site.pdbx_PDB_model_num 
ATOM   1    N N   . ASN A 1 1  ? -16.025 -22.542 0.166   1.00 24.34 ? 1   ASN A N   1 
ATOM   2    C CA  . ASN A 1 1  ? -15.189 -23.513 -0.556  1.00 20.84 ? 1   ASN A CA  1 
ATOM   3    C C   . ASN A 1 1  ? -13.947 -22.858 -1.178  1.00 20.99 ? 1   ASN A C   1 
ATOM   4    O O   . ASN A 1 1  ? -14.058 -21.962 -2.013  1.00 18.14 ? 1   ASN A O   1 
ATOM   5    C CB  . ASN A 1 1  ? -16.017 -24.227 -1.634  1.00 18.73 ? 1   ASN A CB  1 
ATOM   6    C CG  . ASN A 1 1  ? -15.213 -25.247 -2.416  1.00 17.99 ? 1   ASN A CG  1 
ATOM   7    O OD1 . ASN A 1 1  ? -14.307 -24.899 -3.180  1.00 19.32 ? 1   ASN A OD1 1 
ATOM   8    N ND2 . ASN A 1 1  ? -15.558 -26.518 -2.246  1.00 17.91 ? 1   ASN A ND2 1 
ATOM   9    N N   . ASN A 1 2  ? -12.761 -23.309 -0.773  1.00 17.77 ? 2   ASN A N   1 
ATOM   10   C CA  . ASN A 1 2  ? -11.529 -22.644 -1.175  1.00 17.00 ? 2   ASN A CA  1 
ATOM   11   C C   . ASN A 1 2  ? -11.249 -22.751 -2.673  1.00 15.52 ? 2   ASN A C   1 
ATOM   12   O O   . ASN A 1 2  ? -10.728 -21.830 -3.275  1.00 17.81 ? 2   ASN A O   1 
ATOM   13   C CB  . ASN A 1 2  ? -10.342 -23.183 -0.381  1.00 18.52 ? 2   ASN A CB  1 
ATOM   14   C CG  . ASN A 1 2  ? -10.259 -22.612 1.035   1.00 20.21 ? 2   ASN A CG  1 
ATOM   15   O OD1 . ASN A 1 2  ? -10.640 -21.463 1.297   1.00 20.23 ? 2   ASN A OD1 1 
ATOM   16   N ND2 . ASN A 1 2  ? -9.705  -23.399 1.941   1.00 19.13 ? 2   ASN A ND2 1 
ATOM   17   N N   . ALA A 1 3  ? -11.606 -23.878 -3.264  1.00 15.92 ? 3   ALA A N   1 
ATOM   18   C CA  . ALA A 1 3  ? -11.318 -24.140 -4.666  1.00 15.25 ? 3   ALA A CA  1 
ATOM   19   C C   . ALA A 1 3  ? -12.160 -23.263 -5.565  1.00 16.37 ? 3   ALA A C   1 
ATOM   20   O O   . ALA A 1 3  ? -11.642 -22.650 -6.501  1.00 15.07 ? 3   ALA A O   1 
ATOM   21   C CB  . ALA A 1 3  ? -11.565 -25.594 -4.982  1.00 18.36 ? 3   ALA A CB  1 
ATOM   22   N N   . PHE A 1 4  ? -13.460 -23.217 -5.279  1.00 14.91 ? 4   PHE A N   1 
ATOM   23   C CA  . PHE A 1 4  ? -14.374 -22.386 -6.056  1.00 13.86 ? 4   PHE A CA  1 
ATOM   24   C C   . PHE A 1 4  ? -13.998 -20.922 -5.875  1.00 17.14 ? 4   PHE A C   1 
ATOM   25   O O   . PHE A 1 4  ? -14.037 -20.147 -6.820  1.00 19.18 ? 4   PHE A O   1 
ATOM   26   C CB  . PHE A 1 4  ? -15.807 -22.576 -5.590  1.00 19.15 ? 4   PHE A CB  1 
ATOM   27   C CG  . PHE A 1 4  ? -16.324 -23.980 -5.758  1.00 15.97 ? 4   PHE A CG  1 
ATOM   28   C CD1 . PHE A 1 4  ? -15.764 -24.841 -6.673  1.00 15.52 ? 4   PHE A CD1 1 
ATOM   29   C CD2 . PHE A 1 4  ? -17.382 -24.421 -4.993  1.00 20.66 ? 4   PHE A CD2 1 
ATOM   30   C CE1 . PHE A 1 4  ? -16.257 -26.136 -6.829  1.00 15.73 ? 4   PHE A CE1 1 
ATOM   31   C CE2 . PHE A 1 4  ? -17.869 -25.707 -5.133  1.00 19.03 ? 4   PHE A CE2 1 
ATOM   32   C CZ  . PHE A 1 4  ? -17.307 -26.563 -6.044  1.00 17.70 ? 4   PHE A CZ  1 
ATOM   33   N N   . CYS A 1 5  ? -13.677 -20.552 -4.640  1.00 16.26 ? 5   CYS A N   1 
ATOM   34   C CA  . CYS A 1 5  ? -13.383 -19.153 -4.325  1.00 14.64 ? 5   CYS A CA  1 
ATOM   35   C C   . CYS A 1 5  ? -12.062 -18.658 -4.933  1.00 18.22 ? 5   CYS A C   1 
ATOM   36   O O   . CYS A 1 5  ? -12.040 -17.687 -5.689  1.00 20.22 ? 5   CYS A O   1 
ATOM   37   C CB  . CYS A 1 5  ? -13.406 -18.919 -2.820  1.00 15.21 ? 5   CYS A CB  1 
ATOM   38   S SG  . CYS A 1 5  ? -13.145 -17.169 -2.413  1.00 19.29 ? 5   CYS A SG  1 
ATOM   39   N N   . ALA A 1 6  ? -10.960 -19.326 -4.610  1.00 17.39 ? 6   ALA A N   1 
ATOM   40   C CA  . ALA A 1 6  ? -9.662  -18.934 -5.165  1.00 16.47 ? 6   ALA A CA  1 
ATOM   41   C C   . ALA A 1 6  ? -9.638  -19.066 -6.682  1.00 21.55 ? 6   ALA A C   1 
ATOM   42   O O   . ALA A 1 6  ? -8.999  -18.276 -7.392  1.00 19.93 ? 6   ALA A O   1 
ATOM   43   C CB  . ALA A 1 6  ? -8.537  -19.770 -4.513  1.00 20.40 ? 6   ALA A CB  1 
ATOM   44   N N   . GLY A 1 7  ? -10.356 -20.060 -7.190  1.00 16.60 ? 7   GLY A N   1 
ATOM   45   C CA  . GLY A 1 7  ? -10.325 -20.360 -8.606  1.00 19.47 ? 7   GLY A CA  1 
ATOM   46   C C   . GLY A 1 7  ? -11.277 -19.506 -9.418  1.00 21.00 ? 7   GLY A C   1 
ATOM   47   O O   . GLY A 1 7  ? -11.010 -19.247 -10.590 1.00 23.30 ? 7   GLY A O   1 
ATOM   48   N N   . PHE A 1 8  ? -12.373 -19.057 -8.801  1.00 21.37 ? 8   PHE A N   1 
ATOM   49   C CA  . PHE A 1 8  ? -13.466 -18.433 -9.559  1.00 20.45 ? 8   PHE A CA  1 
ATOM   50   C C   . PHE A 1 8  ? -14.133 -17.263 -8.839  1.00 24.26 ? 8   PHE A C   1 
ATOM   51   O O   . PHE A 1 8  ? -15.010 -16.609 -9.394  1.00 24.40 ? 8   PHE A O   1 
ATOM   52   C CB  . PHE A 1 8  ? -14.532 -19.492 -9.908  1.00 19.64 ? 8   PHE A CB  1 
ATOM   53   C CG  . PHE A 1 8  ? -13.984 -20.700 -10.614 1.00 19.58 ? 8   PHE A CG  1 
ATOM   54   C CD1 . PHE A 1 8  ? -13.924 -20.752 -11.997 1.00 22.81 ? 8   PHE A CD1 1 
ATOM   55   C CD2 . PHE A 1 8  ? -13.515 -21.788 -9.894  1.00 18.31 ? 8   PHE A CD2 1 
ATOM   56   C CE1 . PHE A 1 8  ? -13.404 -21.856 -12.639 1.00 22.52 ? 8   PHE A CE1 1 
ATOM   57   C CE2 . PHE A 1 8  ? -12.980 -22.877 -10.532 1.00 17.00 ? 8   PHE A CE2 1 
ATOM   58   C CZ  . PHE A 1 8  ? -12.928 -22.922 -11.905 1.00 23.41 ? 8   PHE A CZ  1 
ATOM   59   N N   . GLY A 1 9  ? -13.752 -17.022 -7.592  1.00 20.49 ? 9   GLY A N   1 
ATOM   60   C CA  . GLY A 1 9  ? -14.425 -16.009 -6.802  1.00 20.36 ? 9   GLY A CA  1 
ATOM   61   C C   . GLY A 1 9  ? -15.869 -16.409 -6.579  1.00 26.06 ? 9   GLY A C   1 
ATOM   62   O O   . GLY A 1 9  ? -16.745 -15.554 -6.464  1.00 25.85 ? 9   GLY A O   1 
ATOM   63   N N   . LEU A 1 10 ? -16.102 -17.721 -6.526  1.00 24.09 ? 10  LEU A N   1 
ATOM   64   C CA  . LEU A 1 10 ? -17.424 -18.278 -6.251  1.00 24.37 ? 10  LEU A CA  1 
ATOM   65   C C   . LEU A 1 10 ? -17.424 -18.977 -4.895  1.00 21.94 ? 10  LEU A C   1 
ATOM   66   O O   . LEU A 1 10 ? -16.430 -19.575 -4.499  1.00 19.10 ? 10  LEU A O   1 
ATOM   67   C CB  . LEU A 1 10 ? -17.834 -19.255 -7.368  1.00 25.42 ? 10  LEU A CB  1 
ATOM   68   C CG  . LEU A 1 10 ? -17.840 -18.710 -8.810  1.00 31.79 ? 10  LEU A CG  1 
ATOM   69   C CD1 . LEU A 1 10 ? -18.181 -19.786 -9.847  1.00 29.10 ? 10  LEU A CD1 1 
ATOM   70   C CD2 . LEU A 1 10 ? -18.776 -17.515 -8.958  1.00 34.37 ? 10  LEU A CD2 1 
ATOM   71   N N   . SER A 1 11 ? -18.542 -18.908 -4.180  1.00 20.90 ? 11  SER A N   1 
ATOM   72   C CA  . SER A 1 11 ? -18.647 -19.540 -2.872  1.00 23.83 ? 11  SER A CA  1 
ATOM   73   C C   . SER A 1 11 ? -17.631 -18.986 -1.878  1.00 23.49 ? 11  SER A C   1 
ATOM   74   O O   . SER A 1 11 ? -17.209 -19.689 -0.973  1.00 22.20 ? 11  SER A O   1 
ATOM   75   C CB  . SER A 1 11 ? -18.485 -21.065 -2.979  1.00 23.71 ? 11  SER A CB  1 
ATOM   76   O OG  . SER A 1 11 ? -19.377 -21.600 -3.949  1.00 27.20 ? 11  SER A OG  1 
ATOM   77   N N   . CYS A 1 12 ? -17.223 -17.738 -2.064  1.00 22.47 ? 12  CYS A N   1 
ATOM   78   C CA  . CYS A 1 12 ? -16.452 -17.059 -1.039  1.00 21.43 ? 12  CYS A CA  1 
ATOM   79   C C   . CYS A 1 12 ? -17.389 -16.690 0.103   1.00 25.62 ? 12  CYS A C   1 
ATOM   80   O O   . CYS A 1 12 ? -18.617 -16.709 -0.055  1.00 22.05 ? 12  CYS A O   1 
ATOM   81   C CB  . CYS A 1 12 ? -15.755 -15.822 -1.604  1.00 19.06 ? 12  CYS A CB  1 
ATOM   82   S SG  . CYS A 1 12 ? -14.789 -16.154 -3.088  1.00 18.37 ? 12  CYS A SG  1 
ATOM   83   N N   . LYS A 1 13 ? -16.816 -16.380 1.259   1.00 20.00 ? 13  LYS A N   1 
ATOM   84   C CA  . LYS A 1 13 ? -17.609 -16.030 2.425   1.00 23.17 ? 13  LYS A CA  1 
ATOM   85   C C   . LYS A 1 13 ? -17.387 -14.586 2.855   1.00 28.69 ? 13  LYS A C   1 
ATOM   86   O O   . LYS A 1 13 ? -18.235 -13.985 3.503   1.00 31.08 ? 13  LYS A O   1 
ATOM   87   C CB  . LYS A 1 13 ? -17.317 -16.997 3.573   1.00 23.18 ? 13  LYS A CB  1 
ATOM   88   C CG  . LYS A 1 13 ? -17.553 -18.446 3.180   1.00 30.17 ? 13  LYS A CG  1 
ATOM   89   C CD  . LYS A 1 13 ? -17.459 -19.393 4.366   1.00 33.92 ? 13  LYS A CD  1 
ATOM   90   C CE  . LYS A 1 13 ? -17.927 -20.788 3.954   1.00 35.78 ? 13  LYS A CE  1 
ATOM   91   N NZ  . LYS A 1 13 ? -18.533 -21.561 5.074   1.00 44.45 ? 13  LYS A NZ  1 
ATOM   92   N N   . TRP A 1 14 ? -16.241 -14.035 2.479   1.00 22.69 ? 14  TRP A N   1 
ATOM   93   C CA  . TRP A 1 14 ? -15.886 -12.682 2.872   1.00 24.32 ? 14  TRP A CA  1 
ATOM   94   C C   . TRP A 1 14 ? -15.353 -11.905 1.678   1.00 24.34 ? 14  TRP A C   1 
ATOM   95   O O   . TRP A 1 14 ? -14.739 -12.479 0.766   1.00 17.89 ? 14  TRP A O   1 
ATOM   96   C CB  . TRP A 1 14 ? -14.838 -12.713 3.980   1.00 26.15 ? 14  TRP A CB  1 
ATOM   97   C CG  . TRP A 1 14 ? -15.265 -13.449 5.210   1.00 25.73 ? 14  TRP A CG  1 
ATOM   98   C CD1 . TRP A 1 14 ? -14.840 -14.682 5.629   1.00 26.71 ? 14  TRP A CD1 1 
ATOM   99   C CD2 . TRP A 1 14 ? -16.189 -12.988 6.193   1.00 28.62 ? 14  TRP A CD2 1 
ATOM   100  N NE1 . TRP A 1 14 ? -15.452 -15.013 6.814   1.00 31.97 ? 14  TRP A NE1 1 
ATOM   101  C CE2 . TRP A 1 14 ? -16.287 -13.988 7.180   1.00 30.47 ? 14  TRP A CE2 1 
ATOM   102  C CE3 . TRP A 1 14 ? -16.946 -11.821 6.334   1.00 32.11 ? 14  TRP A CE3 1 
ATOM   103  C CZ2 . TRP A 1 14 ? -17.113 -13.857 8.293   1.00 30.42 ? 14  TRP A CZ2 1 
ATOM   104  C CZ3 . TRP A 1 14 ? -17.771 -11.694 7.440   1.00 39.48 ? 14  TRP A CZ3 1 
ATOM   105  C CH2 . TRP A 1 14 ? -17.846 -12.706 8.405   1.00 36.20 ? 14  TRP A CH2 1 
ATOM   106  N N   . GLU A 1 15 ? -15.600 -10.597 1.680   1.00 24.00 ? 15  GLU A N   1 
ATOM   107  C CA  . GLU A 1 15 ? -15.108 -9.710  0.642   1.00 22.76 ? 15  GLU A CA  1 
ATOM   108  C C   . GLU A 1 15 ? -14.590 -8.458  1.329   1.00 26.98 ? 15  GLU A C   1 
ATOM   109  O O   . GLU A 1 15 ? -15.387 -7.664  1.822   1.00 26.67 ? 15  GLU A O   1 
ATOM   110  C CB  . GLU A 1 15 ? -16.240 -9.339  -0.293  1.00 23.31 ? 15  GLU A CB  1 
ATOM   111  C CG  . GLU A 1 15 ? -15.920 -8.226  -1.263  1.00 25.06 ? 15  GLU A CG  1 
ATOM   112  C CD  . GLU A 1 15 ? -17.076 -7.971  -2.182  1.00 32.08 ? 15  GLU A CD  1 
ATOM   113  O OE1 . GLU A 1 15 ? -18.155 -8.546  -1.915  1.00 32.56 ? 15  GLU A OE1 1 
ATOM   114  O OE2 . GLU A 1 15 ? -16.904 -7.232  -3.174  1.00 33.43 ? 15  GLU A OE2 1 
ATOM   115  N N   . CYS A 1 16 ? -13.267 -8.287  1.377   1.00 22.33 ? 16  CYS A N   1 
ATOM   116  C CA  . CYS A 1 16 ? -12.667 -7.251  2.227   1.00 20.77 ? 16  CYS A CA  1 
ATOM   117  C C   . CYS A 1 16 ? -11.770 -6.308  1.436   1.00 18.48 ? 16  CYS A C   1 
ATOM   118  O O   . CYS A 1 16 ? -11.297 -6.654  0.361   1.00 20.27 ? 16  CYS A O   1 
ATOM   119  C CB  . CYS A 1 16 ? -11.833 -7.895  3.343   1.00 22.55 ? 16  CYS A CB  1 
ATOM   120  S SG  . CYS A 1 16 ? -12.700 -8.971  4.485   1.00 24.59 ? 16  CYS A SG  1 
ATOM   121  N N   . TRP A 1 17 ? -11.545 -5.111  1.977   1.00 21.50 ? 17  TRP A N   1 
ATOM   122  C CA  . TRP A 1 17 ? -10.649 -4.145  1.346   1.00 19.33 ? 17  TRP A CA  1 
ATOM   123  C C   . TRP A 1 17 ? -10.061 -3.146  2.335   1.00 20.59 ? 17  TRP A C   1 
ATOM   124  O O   . TRP A 1 17 ? -10.639 -2.872  3.392   1.00 21.29 ? 17  TRP A O   1 
ATOM   125  C CB  . TRP A 1 17 ? -11.334 -3.399  0.191   1.00 21.91 ? 17  TRP A CB  1 
ATOM   126  C CG  . TRP A 1 17 ? -12.551 -2.607  0.573   1.00 27.15 ? 17  TRP A CG  1 
ATOM   127  C CD1 . TRP A 1 17 ? -12.612 -1.268  0.877   1.00 25.76 ? 17  TRP A CD1 1 
ATOM   128  C CD2 . TRP A 1 17 ? -13.895 -3.100  0.670   1.00 27.16 ? 17  TRP A CD2 1 
ATOM   129  N NE1 . TRP A 1 17 ? -13.905 -0.913  1.174   1.00 26.16 ? 17  TRP A NE1 1 
ATOM   130  C CE2 . TRP A 1 17 ? -14.713 -2.014  1.046   1.00 28.30 ? 17  TRP A CE2 1 
ATOM   131  C CE3 . TRP A 1 17 ? -14.481 -4.355  0.484   1.00 26.74 ? 17  TRP A CE3 1 
ATOM   132  C CZ2 . TRP A 1 17 ? -16.087 -2.148  1.234   1.00 29.27 ? 17  TRP A CZ2 1 
ATOM   133  C CZ3 . TRP A 1 17 ? -15.845 -4.485  0.677   1.00 30.76 ? 17  TRP A CZ3 1 
ATOM   134  C CH2 . TRP A 1 17 ? -16.630 -3.390  1.052   1.00 31.45 ? 17  TRP A CH2 1 
ATOM   135  N N   . CYS A 1 18 ? -8.909  -2.590  1.969   1.00 19.48 ? 18  CYS A N   1 
ATOM   136  C CA  . CYS A 1 18 ? -8.287  -1.535  2.760   1.00 19.32 ? 18  CYS A CA  1 
ATOM   137  C C   . CYS A 1 18 ? -8.994  -0.199  2.515   1.00 22.14 ? 18  CYS A C   1 
ATOM   138  O O   . CYS A 1 18 ? -9.396  0.088   1.400   1.00 24.36 ? 18  CYS A O   1 
ATOM   139  C CB  . CYS A 1 18 ? -6.804  -1.414  2.400   1.00 17.28 ? 18  CYS A CB  1 
ATOM   140  S SG  . CYS A 1 18 ? -5.836  -2.895  2.772   1.00 18.44 ? 18  CYS A SG  1 
ATOM   141  N N   . THR A 1 19 ? -9.138  0.606   3.566   1.00 23.78 ? 19  THR A N   1 
ATOM   142  C CA  . THR A 1 19 ? -9.751  1.927   3.449   1.00 25.05 ? 19  THR A CA  1 
ATOM   143  C C   . THR A 1 19 ? -8.882  3.028   4.045   1.00 21.59 ? 19  THR A C   1 
ATOM   144  O O   . THR A 1 19 ? -8.264  2.851   5.083   1.00 25.51 ? 19  THR A O   1 
ATOM   145  C CB  . THR A 1 19 ? -11.147 1.975   4.098   1.00 25.27 ? 19  THR A CB  1 
ATOM   146  O OG1 . THR A 1 19 ? -11.046 1.680   5.494   1.00 25.13 ? 19  THR A OG1 1 
ATOM   147  C CG2 . THR A 1 19 ? -12.072 0.969   3.436   1.00 23.11 ? 19  THR A CG2 1 
ATOM   148  N N   . ALA A 1 20 ? -8.822  4.161   3.362   1.00 25.71 ? 20  ALA A N   1 
ATOM   149  C CA  . ALA A 1 20 ? -8.086  5.314   3.868   1.00 25.75 ? 20  ALA A CA  1 
ATOM   150  C C   . ALA A 1 20 ? -8.767  5.824   5.124   1.00 29.22 ? 20  ALA A C   1 
ATOM   151  O O   . ALA A 1 20 ? -9.993  5.965   5.156   1.00 33.93 ? 20  ALA A O   1 
ATOM   152  C CB  . ALA A 1 20 ? -8.040  6.387   2.827   1.00 24.13 ? 20  ALA A CB  1 
ATOM   153  N N   . HIS A 1 21 ? -7.998  6.075   6.177   1.00 24.61 ? 21  HIS A N   1 
ATOM   154  C CA  . HIS A 1 21 ? -8.598  6.647   7.375   1.00 33.78 ? 21  HIS A CA  1 
ATOM   155  C C   . HIS A 1 21 ? -9.193  8.028   7.044   1.00 34.53 ? 21  HIS A C   1 
ATOM   156  O O   . HIS A 1 21 ? -8.765  8.683   6.094   1.00 32.32 ? 21  HIS A O   1 
ATOM   157  C CB  . HIS A 1 21 ? -7.600  6.697   8.540   1.00 36.53 ? 21  HIS A CB  1 
ATOM   158  C CG  . HIS A 1 21 ? -6.578  7.789   8.432   1.00 36.60 ? 21  HIS A CG  1 
ATOM   159  N ND1 . HIS A 1 21 ? -5.227  7.562   8.596   1.00 41.41 ? 21  HIS A ND1 1 
ATOM   160  C CD2 . HIS A 1 21 ? -6.711  9.118   8.204   1.00 35.57 ? 21  HIS A CD2 1 
ATOM   161  C CE1 . HIS A 1 21 ? -4.570  8.705   8.465   1.00 36.78 ? 21  HIS A CE1 1 
ATOM   162  N NE2 . HIS A 1 21 ? -5.448  9.664   8.225   1.00 35.13 ? 21  HIS A NE2 1 
ATOM   163  N N   . GLY A 1 22 ? -10.199 8.451   7.805   1.00 37.86 ? 22  GLY A N   1 
ATOM   164  C CA  . GLY A 1 22 ? -10.866 9.713   7.534   1.00 36.19 ? 22  GLY A CA  1 
ATOM   165  C C   . GLY A 1 22 ? -11.811 9.664   6.343   1.00 41.31 ? 22  GLY A C   1 
ATOM   166  O O   . GLY A 1 22 ? -13.030 9.653   6.514   1.00 42.49 ? 22  GLY A O   1 
ATOM   167  N N   . THR A 1 23 ? -11.253 9.630   5.133   1.00 39.13 ? 23  THR A N   1 
ATOM   168  C CA  . THR A 1 23 ? -12.056 9.607   3.913   1.00 36.84 ? 23  THR A CA  1 
ATOM   169  C C   . THR A 1 23 ? -12.847 8.317   3.732   1.00 38.08 ? 23  THR A C   1 
ATOM   170  O O   . THR A 1 23 ? -13.921 8.323   3.127   1.00 39.31 ? 23  THR A O   1 
ATOM   171  C CB  . THR A 1 23 ? -11.191 9.802   2.655   1.00 40.12 ? 23  THR A CB  1 
ATOM   172  O OG1 . THR A 1 23 ? -10.107 8.867   2.673   1.00 36.11 ? 23  THR A OG1 1 
ATOM   173  C CG2 . THR A 1 23 ? -10.633 11.206  2.599   1.00 39.15 ? 23  THR A CG2 1 
ATOM   174  N N   . GLY A 1 24 ? -12.306 7.211   4.233   1.00 35.05 ? 24  GLY A N   1 
ATOM   175  C CA  . GLY A 1 24 ? -12.921 5.910   4.045   1.00 30.99 ? 24  GLY A CA  1 
ATOM   176  C C   . GLY A 1 24 ? -12.835 5.468   2.603   1.00 30.39 ? 24  GLY A C   1 
ATOM   177  O O   . GLY A 1 24 ? -13.428 4.465   2.209   1.00 31.87 ? 24  GLY A O   1 
ATOM   178  N N   . ASN A 1 25 ? -12.099 6.221   1.801   1.00 29.98 ? 25  ASN A N   1 
ATOM   179  C CA  . ASN A 1 25 ? -11.904 5.847   0.411   1.00 30.55 ? 25  ASN A CA  1 
ATOM   180  C C   . ASN A 1 25 ? -11.255 4.471   0.301   1.00 30.50 ? 25  ASN A C   1 
ATOM   181  O O   . ASN A 1 25 ? -10.380 4.111   1.104   1.00 28.34 ? 25  ASN A O   1 
ATOM   182  C CB  . ASN A 1 25 ? -11.066 6.894   -0.328  1.00 30.39 ? 25  ASN A CB  1 
ATOM   183  C CG  . ASN A 1 25 ? -11.781 8.239   -0.456  1.00 38.87 ? 25  ASN A CG  1 
ATOM   184  O OD1 . ASN A 1 25 ? -12.863 8.442   0.098   1.00 36.73 ? 25  ASN A OD1 1 
ATOM   185  N ND2 . ASN A 1 25 ? -11.163 9.168   -1.185  1.00 31.93 ? 25  ASN A ND2 1 
ATOM   186  N N   . GLU A 1 26 ? -11.688 3.698   -0.691  1.00 28.40 ? 26  GLU A N   1 
ATOM   187  C CA  . GLU A 1 26 ? -11.093 2.396   -0.949  1.00 30.95 ? 26  GLU A CA  1 
ATOM   188  C C   . GLU A 1 26 ? -9.686  2.558   -1.530  1.00 24.01 ? 26  GLU A C   1 
ATOM   189  O O   . GLU A 1 26 ? -9.442  3.448   -2.341  1.00 28.97 ? 26  GLU A O   1 
ATOM   190  C CB  . GLU A 1 26 ? -11.984 1.584   -1.897  1.00 31.72 ? 26  GLU A CB  1 
ATOM   191  C CG  . GLU A 1 26 ? -13.405 1.415   -1.389  1.00 28.77 ? 26  GLU A CG  1 
ATOM   192  C CD  . GLU A 1 26 ? -14.185 0.353   -2.160  1.00 32.44 ? 26  GLU A CD  1 
ATOM   193  O OE1 . GLU A 1 26 ? -13.585 -0.327  -3.023  1.00 27.66 ? 26  GLU A OE1 1 
ATOM   194  O OE2 . GLU A 1 26 ? -15.401 0.211   -1.915  1.00 37.10 ? 26  GLU A OE2 1 
ATOM   195  N N   . LEU A 1 27 ? -8.758  1.703   -1.109  1.00 25.12 ? 27  LEU A N   1 
ATOM   196  C CA  . LEU A 1 27 ? -7.391  1.778   -1.619  1.00 23.77 ? 27  LEU A CA  1 
ATOM   197  C C   . LEU A 1 27 ? -6.984  0.483   -2.315  1.00 27.75 ? 27  LEU A C   1 
ATOM   198  O O   . LEU A 1 27 ? -6.392  -0.414  -1.698  1.00 23.51 ? 27  LEU A O   1 
ATOM   199  C CB  . LEU A 1 27 ? -6.419  2.111   -0.486  1.00 22.62 ? 27  LEU A CB  1 
ATOM   200  C CG  . LEU A 1 27 ? -6.721  3.448   0.198   1.00 22.64 ? 27  LEU A CG  1 
ATOM   201  C CD1 . LEU A 1 27 ? -6.108  3.504   1.597   1.00 22.91 ? 27  LEU A CD1 1 
ATOM   202  C CD2 . LEU A 1 27 ? -6.210  4.582   -0.685  1.00 27.78 ? 27  LEU A CD2 1 
ATOM   203  N N   . ARG A 1 28 ? -7.279  0.405   -3.611  1.00 25.31 ? 28  ARG A N   1 
ATOM   204  C CA  . ARG A 1 28 ? -7.114  -0.832  -4.362  1.00 27.70 ? 28  ARG A CA  1 
ATOM   205  C C   . ARG A 1 28 ? -5.669  -1.332  -4.401  1.00 25.34 ? 28  ARG A C   1 
ATOM   206  O O   . ARG A 1 28 ? -5.433  -2.535  -4.325  1.00 20.67 ? 28  ARG A O   1 
ATOM   207  C CB  . ARG A 1 28 ? -7.687  -0.704  -5.781  1.00 27.99 ? 28  ARG A CB  1 
ATOM   208  C CG  . ARG A 1 28 ? -6.859  0.111   -6.756  1.00 29.58 ? 28  ARG A CG  1 
ATOM   209  C CD  . ARG A 1 28 ? -7.447  0.018   -8.166  1.00 37.66 ? 28  ARG A CD  1 
ATOM   210  N NE  . ARG A 1 28 ? -8.889  0.264   -8.158  1.00 46.18 ? 28  ARG A NE  1 
ATOM   211  C CZ  . ARG A 1 28 ? -9.814  -0.666  -8.381  1.00 45.59 ? 28  ARG A CZ  1 
ATOM   212  N NH1 . ARG A 1 28 ? -9.454  -1.916  -8.647  1.00 43.08 ? 28  ARG A NH1 1 
ATOM   213  N NH2 . ARG A 1 28 ? -11.104 -0.345  -8.347  1.00 40.23 ? 28  ARG A NH2 1 
ATOM   214  N N   . TYR A 1 29 ? -4.709  -0.417  -4.502  1.00 25.37 ? 29  TYR A N   1 
ATOM   215  C CA  . TYR A 1 29 ? -3.300  -0.809  -4.513  1.00 23.44 ? 29  TYR A CA  1 
ATOM   216  C C   . TYR A 1 29 ? -2.882  -1.479  -3.210  1.00 19.58 ? 29  TYR A C   1 
ATOM   217  O O   . TYR A 1 29 ? -2.064  -2.394  -3.210  1.00 23.38 ? 29  TYR A O   1 
ATOM   218  C CB  . TYR A 1 29 ? -2.402  0.398   -4.774  1.00 24.79 ? 29  TYR A CB  1 
ATOM   219  C CG  . TYR A 1 29 ? -2.376  0.834   -6.218  1.00 29.70 ? 29  TYR A CG  1 
ATOM   220  C CD1 . TYR A 1 29 ? -1.483  0.274   -7.114  1.00 33.49 ? 29  TYR A CD1 1 
ATOM   221  C CD2 . TYR A 1 29 ? -3.249  1.807   -6.684  1.00 30.71 ? 29  TYR A CD2 1 
ATOM   222  C CE1 . TYR A 1 29 ? -1.455  0.676   -8.444  1.00 41.42 ? 29  TYR A CE1 1 
ATOM   223  C CE2 . TYR A 1 29 ? -3.233  2.216   -8.013  1.00 35.46 ? 29  TYR A CE2 1 
ATOM   224  C CZ  . TYR A 1 29 ? -2.331  1.648   -8.887  1.00 39.08 ? 29  TYR A CZ  1 
ATOM   225  O OH  . TYR A 1 29 ? -2.302  2.051   -10.207 1.00 41.74 ? 29  TYR A OH  1 
ATOM   226  N N   . ALA A 1 30 ? -3.430  -1.006  -2.101  1.00 18.55 ? 30  ALA A N   1 
ATOM   227  C CA  . ALA A 1 30 ? -3.123  -1.581  -0.799  1.00 18.17 ? 30  ALA A CA  1 
ATOM   228  C C   . ALA A 1 30 ? -3.822  -2.938  -0.652  1.00 20.64 ? 30  ALA A C   1 
ATOM   229  O O   . ALA A 1 30 ? -3.245  -3.906  -0.152  1.00 15.95 ? 30  ALA A O   1 
ATOM   230  C CB  . ALA A 1 30 ? -3.563  -0.650  0.300   1.00 19.49 ? 30  ALA A CB  1 
ATOM   231  N N   . THR A 1 31 ? -5.068  -3.003  -1.106  1.00 19.96 ? 31  THR A N   1 
ATOM   232  C CA  . THR A 1 31 ? -5.808  -4.265  -1.112  1.00 18.98 ? 31  THR A CA  1 
ATOM   233  C C   . THR A 1 31 ? -5.109  -5.291  -1.965  1.00 18.40 ? 31  THR A C   1 
ATOM   234  O O   . THR A 1 31 ? -4.895  -6.415  -1.522  1.00 22.08 ? 31  THR A O   1 
ATOM   235  C CB  . THR A 1 31 ? -7.254  -4.101  -1.642  1.00 20.45 ? 31  THR A CB  1 
ATOM   236  O OG1 . THR A 1 31 ? -7.968  -3.197  -0.801  1.00 21.40 ? 31  THR A OG1 1 
ATOM   237  C CG2 . THR A 1 31 ? -7.976  -5.456  -1.631  1.00 18.41 ? 31  THR A CG2 1 
ATOM   238  N N   . ALA A 1 32 ? -4.768  -4.915  -3.196  1.00 16.76 ? 32  ALA A N   1 
ATOM   239  C CA  . ALA A 1 32 ? -4.070  -5.808  -4.114  1.00 21.38 ? 32  ALA A CA  1 
ATOM   240  C C   . ALA A 1 32 ? -2.827  -6.416  -3.490  1.00 19.62 ? 32  ALA A C   1 
ATOM   241  O O   . ALA A 1 32 ? -2.575  -7.597  -3.658  1.00 17.05 ? 32  ALA A O   1 
ATOM   242  C CB  . ALA A 1 32 ? -3.699  -5.084  -5.399  1.00 19.31 ? 32  ALA A CB  1 
ATOM   243  N N   . ALA A 1 33 ? -2.040  -5.587  -2.805  1.00 18.37 ? 33  ALA A N   1 
ATOM   244  C CA  . ALA A 1 33 ? -0.789  -6.041  -2.193  1.00 20.41 ? 33  ALA A CA  1 
ATOM   245  C C   . ALA A 1 33 ? -0.981  -7.055  -1.077  1.00 17.46 ? 33  ALA A C   1 
ATOM   246  O O   . ALA A 1 33 ? -0.024  -7.730  -0.659  1.00 17.27 ? 33  ALA A O   1 
ATOM   247  C CB  . ALA A 1 33 ? 0.017   -4.832  -1.682  1.00 14.97 ? 33  ALA A CB  1 
ATOM   248  N N   . GLY A 1 34 ? -2.209  -7.132  -0.567  1.00 15.19 ? 34  GLY A N   1 
ATOM   249  C CA  . GLY A 1 34 ? -2.583  -8.077  0.467   1.00 16.81 ? 34  GLY A CA  1 
ATOM   250  C C   . GLY A 1 34 ? -3.464  -9.210  -0.040  1.00 15.12 ? 34  GLY A C   1 
ATOM   251  O O   . GLY A 1 34 ? -4.078  -9.904  0.750   1.00 16.08 ? 34  GLY A O   1 
ATOM   252  N N   . CYS A 1 35 ? -3.484  -9.429  -1.348  1.00 15.72 ? 35  CYS A N   1 
ATOM   253  C CA  . CYS A 1 35 ? -4.402  -10.407 -1.946  1.00 18.08 ? 35  CYS A CA  1 
ATOM   254  C C   . CYS A 1 35 ? -3.790  -11.207 -3.104  1.00 19.69 ? 35  CYS A C   1 
ATOM   255  O O   . CYS A 1 35 ? -2.685  -10.924 -3.572  1.00 20.43 ? 35  CYS A O   1 
ATOM   256  C CB  . CYS A 1 35 ? -5.648  -9.680  -2.464  1.00 16.37 ? 35  CYS A CB  1 
ATOM   257  S SG  . CYS A 1 35 ? -7.131  -10.735 -2.518  1.00 17.13 ? 35  CYS A SG  1 
ATOM   258  N N   . GLY A 1 36 ? -4.524  -12.209 -3.574  1.00 16.58 ? 36  GLY A N   1 
ATOM   259  C CA  . GLY A 1 36 ? -4.155  -12.884 -4.802  1.00 18.46 ? 36  GLY A CA  1 
ATOM   260  C C   . GLY A 1 36 ? -2.915  -13.707 -4.588  1.00 20.43 ? 36  GLY A C   1 
ATOM   261  O O   . GLY A 1 36 ? -2.899  -14.568 -3.710  1.00 16.75 ? 36  GLY A O   1 
ATOM   262  N N   . ASP A 1 37 ? -1.882  -13.451 -5.389  1.00 23.68 ? 37  ASP A N   1 
ATOM   263  C CA  . ASP A 1 37 ? -0.606  -14.145 -5.224  1.00 21.72 ? 37  ASP A CA  1 
ATOM   264  C C   . ASP A 1 37 ? -0.075  -13.974 -3.797  1.00 21.58 ? 37  ASP A C   1 
ATOM   265  O O   . ASP A 1 37 ? 0.720   -14.785 -3.319  1.00 21.86 ? 37  ASP A O   1 
ATOM   266  C CB  . ASP A 1 37 ? 0.447   -13.608 -6.200  1.00 26.27 ? 37  ASP A CB  1 
ATOM   267  C CG  . ASP A 1 37 ? 0.147   -13.950 -7.659  1.00 35.15 ? 37  ASP A CG  1 
ATOM   268  O OD1 . ASP A 1 37 ? -0.490  -14.992 -7.929  1.00 31.92 ? 37  ASP A OD1 1 
ATOM   269  O OD2 . ASP A 1 37 ? 0.576   -13.168 -8.536  1.00 38.31 ? 37  ASP A OD2 1 
ATOM   270  N N   . HIS A 1 38 ? -0.515  -12.917 -3.118  1.00 21.76 ? 38  HIS A N   1 
ATOM   271  C CA  . HIS A 1 38 ? 0.087   -12.551 -1.831  1.00 17.79 ? 38  HIS A CA  1 
ATOM   272  C C   . HIS A 1 38 ? -0.607  -13.203 -0.659  1.00 18.20 ? 38  HIS A C   1 
ATOM   273  O O   . HIS A 1 38 ? -0.101  -13.174 0.463   1.00 19.83 ? 38  HIS A O   1 
ATOM   274  C CB  . HIS A 1 38 ? 0.083   -11.029 -1.652  1.00 19.98 ? 38  HIS A CB  1 
ATOM   275  C CG  . HIS A 1 38 ? 0.741   -10.295 -2.776  1.00 24.34 ? 38  HIS A CG  1 
ATOM   276  N ND1 . HIS A 1 38 ? 2.093   -10.371 -3.022  1.00 28.29 ? 38  HIS A ND1 1 
ATOM   277  C CD2 . HIS A 1 38 ? 0.230   -9.482  -3.729  1.00 21.96 ? 38  HIS A CD2 1 
ATOM   278  C CE1 . HIS A 1 38 ? 2.389   -9.631  -4.074  1.00 25.66 ? 38  HIS A CE1 1 
ATOM   279  N NE2 . HIS A 1 38 ? 1.276   -9.078  -4.518  1.00 25.94 ? 38  HIS A NE2 1 
ATOM   280  N N   . LEU A 1 39 ? -1.774  -13.793 -0.910  1.00 17.57 ? 39  LEU A N   1 
ATOM   281  C CA  . LEU A 1 39 ? -2.547  -14.408 0.159   1.00 18.12 ? 39  LEU A CA  1 
ATOM   282  C C   . LEU A 1 39 ? -3.124  -15.734 -0.319  1.00 19.61 ? 39  LEU A C   1 
ATOM   283  O O   . LEU A 1 39 ? -4.042  -15.779 -1.144  1.00 15.84 ? 39  LEU A O   1 
ATOM   284  C CB  . LEU A 1 39 ? -3.670  -13.480 0.647   1.00 17.33 ? 39  LEU A CB  1 
ATOM   285  C CG  . LEU A 1 39 ? -4.466  -13.972 1.860   1.00 17.88 ? 39  LEU A CG  1 
ATOM   286  C CD1 . LEU A 1 39 ? -3.550  -14.277 3.055   1.00 19.96 ? 39  LEU A CD1 1 
ATOM   287  C CD2 . LEU A 1 39 ? -5.522  -12.961 2.258   1.00 19.35 ? 39  LEU A CD2 1 
ATOM   288  N N   . SER A 1 40 ? -2.580  -16.814 0.206   1.00 17.05 ? 40  SER A N   1 
ATOM   289  C CA  . SER A 1 40 ? -3.020  -18.154 -0.184  1.00 21.24 ? 40  SER A CA  1 
ATOM   290  C C   . SER A 1 40 ? -4.525  -18.315 -0.017  1.00 20.33 ? 40  SER A C   1 
ATOM   291  O O   . SER A 1 40 ? -5.091  -17.918 0.996   1.00 19.92 ? 40  SER A O   1 
ATOM   292  C CB  . SER A 1 40 ? -2.275  -19.208 0.636   1.00 28.79 ? 40  SER A CB  1 
ATOM   293  O OG  . SER A 1 40 ? -2.703  -20.520 0.309   1.00 28.19 ? 40  SER A OG  1 
ATOM   294  N N   . LYS A 1 41 ? -5.161  -18.889 -1.037  1.00 23.00 ? 41  LYS A N   1 
ATOM   295  C CA  . LYS A 1 41 ? -6.577  -19.234 -0.987  1.00 23.72 ? 41  LYS A CA  1 
ATOM   296  C C   . LYS A 1 41 ? -7.469  -18.028 -1.275  1.00 19.63 ? 41  LYS A C   1 
ATOM   297  O O   . LYS A 1 41 ? -8.690  -18.148 -1.314  1.00 18.68 ? 41  LYS A O   1 
ATOM   298  C CB  . LYS A 1 41 ? -6.939  -19.855 0.367   1.00 20.67 ? 41  LYS A CB  1 
ATOM   299  C CG  . LYS A 1 41 ? -6.084  -21.059 0.752   1.00 26.23 ? 41  LYS A CG  1 
ATOM   300  C CD  . LYS A 1 41 ? -6.416  -21.579 2.150   1.00 27.00 ? 41  LYS A CD  1 
ATOM   301  C CE  . LYS A 1 41 ? -5.989  -20.590 3.232   1.00 28.55 ? 41  LYS A CE  1 
ATOM   302  N NZ  . LYS A 1 41 ? -6.500  -20.938 4.585   1.00 27.44 ? 41  LYS A NZ  1 
ATOM   303  N N   . SER A 1 42 ? -6.872  -16.859 -1.468  1.00 16.41 ? 42  SER A N   1 
ATOM   304  C CA  . SER A 1 42 ? -7.677  -15.673 -1.711  1.00 16.07 ? 42  SER A CA  1 
ATOM   305  C C   . SER A 1 42 ? -7.958  -15.490 -3.204  1.00 13.71 ? 42  SER A C   1 
ATOM   306  O O   . SER A 1 42 ? -7.291  -16.060 -4.068  1.00 14.89 ? 42  SER A O   1 
ATOM   307  C CB  . SER A 1 42 ? -6.996  -14.419 -1.133  1.00 14.73 ? 42  SER A CB  1 
ATOM   308  O OG  . SER A 1 42 ? -5.901  -14.044 -1.943  1.00 18.21 ? 42  SER A OG  1 
ATOM   309  N N   . TYR A 1 43 ? -8.960  -14.677 -3.495  1.00 16.74 ? 43  TYR A N   1 
ATOM   310  C CA  . TYR A 1 43 ? -9.273  -14.301 -4.861  1.00 15.63 ? 43  TYR A CA  1 
ATOM   311  C C   . TYR A 1 43 ? -9.263  -12.783 -4.945  1.00 19.80 ? 43  TYR A C   1 
ATOM   312  O O   . TYR A 1 43 ? -10.004 -12.118 -4.208  1.00 20.23 ? 43  TYR A O   1 
ATOM   313  C CB  . TYR A 1 43 ? -10.665 -14.827 -5.226  1.00 19.22 ? 43  TYR A CB  1 
ATOM   314  C CG  . TYR A 1 43 ? -11.109 -14.479 -6.620  1.00 19.96 ? 43  TYR A CG  1 
ATOM   315  C CD1 . TYR A 1 43 ? -10.746 -15.276 -7.701  1.00 22.25 ? 43  TYR A CD1 1 
ATOM   316  C CD2 . TYR A 1 43 ? -11.890 -13.359 -6.860  1.00 21.85 ? 43  TYR A CD2 1 
ATOM   317  C CE1 . TYR A 1 43 ? -11.151 -14.962 -8.979  1.00 26.16 ? 43  TYR A CE1 1 
ATOM   318  C CE2 . TYR A 1 43 ? -12.291 -13.034 -8.137  1.00 23.34 ? 43  TYR A CE2 1 
ATOM   319  C CZ  . TYR A 1 43 ? -11.921 -13.838 -9.189  1.00 23.22 ? 43  TYR A CZ  1 
ATOM   320  O OH  . TYR A 1 43 ? -12.326 -13.531 -10.472 1.00 32.13 ? 43  TYR A OH  1 
ATOM   321  N N   . TYR A 1 44 ? -8.416  -12.229 -5.814  1.00 21.55 ? 44  TYR A N   1 
ATOM   322  C CA  . TYR A 1 44 ? -8.395  -10.777 -5.995  1.00 18.98 ? 44  TYR A CA  1 
ATOM   323  C C   . TYR A 1 44 ? -9.275  -10.316 -7.160  1.00 22.09 ? 44  TYR A C   1 
ATOM   324  O O   . TYR A 1 44 ? -8.921  -10.478 -8.325  1.00 23.74 ? 44  TYR A O   1 
ATOM   325  C CB  . TYR A 1 44 ? -6.970  -10.218 -6.153  1.00 23.77 ? 44  TYR A CB  1 
ATOM   326  C CG  . TYR A 1 44 ? -6.977  -8.709  -6.316  1.00 23.61 ? 44  TYR A CG  1 
ATOM   327  C CD1 . TYR A 1 44 ? -7.554  -7.896  -5.352  1.00 24.93 ? 44  TYR A CD1 1 
ATOM   328  C CD2 . TYR A 1 44 ? -6.425  -8.098  -7.439  1.00 28.57 ? 44  TYR A CD2 1 
ATOM   329  C CE1 . TYR A 1 44 ? -7.603  -6.510  -5.500  1.00 23.26 ? 44  TYR A CE1 1 
ATOM   330  C CE2 . TYR A 1 44 ? -6.463  -6.711  -7.596  1.00 27.91 ? 44  TYR A CE2 1 
ATOM   331  C CZ  . TYR A 1 44 ? -7.052  -5.924  -6.620  1.00 29.43 ? 44  TYR A CZ  1 
ATOM   332  O OH  . TYR A 1 44 ? -7.096  -4.547  -6.753  1.00 24.23 ? 44  TYR A OH  1 
ATOM   333  N N   . ASP A 1 45 ? -10.412 -9.732  -6.822  1.00 21.30 ? 45  ASP A N   1 
ATOM   334  C CA  . ASP A 1 45 ? -11.308 -9.133  -7.813  1.00 25.28 ? 45  ASP A CA  1 
ATOM   335  C C   . ASP A 1 45 ? -10.713 -7.804  -8.264  1.00 26.51 ? 45  ASP A C   1 
ATOM   336  O O   . ASP A 1 45 ? -10.978 -6.777  -7.651  1.00 28.01 ? 45  ASP A O   1 
ATOM   337  C CB  . ASP A 1 45 ? -12.680 -8.901  -7.169  1.00 28.34 ? 45  ASP A CB  1 
ATOM   338  C CG  . ASP A 1 45 ? -13.712 -8.350  -8.153  1.00 37.32 ? 45  ASP A CG  1 
ATOM   339  O OD1 . ASP A 1 45 ? -13.325 -7.615  -9.085  1.00 34.70 ? 45  ASP A OD1 1 
ATOM   340  O OD2 . ASP A 1 45 ? -14.914 -8.652  -7.988  1.00 35.17 ? 45  ASP A OD2 1 
ATOM   341  N N   . ALA A 1 46 ? -9.908  -7.825  -9.327  1.00 24.19 ? 46  ALA A N   1 
ATOM   342  C CA  . ALA A 1 46 ? -9.140  -6.648  -9.733  1.00 28.25 ? 46  ALA A CA  1 
ATOM   343  C C   . ALA A 1 46 ? -10.049 -5.508  -10.172 1.00 39.32 ? 46  ALA A C   1 
ATOM   344  O O   . ALA A 1 46 ? -9.665  -4.334  -10.124 1.00 37.12 ? 46  ALA A O   1 
ATOM   345  C CB  . ALA A 1 46 ? -8.151  -7.000  -10.840 1.00 34.01 ? 46  ALA A CB  1 
ATOM   346  N N   . ARG A 1 47 ? -11.256 -5.866  -10.594 1.00 37.41 ? 47  ARG A N   1 
ATOM   347  C CA  . ARG A 1 47 ? -12.254 -4.880  -10.992 1.00 42.35 ? 47  ARG A CA  1 
ATOM   348  C C   . ARG A 1 47 ? -12.697 -4.035  -9.797  1.00 40.38 ? 47  ARG A C   1 
ATOM   349  O O   . ARG A 1 47 ? -12.396 -2.836  -9.720  1.00 40.11 ? 47  ARG A O   1 
ATOM   350  C CB  . ARG A 1 47 ? -13.460 -5.569  -11.641 1.00 42.24 ? 47  ARG A CB  1 
ATOM   351  C CG  . ARG A 1 47 ? -14.374 -4.620  -12.394 1.00 48.85 ? 47  ARG A CG  1 
ATOM   352  C CD  . ARG A 1 47 ? -13.605 -3.830  -13.466 1.00 48.52 ? 47  ARG A CD  1 
ATOM   353  N NE  . ARG A 1 47 ? -13.006 -4.694  -14.485 1.00 52.36 ? 47  ARG A NE  1 
ATOM   354  C CZ  . ARG A 1 47 ? -12.229 -4.262  -15.478 1.00 51.93 ? 47  ARG A CZ  1 
ATOM   355  N NH1 . ARG A 1 47 ? -11.948 -2.967  -15.597 1.00 51.37 ? 47  ARG A NH1 1 
ATOM   356  N NH2 . ARG A 1 47 ? -11.729 -5.129  -16.356 1.00 50.00 ? 47  ARG A NH2 1 
ATOM   357  N N   . ALA A 1 48 ? -13.407 -4.656  -8.863  1.00 36.69 ? 48  ALA A N   1 
ATOM   358  C CA  . ALA A 1 48 ? -13.892 -3.932  -7.699  1.00 35.67 ? 48  ALA A CA  1 
ATOM   359  C C   . ALA A 1 48 ? -12.746 -3.588  -6.757  1.00 33.82 ? 48  ALA A C   1 
ATOM   360  O O   . ALA A 1 48 ? -12.927 -2.834  -5.807  1.00 30.64 ? 48  ALA A O   1 
ATOM   361  C CB  . ALA A 1 48 ? -14.953 -4.729  -6.976  1.00 34.86 ? 48  ALA A CB  1 
ATOM   362  N N   . GLY A 1 49 ? -11.572 -4.148  -7.035  1.00 32.05 ? 49  GLY A N   1 
ATOM   363  C CA  . GLY A 1 49 ? -10.415 -3.999  -6.174  1.00 31.11 ? 49  GLY A CA  1 
ATOM   364  C C   . GLY A 1 49 ? -10.636 -4.518  -4.761  1.00 28.62 ? 49  GLY A C   1 
ATOM   365  O O   . GLY A 1 49 ? -10.198 -3.879  -3.809  1.00 24.99 ? 49  GLY A O   1 
ATOM   366  N N   . HIS A 1 50 ? -11.312 -5.665  -4.631  1.00 25.18 ? 50  HIS A N   1 
ATOM   367  C CA  . HIS A 1 50 ? -11.603 -6.282  -3.329  1.00 22.62 ? 50  HIS A CA  1 
ATOM   368  C C   . HIS A 1 50 ? -10.919 -7.644  -3.192  1.00 21.02 ? 50  HIS A C   1 
ATOM   369  O O   . HIS A 1 50 ? -10.548 -8.260  -4.201  1.00 20.21 ? 50  HIS A O   1 
ATOM   370  C CB  . HIS A 1 50 ? -13.112 -6.455  -3.122  1.00 23.32 ? 50  HIS A CB  1 
ATOM   371  C CG  . HIS A 1 50 ? -13.869 -5.169  -3.085  1.00 28.01 ? 50  HIS A CG  1 
ATOM   372  N ND1 . HIS A 1 50 ? -15.227 -5.096  -3.315  1.00 30.80 ? 50  HIS A ND1 1 
ATOM   373  C CD2 . HIS A 1 50 ? -13.462 -3.900  -2.845  1.00 30.51 ? 50  HIS A CD2 1 
ATOM   374  C CE1 . HIS A 1 50 ? -15.623 -3.841  -3.209  1.00 31.96 ? 50  HIS A CE1 1 
ATOM   375  N NE2 . HIS A 1 50 ? -14.570 -3.093  -2.925  1.00 32.75 ? 50  HIS A NE2 1 
ATOM   376  N N   . CYS A 1 51 ? -10.747 -8.098  -1.950  1.00 17.69 ? 51  CYS A N   1 
ATOM   377  C CA  . CYS A 1 51 ? -10.121 -9.393  -1.681  1.00 21.00 ? 51  CYS A CA  1 
ATOM   378  C C   . CYS A 1 51 ? -11.122 -10.368 -1.085  1.00 18.84 ? 51  CYS A C   1 
ATOM   379  O O   . CYS A 1 51 ? -11.691 -10.115 -0.025  1.00 17.98 ? 51  CYS A O   1 
ATOM   380  C CB  . CYS A 1 51 ? -8.924  -9.271  -0.728  1.00 18.10 ? 51  CYS A CB  1 
ATOM   381  S SG  . CYS A 1 51 ? -7.877  -10.774 -0.638  1.00 16.02 ? 51  CYS A SG  1 
ATOM   382  N N   . LEU A 1 52 ? -11.296 -11.497 -1.764  1.00 19.74 ? 52  LEU A N   1 
ATOM   383  C CA  . LEU A 1 52 ? -12.283 -12.488 -1.372  1.00 19.22 ? 52  LEU A CA  1 
ATOM   384  C C   . LEU A 1 52 ? -11.610 -13.752 -0.848  1.00 19.85 ? 52  LEU A C   1 
ATOM   385  O O   . LEU A 1 52 ? -10.510 -14.100 -1.270  1.00 16.54 ? 52  LEU A O   1 
ATOM   386  C CB  . LEU A 1 52 ? -13.224 -12.790 -2.547  1.00 17.42 ? 52  LEU A CB  1 
ATOM   387  C CG  . LEU A 1 52 ? -14.214 -11.663 -2.860  1.00 24.63 ? 52  LEU A CG  1 
ATOM   388  C CD1 . LEU A 1 52 ? -13.527 -10.516 -3.553  1.00 23.45 ? 52  LEU A CD1 1 
ATOM   389  C CD2 . LEU A 1 52 ? -15.385 -12.155 -3.719  1.00 22.32 ? 52  LEU A CD2 1 
ATOM   390  N N   . PHE A 1 53 ? -12.261 -14.407 0.107   1.00 18.33 ? 53  PHE A N   1 
ATOM   391  C CA  . PHE A 1 53 ? -11.815 -15.693 0.597   1.00 17.93 ? 53  PHE A CA  1 
ATOM   392  C C   . PHE A 1 53 ? -12.932 -16.488 1.289   1.00 18.23 ? 53  PHE A C   1 
ATOM   393  O O   . PHE A 1 53 ? -13.935 -15.928 1.773   1.00 20.54 ? 53  PHE A O   1 
ATOM   394  C CB  . PHE A 1 53 ? -10.563 -15.592 1.506   1.00 15.20 ? 53  PHE A CB  1 
ATOM   395  C CG  . PHE A 1 53 ? -10.493 -14.331 2.326   1.00 18.60 ? 53  PHE A CG  1 
ATOM   396  C CD1 . PHE A 1 53 ? -11.267 -14.178 3.475   1.00 21.52 ? 53  PHE A CD1 1 
ATOM   397  C CD2 . PHE A 1 53 ? -9.643  -13.293 1.951   1.00 17.26 ? 53  PHE A CD2 1 
ATOM   398  C CE1 . PHE A 1 53 ? -11.204 -13.000 4.224   1.00 19.75 ? 53  PHE A CE1 1 
ATOM   399  C CE2 . PHE A 1 53 ? -9.566  -12.111 2.701   1.00 18.68 ? 53  PHE A CE2 1 
ATOM   400  C CZ  . PHE A 1 53 ? -10.353 -11.965 3.829   1.00 20.41 ? 53  PHE A CZ  1 
ATOM   401  N N   . SER A 1 54 ? -12.742 -17.798 1.330   1.00 17.38 ? 54  SER A N   1 
ATOM   402  C CA  . SER A 1 54 ? -13.706 -18.686 1.971   1.00 18.66 ? 54  SER A CA  1 
ATOM   403  C C   . SER A 1 54 ? -13.296 -18.889 3.424   1.00 19.63 ? 54  SER A C   1 
ATOM   404  O O   . SER A 1 54 ? -14.073 -18.644 4.341   1.00 24.39 ? 54  SER A O   1 
ATOM   405  C CB  . SER A 1 54 ? -13.780 -20.032 1.224   1.00 21.83 ? 54  SER A CB  1 
ATOM   406  O OG  . SER A 1 54 ? -14.631 -20.940 1.904   1.00 18.18 ? 54  SER A OG  1 
ATOM   407  N N   . ASP A 1 55 ? -12.065 -19.333 3.639   1.00 21.25 ? 55  ASP A N   1 
ATOM   408  C CA  . ASP A 1 55 ? -11.545 -19.388 4.994   1.00 21.29 ? 55  ASP A CA  1 
ATOM   409  C C   . ASP A 1 55 ? -11.565 -17.968 5.565   1.00 22.57 ? 55  ASP A C   1 
ATOM   410  O O   . ASP A 1 55 ? -11.496 -16.989 4.823   1.00 17.34 ? 55  ASP A O   1 
ATOM   411  C CB  . ASP A 1 55 ? -10.133 -19.977 5.023   1.00 21.07 ? 55  ASP A CB  1 
ATOM   412  C CG  . ASP A 1 55 ? -10.110 -21.472 4.729   1.00 22.49 ? 55  ASP A CG  1 
ATOM   413  O OD1 . ASP A 1 55 ? -11.178 -22.121 4.794   1.00 21.11 ? 55  ASP A OD1 1 
ATOM   414  O OD2 . ASP A 1 55 ? -9.019  -22.001 4.455   1.00 27.34 ? 55  ASP A OD2 1 
ATOM   415  N N   . ASP A 1 56 ? -11.669 -17.855 6.881   1.00 20.64 ? 56  ASP A N   1 
ATOM   416  C CA  . ASP A 1 56 ? -11.761 -16.541 7.503   1.00 21.16 ? 56  ASP A CA  1 
ATOM   417  C C   . ASP A 1 56 ? -10.379 -15.917 7.649   1.00 19.65 ? 56  ASP A C   1 
ATOM   418  O O   . ASP A 1 56 ? -9.727  -16.065 8.681   1.00 22.38 ? 56  ASP A O   1 
ATOM   419  C CB  . ASP A 1 56 ? -12.426 -16.654 8.872   1.00 24.54 ? 56  ASP A CB  1 
ATOM   420  C CG  . ASP A 1 56 ? -12.726 -15.305 9.474   1.00 26.84 ? 56  ASP A CG  1 
ATOM   421  O OD1 . ASP A 1 56 ? -12.286 -14.295 8.895   1.00 26.06 ? 56  ASP A OD1 1 
ATOM   422  O OD2 . ASP A 1 56 ? -13.393 -15.255 10.523  1.00 25.84 ? 56  ASP A OD2 1 
ATOM   423  N N   . LEU A 1 57 ? -9.940  -15.221 6.610   1.00 20.79 ? 57  LEU A N   1 
ATOM   424  C CA  . LEU A 1 57 ? -8.623  -14.598 6.603   1.00 21.13 ? 57  LEU A CA  1 
ATOM   425  C C   . LEU A 1 57 ? -8.705  -13.123 6.999   1.00 18.65 ? 57  LEU A C   1 
ATOM   426  O O   . LEU A 1 57 ? -7.772  -12.351 6.751   1.00 17.63 ? 57  LEU A O   1 
ATOM   427  C CB  . LEU A 1 57 ? -7.998  -14.717 5.211   1.00 15.64 ? 57  LEU A CB  1 
ATOM   428  C CG  . LEU A 1 57 ? -7.901  -16.127 4.620   1.00 18.75 ? 57  LEU A CG  1 
ATOM   429  C CD1 . LEU A 1 57 ? -7.243  -16.098 3.241   1.00 16.21 ? 57  LEU A CD1 1 
ATOM   430  C CD2 . LEU A 1 57 ? -7.140  -17.071 5.535   1.00 18.38 ? 57  LEU A CD2 1 
ATOM   431  N N   . ARG A 1 58 ? -9.824  -12.728 7.599   1.00 20.93 ? 58  ARG A N   1 
ATOM   432  C CA  . ARG A 1 58 ? -10.036 -11.325 7.969   1.00 23.95 ? 58  ARG A CA  1 
ATOM   433  C C   . ARG A 1 58 ? -8.935  -10.762 8.874   1.00 22.34 ? 58  ARG A C   1 
ATOM   434  O O   . ARG A 1 58 ? -8.463  -9.626  8.686   1.00 21.03 ? 58  ARG A O   1 
ATOM   435  C CB  . ARG A 1 58 ? -11.418 -11.136 8.619   1.00 25.58 ? 58  ARG A CB  1 
ATOM   436  C CG  . ARG A 1 58 ? -12.595 -11.148 7.633   1.00 27.93 ? 58  ARG A CG  1 
ATOM   437  C CD  . ARG A 1 58 ? -13.927 -11.035 8.367   1.00 25.67 ? 58  ARG A CD  1 
ATOM   438  N NE  . ARG A 1 58 ? -14.089 -12.141 9.308   1.00 30.27 ? 58  ARG A NE  1 
ATOM   439  C CZ  . ARG A 1 58 ? -15.083 -12.244 10.185  1.00 32.59 ? 58  ARG A CZ  1 
ATOM   440  N NH1 . ARG A 1 58 ? -16.009 -11.299 10.244  1.00 31.72 ? 58  ARG A NH1 1 
ATOM   441  N NH2 . ARG A 1 58 ? -15.146 -13.285 11.005  1.00 27.72 ? 58  ARG A NH2 1 
ATOM   442  N N   . ASN A 1 59 ? -8.525  -11.537 9.867   1.00 20.18 ? 59  ASN A N   1 
ATOM   443  C CA  . ASN A 1 59 ? -7.527  -11.046 10.810  1.00 24.06 ? 59  ASN A CA  1 
ATOM   444  C C   . ASN A 1 59 ? -6.195  -10.796 10.126  1.00 24.02 ? 59  ASN A C   1 
ATOM   445  O O   . ASN A 1 59 ? -5.567  -9.749  10.321  1.00 23.48 ? 59  ASN A O   1 
ATOM   446  C CB  . ASN A 1 59 ? -7.330  -12.033 11.954  1.00 29.20 ? 59  ASN A CB  1 
ATOM   447  C CG  . ASN A 1 59 ? -6.675  -11.392 13.161  1.00 35.48 ? 59  ASN A CG  1 
ATOM   448  O OD1 . ASN A 1 59 ? -7.013  -10.263 13.545  1.00 28.71 ? 59  ASN A OD1 1 
ATOM   449  N ND2 . ASN A 1 59 ? -5.735  -12.105 13.768  1.00 35.65 ? 59  ASN A ND2 1 
ATOM   450  N N   . GLN A 1 60 ? -5.750  -11.783 9.352   1.00 21.80 ? 60  GLN A N   1 
ATOM   451  C CA  . GLN A 1 60 ? -4.529  -11.660 8.574   1.00 18.47 ? 60  GLN A CA  1 
ATOM   452  C C   . GLN A 1 60 ? -4.612  -10.458 7.638   1.00 18.80 ? 60  GLN A C   1 
ATOM   453  O O   . GLN A 1 60 ? -3.716  -9.618  7.619   1.00 17.98 ? 60  GLN A O   1 
ATOM   454  C CB  . GLN A 1 60 ? -4.259  -12.935 7.758   1.00 21.05 ? 60  GLN A CB  1 
ATOM   455  C CG  . GLN A 1 60 ? -3.924  -14.174 8.591   1.00 27.29 ? 60  GLN A CG  1 
ATOM   456  C CD  . GLN A 1 60 ? -5.163  -14.928 9.111   1.00 27.29 ? 60  GLN A CD  1 
ATOM   457  O OE1 . GLN A 1 60 ? -6.276  -14.402 9.131   1.00 26.41 ? 60  GLN A OE1 1 
ATOM   458  N NE2 . GLN A 1 60 ? -4.955  -16.172 9.531   1.00 34.17 ? 60  GLN A NE2 1 
ATOM   459  N N   . PHE A 1 61 ? -5.685  -10.371 6.856   1.00 17.93 ? 61  PHE A N   1 
ATOM   460  C CA  . PHE A 1 61 ? -5.813  -9.272  5.915   1.00 20.00 ? 61  PHE A CA  1 
ATOM   461  C C   . PHE A 1 61 ? -5.789  -7.935  6.650   1.00 18.03 ? 61  PHE A C   1 
ATOM   462  O O   . PHE A 1 61 ? -5.191  -6.948  6.183   1.00 18.82 ? 61  PHE A O   1 
ATOM   463  C CB  . PHE A 1 61 ? -7.085  -9.419  5.074   1.00 19.80 ? 61  PHE A CB  1 
ATOM   464  C CG  . PHE A 1 61 ? -7.191  -8.406  3.984   1.00 17.15 ? 61  PHE A CG  1 
ATOM   465  C CD1 . PHE A 1 61 ? -6.381  -8.494  2.871   1.00 13.56 ? 61  PHE A CD1 1 
ATOM   466  C CD2 . PHE A 1 61 ? -8.093  -7.354  4.080   1.00 18.73 ? 61  PHE A CD2 1 
ATOM   467  C CE1 . PHE A 1 61 ? -6.455  -7.558  1.865   1.00 18.24 ? 61  PHE A CE1 1 
ATOM   468  C CE2 . PHE A 1 61 ? -8.159  -6.400  3.074   1.00 18.16 ? 61  PHE A CE2 1 
ATOM   469  C CZ  . PHE A 1 61 ? -7.351  -6.508  1.970   1.00 17.92 ? 61  PHE A CZ  1 
ATOM   470  N N   . TYR A 1 62 ? -6.423  -7.908  7.816   1.00 17.50 ? 62  TYR A N   1 
ATOM   471  C CA  . TYR A 1 62 ? -6.446  -6.698  8.628   1.00 21.72 ? 62  TYR A CA  1 
ATOM   472  C C   . TYR A 1 62 ? -5.046  -6.236  8.988   1.00 20.96 ? 62  TYR A C   1 
ATOM   473  O O   . TYR A 1 62 ? -4.774  -5.032  9.040   1.00 25.69 ? 62  TYR A O   1 
ATOM   474  C CB  . TYR A 1 62 ? -7.232  -6.905  9.924   1.00 21.47 ? 62  TYR A CB  1 
ATOM   475  C CG  . TYR A 1 62 ? -7.135  -5.681  10.829  1.00 23.46 ? 62  TYR A CG  1 
ATOM   476  C CD1 . TYR A 1 62 ? -7.899  -4.546  10.581  1.00 28.50 ? 62  TYR A CD1 1 
ATOM   477  C CD2 . TYR A 1 62 ? -6.263  -5.657  11.908  1.00 31.70 ? 62  TYR A CD2 1 
ATOM   478  C CE1 . TYR A 1 62 ? -7.807  -3.424  11.406  1.00 31.27 ? 62  TYR A CE1 1 
ATOM   479  C CE2 . TYR A 1 62 ? -6.161  -4.541  12.727  1.00 31.80 ? 62  TYR A CE2 1 
ATOM   480  C CZ  . TYR A 1 62 ? -6.935  -3.435  12.467  1.00 32.96 ? 62  TYR A CZ  1 
ATOM   481  O OH  . TYR A 1 62 ? -6.831  -2.336  13.283  1.00 41.74 ? 62  TYR A OH  1 
ATOM   482  N N   . SER A 1 63 ? -4.165  -7.187  9.275   1.00 20.71 ? 63  SER A N   1 
ATOM   483  C CA  . SER A 1 63 ? -2.816  -6.838  9.694   1.00 19.31 ? 63  SER A CA  1 
ATOM   484  C C   . SER A 1 63 ? -2.099  -6.146  8.554   1.00 20.09 ? 63  SER A C   1 
ATOM   485  O O   . SER A 1 63 ? -1.264  -5.271  8.779   1.00 17.45 ? 63  SER A O   1 
ATOM   486  C CB  . SER A 1 63 ? -2.029  -8.063  10.154  1.00 22.64 ? 63  SER A CB  1 
ATOM   487  O OG  . SER A 1 63 ? -1.470  -8.746  9.042   1.00 30.03 ? 63  SER A OG  1 
ATOM   488  N N   . HIS A 1 64 ? -2.435  -6.522  7.323   1.00 16.78 ? 64  HIS A N   1 
ATOM   489  C CA  . HIS A 1 64 ? -1.849  -5.864  6.165   1.00 19.40 ? 64  HIS A CA  1 
ATOM   490  C C   . HIS A 1 64 ? -2.383  -4.436  6.019   1.00 19.33 ? 64  HIS A C   1 
ATOM   491  O O   . HIS A 1 64 ? -1.596  -3.483  5.948   1.00 17.29 ? 64  HIS A O   1 
ATOM   492  C CB  . HIS A 1 64 ? -2.052  -6.677  4.874   1.00 17.92 ? 64  HIS A CB  1 
ATOM   493  C CG  . HIS A 1 64 ? -1.591  -5.959  3.646   1.00 15.51 ? 64  HIS A CG  1 
ATOM   494  N ND1 . HIS A 1 64 ? -2.460  -5.307  2.788   1.00 15.94 ? 64  HIS A ND1 1 
ATOM   495  C CD2 . HIS A 1 64 ? -0.353  -5.770  3.136   1.00 15.15 ? 64  HIS A CD2 1 
ATOM   496  C CE1 . HIS A 1 64 ? -1.770  -4.740  1.813   1.00 16.14 ? 64  HIS A CE1 1 
ATOM   497  N NE2 . HIS A 1 64 ? -0.487  -5.011  2.000   1.00 21.79 ? 64  HIS A NE2 1 
ATOM   498  N N   . CYS A 1 65 ? -3.707  -4.274  5.980   1.00 19.02 ? 65  CYS A N   1 
ATOM   499  C CA  . CYS A 1 65 ? -4.276  -2.926  5.864   1.00 18.64 ? 65  CYS A CA  1 
ATOM   500  C C   . CYS A 1 65 ? -3.737  -2.048  6.979   1.00 19.56 ? 65  CYS A C   1 
ATOM   501  O O   . CYS A 1 65 ? -3.345  -0.904  6.737   1.00 19.84 ? 65  CYS A O   1 
ATOM   502  C CB  . CYS A 1 65 ? -5.807  -2.947  5.921   1.00 18.62 ? 65  CYS A CB  1 
ATOM   503  S SG  . CYS A 1 65 ? -6.554  -3.720  4.475   1.00 16.41 ? 65  CYS A SG  1 
ATOM   504  N N   . SER A 1 66 ? -3.717  -2.591  8.193   1.00 19.95 ? 66  SER A N   1 
ATOM   505  C CA  . SER A 1 66 ? -3.248  -1.861  9.366   1.00 22.40 ? 66  SER A CA  1 
ATOM   506  C C   . SER A 1 66 ? -1.753  -1.514  9.324   1.00 24.64 ? 66  SER A C   1 
ATOM   507  O O   . SER A 1 66 ? -1.344  -0.453  9.820   1.00 21.39 ? 66  SER A O   1 
ATOM   508  C CB  . SER A 1 66 ? -3.580  -2.644  10.637  1.00 24.57 ? 66  SER A CB  1 
ATOM   509  O OG  . SER A 1 66 ? -2.958  -2.054  11.765  1.00 36.35 ? 66  SER A OG  1 
ATOM   510  N N   . SER A 1 67 ? -0.942  -2.396  8.738   1.00 19.91 ? 67  SER A N   1 
ATOM   511  C CA  . SER A 1 67 ? 0.490   -2.121  8.575   1.00 22.06 ? 67  SER A CA  1 
ATOM   512  C C   . SER A 1 67 ? 0.725   -0.889  7.697   1.00 22.58 ? 67  SER A C   1 
ATOM   513  O O   . SER A 1 67 ? 1.755   -0.193  7.818   1.00 21.80 ? 67  SER A O   1 
ATOM   514  C CB  . SER A 1 67 ? 1.229   -3.332  7.983   1.00 15.88 ? 67  SER A CB  1 
ATOM   515  O OG  . SER A 1 67 ? 1.019   -3.479  6.574   1.00 19.98 ? 67  SER A OG  1 
ATOM   516  N N   . LEU A 1 68 ? -0.240  -0.616  6.821   1.00 17.72 ? 68  LEU A N   1 
ATOM   517  C CA  . LEU A 1 68 ? -0.176  0.530   5.910   1.00 20.99 ? 68  LEU A CA  1 
ATOM   518  C C   . LEU A 1 68 ? -0.961  1.740   6.424   1.00 17.73 ? 68  LEU A C   1 
ATOM   519  O O   . LEU A 1 68 ? -1.284  2.643   5.658   1.00 19.24 ? 68  LEU A O   1 
ATOM   520  C CB  . LEU A 1 68 ? -0.680  0.139   4.514   1.00 19.54 ? 68  LEU A CB  1 
ATOM   521  C CG  . LEU A 1 68 ? 0.215   -0.823  3.737   1.00 21.21 ? 68  LEU A CG  1 
ATOM   522  C CD1 . LEU A 1 68 ? -0.468  -1.239  2.435   1.00 20.63 ? 68  LEU A CD1 1 
ATOM   523  C CD2 . LEU A 1 68 ? 1.582   -0.190  3.474   1.00 20.23 ? 68  LEU A CD2 1 
ATOM   524  N N   . ASN A 1 69 ? -1.241  1.743   7.722   1.00 17.14 ? 69  ASN A N   1 
ATOM   525  C CA  . ASN A 1 69 ? -1.971  2.827   8.378   1.00 21.22 ? 69  ASN A CA  1 
ATOM   526  C C   . ASN A 1 69 ? -3.400  2.961   7.883   1.00 24.15 ? 69  ASN A C   1 
ATOM   527  O O   . ASN A 1 69 ? -3.978  4.049   7.920   1.00 22.50 ? 69  ASN A O   1 
ATOM   528  C CB  . ASN A 1 69 ? -1.233  4.158   8.213   1.00 21.52 ? 69  ASN A CB  1 
ATOM   529  C CG  . ASN A 1 69 ? -1.480  5.103   9.372   1.00 22.77 ? 69  ASN A CG  1 
ATOM   530  O OD1 . ASN A 1 69 ? -1.442  4.702   10.539  1.00 26.90 ? 69  ASN A OD1 1 
ATOM   531  N ND2 . ASN A 1 69 ? -1.753  6.359   9.058   1.00 27.28 ? 69  ASN A ND2 1 
ATOM   532  N N   . ASN A 1 70 ? -3.981  1.855   7.427   1.00 19.95 ? 70  ASN A N   1 
ATOM   533  C CA  . ASN A 1 70 ? -5.342  1.900   6.901   1.00 21.77 ? 70  ASN A CA  1 
ATOM   534  C C   . ASN A 1 70 ? -6.342  1.165   7.786   1.00 24.97 ? 70  ASN A C   1 
ATOM   535  O O   . ASN A 1 70 ? -5.970  0.434   8.704   1.00 20.99 ? 70  ASN A O   1 
ATOM   536  C CB  . ASN A 1 70 ? -5.409  1.306   5.494   1.00 21.71 ? 70  ASN A CB  1 
ATOM   537  C CG  . ASN A 1 70 ? -4.576  2.062   4.497   1.00 22.26 ? 70  ASN A CG  1 
ATOM   538  O OD1 . ASN A 1 70 ? -4.507  3.289   4.527   1.00 21.19 ? 70  ASN A OD1 1 
ATOM   539  N ND2 . ASN A 1 70 ? -3.936  1.332   3.597   1.00 18.78 ? 70  ASN A ND2 1 
ATOM   540  N N   . ASN A 1 71 ? -7.621  1.365   7.496   1.00 24.53 ? 71  ASN A N   1 
ATOM   541  C CA  . ASN A 1 71 ? -8.665  0.560   8.117   1.00 27.34 ? 71  ASN A CA  1 
ATOM   542  C C   . ASN A 1 71 ? -9.051  -0.591  7.188   1.00 25.40 ? 71  ASN A C   1 
ATOM   543  O O   . ASN A 1 71 ? -8.508  -0.718  6.084   1.00 26.15 ? 71  ASN A O   1 
ATOM   544  C CB  . ASN A 1 71 ? -9.891  1.419   8.440   1.00 26.09 ? 71  ASN A CB  1 
ATOM   545  C CG  . ASN A 1 71 ? -9.585  2.523   9.459   1.00 32.56 ? 71  ASN A CG  1 
ATOM   546  O OD1 . ASN A 1 71 ? -10.019 3.667   9.300   1.00 35.59 ? 71  ASN A OD1 1 
ATOM   547  N ND2 . ASN A 1 71 ? -8.833  2.181   10.506  1.00 26.15 ? 71  ASN A ND2 1 
ATOM   548  N N   . MET A 1 72 ? -9.979  -1.438  7.627   1.00 22.57 ? 72  MET A N   1 
ATOM   549  C CA  . MET A 1 72 ? -10.471 -2.498  6.751   1.00 22.82 ? 72  MET A CA  1 
ATOM   550  C C   . MET A 1 72 ? -11.995 -2.560  6.773   1.00 24.46 ? 72  MET A C   1 
ATOM   551  O O   . MET A 1 72 ? -12.608 -2.458  7.827   1.00 24.52 ? 72  MET A O   1 
ATOM   552  C CB  . MET A 1 72 ? -9.906  -3.848  7.175   1.00 23.60 ? 72  MET A CB  1 
ATOM   553  C CG  . MET A 1 72 ? -10.490 -5.014  6.391   1.00 24.39 ? 72  MET A CG  1 
ATOM   554  S SD  . MET A 1 72 ? -9.916  -6.587  7.047   1.00 23.26 ? 72  MET A SD  1 
ATOM   555  C CE  . MET A 1 72 ? -10.813 -6.672  8.595   1.00 24.61 ? 72  MET A CE  1 
ATOM   556  N N   . SER A 1 73 ? -12.593 -2.710  5.597   1.00 26.52 ? 73  SER A N   1 
ATOM   557  C CA  . SER A 1 73 ? -14.008 -3.034  5.499   1.00 29.43 ? 73  SER A CA  1 
ATOM   558  C C   . SER A 1 73 ? -14.188 -4.437  4.938   1.00 26.17 ? 73  SER A C   1 
ATOM   559  O O   . SER A 1 73 ? -13.459 -4.856  4.033   1.00 23.63 ? 73  SER A O   1 
ATOM   560  C CB  . SER A 1 73 ? -14.745 -2.036  4.612   1.00 27.99 ? 73  SER A CB  1 
ATOM   561  O OG  . SER A 1 73 ? -14.925 -0.795  5.271   1.00 35.19 ? 73  SER A OG  1 
ATOM   562  N N   . CYS A 1 74 ? -15.169 -5.151  5.483   1.00 29.44 ? 74  CYS A N   1 
ATOM   563  C CA  . CYS A 1 74 ? -15.515 -6.490  5.012   1.00 30.14 ? 74  CYS A CA  1 
ATOM   564  C C   . CYS A 1 74 ? -17.028 -6.627  4.850   1.00 34.38 ? 74  CYS A C   1 
ATOM   565  O O   . CYS A 1 74 ? -17.787 -6.097  5.653   1.00 31.89 ? 74  CYS A O   1 
ATOM   566  C CB  . CYS A 1 74 ? -15.034 -7.543  6.005   1.00 31.61 ? 74  CYS A CB  1 
ATOM   567  S SG  . CYS A 1 74 ? -13.251 -7.792  6.039   1.00 25.79 ? 74  CYS A SG  1 
ATOM   568  N N   . ARG A 1 75 ? -17.451 -7.336  3.806   1.00 35.82 ? 75  ARG A N   1 
ATOM   569  C CA  . ARG A 1 75 ? -18.836 -7.764  3.665   1.00 37.53 ? 75  ARG A CA  1 
ATOM   570  C C   . ARG A 1 75 ? -18.887 -9.290  3.775   1.00 37.59 ? 75  ARG A C   1 
ATOM   571  O O   . ARG A 1 75 ? -17.992 -9.987  3.297   1.00 35.45 ? 75  ARG A O   1 
ATOM   572  C CB  . ARG A 1 75 ? -19.409 -7.321  2.312   1.00 36.13 ? 75  ARG A CB  1 
ATOM   573  C CG  . ARG A 1 75 ? -19.354 -5.821  2.041   1.00 43.56 ? 75  ARG A CG  1 
ATOM   574  C CD  . ARG A 1 75 ? -20.474 -5.073  2.769   1.00 49.23 ? 75  ARG A CD  1 
ATOM   575  N NE  . ARG A 1 75 ? -20.291 -3.617  2.758   1.00 53.78 ? 75  ARG A NE  1 
ATOM   576  C CZ  . ARG A 1 75 ? -19.870 -2.898  3.799   1.00 51.27 ? 75  ARG A CZ  1 
ATOM   577  N NH1 . ARG A 1 75 ? -19.585 -3.488  4.956   1.00 49.56 ? 75  ARG A NH1 1 
ATOM   578  N NH2 . ARG A 1 75 ? -19.732 -1.580  3.687   1.00 56.09 ? 75  ARG A NH2 1 
ATOM   579  N N   . SER A 1 76 ? -19.929 -9.801  4.421   1.00 39.50 ? 76  SER A N   1 
ATOM   580  C CA  . SER A 1 76 ? -20.184 -11.237 4.485   1.00 37.33 ? 76  SER A CA  1 
ATOM   581  C C   . SER A 1 76 ? -20.923 -11.673 3.215   1.00 38.04 ? 76  SER A C   1 
ATOM   582  O O   . SER A 1 76 ? -21.826 -10.983 2.761   1.00 37.39 ? 76  SER A O   1 
ATOM   583  C CB  . SER A 1 76 ? -21.017 -11.557 5.729   1.00 38.51 ? 76  SER A CB  1 
ATOM   584  O OG  . SER A 1 76 ? -21.496 -12.893 5.712   1.00 46.31 ? 76  SER A OG  1 
ATOM   585  N N   . LEU A 1 77 ? -20.545 -12.810 2.633   1.00 37.04 ? 77  LEU A N   1 
ATOM   586  C CA  . LEU A 1 77 ? -21.179 -13.248 1.387   1.00 34.59 ? 77  LEU A CA  1 
ATOM   587  C C   . LEU A 1 77 ? -22.072 -14.473 1.592   1.00 36.79 ? 77  LEU A C   1 
ATOM   588  O O   . LEU A 1 77 ? -22.030 -15.106 2.649   1.00 38.62 ? 77  LEU A O   1 
ATOM   589  C CB  . LEU A 1 77 ? -20.128 -13.526 0.305   1.00 28.59 ? 77  LEU A CB  1 
ATOM   590  C CG  . LEU A 1 77 ? -19.217 -12.362 -0.088  1.00 29.48 ? 77  LEU A CG  1 
ATOM   591  C CD1 . LEU A 1 77 ? -18.064 -12.836 -0.996  1.00 28.44 ? 77  LEU A CD1 1 
ATOM   592  C CD2 . LEU A 1 77 ? -20.037 -11.277 -0.775  1.00 31.80 ? 77  LEU A CD2 1 
ATOM   593  N N   . PRO B 2 4  ? 16.601  19.617  -13.046 1.00 46.64 ? 4   PRO B N   1 
ATOM   594  C CA  . PRO B 2 4  ? 15.946  18.671  -12.132 1.00 52.56 ? 4   PRO B CA  1 
ATOM   595  C C   . PRO B 2 4  ? 16.953  17.770  -11.414 1.00 55.48 ? 4   PRO B C   1 
ATOM   596  O O   . PRO B 2 4  ? 17.743  17.078  -12.066 1.00 54.84 ? 4   PRO B O   1 
ATOM   597  C CB  . PRO B 2 4  ? 15.062  17.849  -13.069 1.00 55.26 ? 4   PRO B CB  1 
ATOM   598  C CG  . PRO B 2 4  ? 14.682  18.826  -14.152 1.00 51.40 ? 4   PRO B CG  1 
ATOM   599  C CD  . PRO B 2 4  ? 15.884  19.740  -14.329 1.00 52.23 ? 4   PRO B CD  1 
ATOM   600  N N   . ARG B 2 5  ? 16.917  17.786  -10.082 1.00 48.37 ? 5   ARG B N   1 
ATOM   601  C CA  . ARG B 2 5  ? 17.871  17.039  -9.271  1.00 45.17 ? 5   ARG B CA  1 
ATOM   602  C C   . ARG B 2 5  ? 17.190  15.912  -8.520  1.00 41.95 ? 5   ARG B C   1 
ATOM   603  O O   . ARG B 2 5  ? 15.966  15.857  -8.428  1.00 44.01 ? 5   ARG B O   1 
ATOM   604  C CB  . ARG B 2 5  ? 18.555  17.960  -8.261  1.00 47.17 ? 5   ARG B CB  1 
ATOM   605  C CG  . ARG B 2 5  ? 18.987  19.291  -8.838  1.00 55.75 ? 5   ARG B CG  1 
ATOM   606  C CD  . ARG B 2 5  ? 19.982  19.105  -9.967  1.00 56.36 ? 5   ARG B CD  1 
ATOM   607  N NE  . ARG B 2 5  ? 21.361  19.160  -9.488  1.00 59.16 ? 5   ARG B NE  1 
ATOM   608  C CZ  . ARG B 2 5  ? 22.138  18.096  -9.308  1.00 59.54 ? 5   ARG B CZ  1 
ATOM   609  N NH1 . ARG B 2 5  ? 21.677  16.877  -9.575  1.00 53.05 ? 5   ARG B NH1 1 
ATOM   610  N NH2 . ARG B 2 5  ? 23.383  18.256  -8.869  1.00 57.06 ? 5   ARG B NH2 1 
ATOM   611  N N   . PRO B 2 6  ? 17.989  15.002  -7.967  1.00 40.80 ? 6   PRO B N   1 
ATOM   612  C CA  . PRO B 2 6  ? 17.385  13.865  -7.273  1.00 39.76 ? 6   PRO B CA  1 
ATOM   613  C C   . PRO B 2 6  ? 16.783  14.265  -5.931  1.00 31.92 ? 6   PRO B C   1 
ATOM   614  O O   . PRO B 2 6  ? 17.345  15.087  -5.206  1.00 32.15 ? 6   PRO B O   1 
ATOM   615  C CB  . PRO B 2 6  ? 18.566  12.903  -7.085  1.00 42.12 ? 6   PRO B CB  1 
ATOM   616  C CG  . PRO B 2 6  ? 19.589  13.349  -8.121  1.00 41.17 ? 6   PRO B CG  1 
ATOM   617  C CD  . PRO B 2 6  ? 19.435  14.828  -8.173  1.00 42.95 ? 6   PRO B CD  1 
ATOM   618  N N   . VAL B 2 7  ? 15.638  13.671  -5.615  1.00 30.75 ? 7   VAL B N   1 
ATOM   619  C CA  . VAL B 2 7  ? 14.931  13.944  -4.369  1.00 27.00 ? 7   VAL B CA  1 
ATOM   620  C C   . VAL B 2 7  ? 14.854  12.661  -3.543  1.00 24.51 ? 7   VAL B C   1 
ATOM   621  O O   . VAL B 2 7  ? 14.941  11.555  -4.090  1.00 28.39 ? 7   VAL B O   1 
ATOM   622  C CB  . VAL B 2 7  ? 13.498  14.484  -4.663  1.00 28.38 ? 7   VAL B CB  1 
ATOM   623  C CG1 . VAL B 2 7  ? 12.623  13.378  -5.214  1.00 27.76 ? 7   VAL B CG1 1 
ATOM   624  C CG2 . VAL B 2 7  ? 12.873  15.060  -3.410  1.00 25.34 ? 7   VAL B CG2 1 
ATOM   625  N N   . MET B 2 8  ? 14.731  12.794  -2.227  1.00 21.51 ? 8   MET B N   1 
ATOM   626  C CA  . MET B 2 8  ? 14.451  11.648  -1.368  1.00 22.43 ? 8   MET B CA  1 
ATOM   627  C C   . MET B 2 8  ? 13.186  11.955  -0.562  1.00 22.69 ? 8   MET B C   1 
ATOM   628  O O   . MET B 2 8  ? 13.004  13.074  -0.102  1.00 20.06 ? 8   MET B O   1 
ATOM   629  C CB  . MET B 2 8  ? 15.640  11.327  -0.454  1.00 24.90 ? 8   MET B CB  1 
ATOM   630  C CG  . MET B 2 8  ? 16.026  12.439  0.509   1.00 22.87 ? 8   MET B CG  1 
ATOM   631  S SD  . MET B 2 8  ? 17.586  12.115  1.371   1.00 33.61 ? 8   MET B SD  1 
ATOM   632  C CE  . MET B 2 8  ? 17.560  13.414  2.584   1.00 31.43 ? 8   MET B CE  1 
ATOM   633  N N   . CYS B 2 9  ? 12.314  10.963  -0.407  1.00 20.22 ? 9   CYS B N   1 
ATOM   634  C CA  . CYS B 2 9  ? 11.000  11.195  0.166   1.00 20.11 ? 9   CYS B CA  1 
ATOM   635  C C   . CYS B 2 9  ? 10.567  10.120  1.144   1.00 18.22 ? 9   CYS B C   1 
ATOM   636  O O   . CYS B 2 9  ? 10.982  8.962   1.044   1.00 18.76 ? 9   CYS B O   1 
ATOM   637  C CB  . CYS B 2 9  ? 9.942   11.277  -0.944  1.00 21.75 ? 9   CYS B CB  1 
ATOM   638  S SG  . CYS B 2 9  ? 10.180  12.553  -2.208  1.00 22.27 ? 9   CYS B SG  1 
ATOM   639  N N   . GLN B 2 10 ? 9.737   10.531  2.097   1.00 18.18 ? 10  GLN B N   1 
ATOM   640  C CA  . GLN B 2 10 ? 9.052   9.632   3.010   1.00 17.28 ? 10  GLN B CA  1 
ATOM   641  C C   . GLN B 2 10 ? 7.560   9.845   2.816   1.00 20.51 ? 10  GLN B C   1 
ATOM   642  O O   . GLN B 2 10 ? 7.120   10.956  2.530   1.00 18.70 ? 10  GLN B O   1 
ATOM   643  C CB  . GLN B 2 10 ? 9.364   9.993   4.469   1.00 21.03 ? 10  GLN B CB  1 
ATOM   644  C CG  . GLN B 2 10 ? 10.829  10.069  4.869   1.00 23.03 ? 10  GLN B CG  1 
ATOM   645  C CD  . GLN B 2 10 ? 10.970  10.516  6.316   1.00 29.86 ? 10  GLN B CD  1 
ATOM   646  O OE1 . GLN B 2 10 ? 11.784  9.989   7.073   1.00 34.66 ? 10  GLN B OE1 1 
ATOM   647  N NE2 . GLN B 2 10 ? 10.162  11.487  6.706   1.00 27.66 ? 10  GLN B NE2 1 
ATOM   648  N N   . CYS B 2 11 ? 6.777   8.782   2.977   1.00 18.94 ? 11  CYS B N   1 
ATOM   649  C CA  . CYS B 2 11 ? 5.336   8.921   3.182   1.00 18.53 ? 11  CYS B CA  1 
ATOM   650  C C   . CYS B 2 11 ? 5.112   9.241   4.649   1.00 17.20 ? 11  CYS B C   1 
ATOM   651  O O   . CYS B 2 11 ? 5.765   8.666   5.511   1.00 22.53 ? 11  CYS B O   1 
ATOM   652  C CB  . CYS B 2 11 ? 4.621   7.607   2.814   1.00 14.14 ? 11  CYS B CB  1 
ATOM   653  S SG  . CYS B 2 11 ? 4.835   7.136   1.095   1.00 19.56 ? 11  CYS B SG  1 
ATOM   654  N N   . VAL B 2 12 ? 4.197   10.164  4.936   1.00 16.17 ? 12  VAL B N   1 
ATOM   655  C CA  . VAL B 2 12 ? 3.953   10.591  6.302   1.00 20.03 ? 12  VAL B CA  1 
ATOM   656  C C   . VAL B 2 12 ? 2.456   10.702  6.577   1.00 21.31 ? 12  VAL B C   1 
ATOM   657  O O   . VAL B 2 12 ? 1.655   10.889  5.658   1.00 23.19 ? 12  VAL B O   1 
ATOM   658  C CB  . VAL B 2 12 ? 4.626   11.960  6.592   1.00 22.86 ? 12  VAL B CB  1 
ATOM   659  C CG1 . VAL B 2 12 ? 6.139   11.848  6.440   1.00 25.72 ? 12  VAL B CG1 1 
ATOM   660  C CG2 . VAL B 2 12 ? 4.076   13.037  5.656   1.00 21.25 ? 12  VAL B CG2 1 
ATOM   661  N N   . ASP B 2 13 ? 2.091   10.594  7.846   1.00 23.93 ? 13  ASP B N   1 
ATOM   662  C CA  . ASP B 2 13 ? 0.699   10.701  8.242   1.00 28.81 ? 13  ASP B CA  1 
ATOM   663  C C   . ASP B 2 13 ? 0.186   12.121  8.020   1.00 34.61 ? 13  ASP B C   1 
ATOM   664  O O   . ASP B 2 13 ? 0.921   13.103  8.164   1.00 31.38 ? 13  ASP B O   1 
ATOM   665  C CB  . ASP B 2 13 ? 0.519   10.288  9.700   1.00 30.29 ? 13  ASP B CB  1 
ATOM   666  C CG  . ASP B 2 13 ? -0.845  9.682   9.964   1.00 32.48 ? 13  ASP B CG  1 
ATOM   667  O OD1 . ASP B 2 13 ? -1.705  9.750   9.060   1.00 32.03 ? 13  ASP B OD1 1 
ATOM   668  O OD2 . ASP B 2 13 ? -1.050  9.127   11.067  1.00 37.15 ? 13  ASP B OD2 1 
ATOM   669  N N   . THR B 2 14 ? -1.082  12.223  7.653   1.00 32.48 ? 14  THR B N   1 
ATOM   670  C CA  . THR B 2 14 ? -1.686  13.521  7.411   1.00 39.88 ? 14  THR B CA  1 
ATOM   671  C C   . THR B 2 14 ? -2.200  14.103  8.727   1.00 41.65 ? 14  THR B C   1 
ATOM   672  O O   . THR B 2 14 ? -3.036  14.992  8.725   1.00 43.47 ? 14  THR B O   1 
ATOM   673  C CB  . THR B 2 14 ? -2.835  13.409  6.386   1.00 36.55 ? 14  THR B CB  1 
ATOM   674  O OG1 . THR B 2 14 ? -3.810  12.471  6.862   1.00 35.45 ? 14  THR B OG1 1 
ATOM   675  C CG2 . THR B 2 14 ? -2.311  12.921  5.055   1.00 29.81 ? 14  THR B CG2 1 
ATOM   676  N N   . THR B 2 15 ? -1.697  13.589  9.850   1.00 46.38 ? 15  THR B N   1 
ATOM   677  C CA  . THR B 2 15 ? -2.092  14.068  11.173  1.00 47.83 ? 15  THR B CA  1 
ATOM   678  C C   . THR B 2 15 ? -0.874  14.479  12.002  1.00 58.30 ? 15  THR B C   1 
ATOM   679  O O   . THR B 2 15 ? 0.009   15.201  11.528  1.00 54.92 ? 15  THR B O   1 
ATOM   680  C CB  . THR B 2 15 ? -2.895  13.005  11.981  1.00 49.75 ? 15  THR B CB  1 
ATOM   681  O OG1 . THR B 2 15 ? -2.056  11.880  12.283  1.00 52.87 ? 15  THR B OG1 1 
ATOM   682  C CG2 . THR B 2 15 ? -4.139  12.544  11.211  1.00 47.19 ? 15  THR B CG2 1 
ATOM   683  N N   . ASN B 2 16 ? -0.842  13.998  13.245  1.00 65.37 ? 16  ASN B N   1 
ATOM   684  C CA  . ASN B 2 16 ? 0.197   14.351  14.222  1.00 63.94 ? 16  ASN B CA  1 
ATOM   685  C C   . ASN B 2 16 ? 1.593   14.650  13.658  1.00 62.49 ? 16  ASN B C   1 
ATOM   686  O O   . ASN B 2 16 ? 2.416   13.746  13.491  1.00 59.50 ? 16  ASN B O   1 
ATOM   687  C CB  . ASN B 2 16 ? 0.287   13.282  15.326  1.00 62.73 ? 16  ASN B CB  1 
ATOM   688  C CG  . ASN B 2 16 ? 0.261   11.864  14.777  1.00 61.91 ? 16  ASN B CG  1 
ATOM   689  O OD1 . ASN B 2 16 ? -0.805  11.256  14.648  1.00 61.83 ? 16  ASN B OD1 1 
ATOM   690  N ND2 . ASN B 2 16 ? 1.438   11.322  14.469  1.00 57.69 ? 16  ASN B ND2 1 
ATOM   691  N N   . GLY B 2 17 ? 1.852   15.930  13.384  1.00 65.67 ? 17  GLY B N   1 
ATOM   692  C CA  . GLY B 2 17 ? 3.132   16.373  12.851  1.00 62.10 ? 17  GLY B CA  1 
ATOM   693  C C   . GLY B 2 17 ? 3.479   15.754  11.509  1.00 55.13 ? 17  GLY B C   1 
ATOM   694  O O   . GLY B 2 17 ? 4.373   16.226  10.797  1.00 54.25 ? 17  GLY B O   1 
ATOM   695  N N   . GLY B 2 18 ? 2.754   14.697  11.158  1.00 51.23 ? 18  GLY B N   1 
ATOM   696  C CA  . GLY B 2 18 ? 3.047   13.940  9.961   1.00 41.20 ? 18  GLY B CA  1 
ATOM   697  C C   . GLY B 2 18 ? 4.219   13.018  10.215  1.00 37.55 ? 18  GLY B C   1 
ATOM   698  O O   . GLY B 2 18 ? 5.302   13.203  9.658   1.00 33.80 ? 18  GLY B O   1 
ATOM   699  N N   . VAL B 2 19 ? 4.005   12.015  11.061  1.00 37.27 ? 19  VAL B N   1 
ATOM   700  C CA  . VAL B 2 19 ? 5.069   11.069  11.383  1.00 34.76 ? 19  VAL B CA  1 
ATOM   701  C C   . VAL B 2 19 ? 5.351   10.144  10.183  1.00 30.35 ? 19  VAL B C   1 
ATOM   702  O O   . VAL B 2 19 ? 4.479   9.949   9.334   1.00 29.13 ? 19  VAL B O   1 
ATOM   703  C CB  . VAL B 2 19 ? 4.747   10.274  12.669  1.00 35.43 ? 19  VAL B CB  1 
ATOM   704  C CG1 . VAL B 2 19 ? 3.598   9.294   12.442  1.00 34.32 ? 19  VAL B CG1 1 
ATOM   705  C CG2 . VAL B 2 19 ? 5.982   9.564   13.177  1.00 39.50 ? 19  VAL B CG2 1 
ATOM   706  N N   . ARG B 2 20 ? 6.574   9.618   10.099  1.00 28.63 ? 20  ARG B N   1 
ATOM   707  C CA  . ARG B 2 20 ? 6.958   8.654   9.062   1.00 27.98 ? 20  ARG B CA  1 
ATOM   708  C C   . ARG B 2 20 ? 6.020   7.455   9.088   1.00 23.12 ? 20  ARG B C   1 
ATOM   709  O O   . ARG B 2 20 ? 5.738   6.939   10.159  1.00 20.50 ? 20  ARG B O   1 
ATOM   710  C CB  . ARG B 2 20 ? 8.345   8.090   9.362   1.00 27.55 ? 20  ARG B CB  1 
ATOM   711  C CG  . ARG B 2 20 ? 9.474   9.066   9.362   1.00 36.46 ? 20  ARG B CG  1 
ATOM   712  C CD  . ARG B 2 20 ? 10.662  8.463   10.109  1.00 34.25 ? 20  ARG B CD  1 
ATOM   713  N NE  . ARG B 2 20 ? 10.963  7.094   9.680   1.00 32.88 ? 20  ARG B NE  1 
ATOM   714  C CZ  . ARG B 2 20 ? 12.013  6.396   10.108  1.00 37.74 ? 20  ARG B CZ  1 
ATOM   715  N NH1 . ARG B 2 20 ? 12.850  6.949   10.971  1.00 37.90 ? 20  ARG B NH1 1 
ATOM   716  N NH2 . ARG B 2 20 ? 12.239  5.156   9.678   1.00 36.73 ? 20  ARG B NH2 1 
ATOM   717  N N   . LEU B 2 21 ? 5.560   7.003   7.924   1.00 22.30 ? 21  LEU B N   1 
ATOM   718  C CA  . LEU B 2 21 ? 4.798   5.752   7.852   1.00 20.25 ? 21  LEU B CA  1 
ATOM   719  C C   . LEU B 2 21 ? 5.632   4.796   7.037   1.00 19.04 ? 21  LEU B C   1 
ATOM   720  O O   . LEU B 2 21 ? 5.537   4.763   5.810   1.00 18.45 ? 21  LEU B O   1 
ATOM   721  C CB  . LEU B 2 21 ? 3.445   5.974   7.168   1.00 15.80 ? 21  LEU B CB  1 
ATOM   722  C CG  . LEU B 2 21 ? 2.444   6.926   7.821   1.00 19.55 ? 21  LEU B CG  1 
ATOM   723  C CD1 . LEU B 2 21 ? 1.179   7.101   6.953   1.00 17.24 ? 21  LEU B CD1 1 
ATOM   724  C CD2 . LEU B 2 21 ? 2.104   6.454   9.203   1.00 19.47 ? 21  LEU B CD2 1 
ATOM   725  N N   . ASP B 2 22 ? 6.480   4.031   7.717   1.00 25.01 ? 22  ASP B N   1 
ATOM   726  C CA  . ASP B 2 22 ? 7.537   3.291   7.038   1.00 22.91 ? 22  ASP B CA  1 
ATOM   727  C C   . ASP B 2 22 ? 7.052   2.256   6.008   1.00 19.41 ? 22  ASP B C   1 
ATOM   728  O O   . ASP B 2 22 ? 7.561   2.186   4.906   1.00 21.33 ? 22  ASP B O   1 
ATOM   729  C CB  . ASP B 2 22 ? 8.505   2.675   8.063   1.00 23.51 ? 22  ASP B CB  1 
ATOM   730  C CG  . ASP B 2 22 ? 9.319   3.737   8.821   1.00 31.21 ? 22  ASP B CG  1 
ATOM   731  O OD1 . ASP B 2 22 ? 9.458   4.884   8.327   1.00 24.06 ? 22  ASP B OD1 1 
ATOM   732  O OD2 . ASP B 2 22 ? 9.834   3.417   9.911   1.00 32.13 ? 22  ASP B OD2 1 
ATOM   733  N N   . ALA B 2 23 ? 6.055   1.460   6.366   1.00 21.52 ? 23  ALA B N   1 
ATOM   734  C CA  . ALA B 2 23 ? 5.572   0.426   5.460   1.00 20.38 ? 23  ALA B CA  1 
ATOM   735  C C   . ALA B 2 23 ? 4.932   1.033   4.212   1.00 20.39 ? 23  ALA B C   1 
ATOM   736  O O   . ALA B 2 23 ? 4.979   0.456   3.113   1.00 18.04 ? 23  ALA B O   1 
ATOM   737  C CB  . ALA B 2 23 ? 4.602   -0.481  6.184   1.00 23.80 ? 23  ALA B CB  1 
ATOM   738  N N   . VAL B 2 24 ? 4.339   2.207   4.386   1.00 20.80 ? 24  VAL B N   1 
ATOM   739  C CA  . VAL B 2 24 ? 3.758   2.942   3.267   1.00 18.00 ? 24  VAL B CA  1 
ATOM   740  C C   . VAL B 2 24 ? 4.879   3.440   2.353   1.00 15.61 ? 24  VAL B C   1 
ATOM   741  O O   . VAL B 2 24 ? 4.830   3.288   1.129   1.00 15.77 ? 24  VAL B O   1 
ATOM   742  C CB  . VAL B 2 24 ? 2.896   4.128   3.777   1.00 16.86 ? 24  VAL B CB  1 
ATOM   743  C CG1 . VAL B 2 24 ? 2.225   4.826   2.617   1.00 15.85 ? 24  VAL B CG1 1 
ATOM   744  C CG2 . VAL B 2 24 ? 1.830   3.626   4.764   1.00 18.02 ? 24  VAL B CG2 1 
ATOM   745  N N   . THR B 2 25 ? 5.904   4.045   2.956   1.00 17.79 ? 25  THR B N   1 
ATOM   746  C CA  . THR B 2 25 ? 7.073   4.454   2.194   1.00 14.16 ? 25  THR B CA  1 
ATOM   747  C C   . THR B 2 25 ? 7.693   3.257   1.446   1.00 16.69 ? 25  THR B C   1 
ATOM   748  O O   . THR B 2 25 ? 8.010   3.365   0.263   1.00 16.59 ? 25  THR B O   1 
ATOM   749  C CB  . THR B 2 25 ? 8.143   5.113   3.091   1.00 15.84 ? 25  THR B CB  1 
ATOM   750  O OG1 . THR B 2 25 ? 7.543   6.164   3.871   1.00 19.13 ? 25  THR B OG1 1 
ATOM   751  C CG2 . THR B 2 25 ? 9.231   5.692   2.250   1.00 17.43 ? 25  THR B CG2 1 
ATOM   752  N N   . ARG B 2 26 ? 7.883   2.142   2.152   1.00 16.50 ? 26  ARG B N   1 
ATOM   753  C CA  . ARG B 2 26 ? 8.433   0.934   1.543   1.00 19.95 ? 26  ARG B CA  1 
ATOM   754  C C   . ARG B 2 26 ? 7.604   0.497   0.322   1.00 20.64 ? 26  ARG B C   1 
ATOM   755  O O   . ARG B 2 26 ? 8.146   0.144   -0.730  1.00 18.69 ? 26  ARG B O   1 
ATOM   756  C CB  . ARG B 2 26 ? 8.504   -0.184  2.593   1.00 20.93 ? 26  ARG B CB  1 
ATOM   757  C CG  . ARG B 2 26 ? 8.898   -1.531  2.061   1.00 34.86 ? 26  ARG B CG  1 
ATOM   758  C CD  . ARG B 2 26 ? 9.149   -2.514  3.209   1.00 35.75 ? 26  ARG B CD  1 
ATOM   759  N NE  . ARG B 2 26 ? 9.977   -1.919  4.258   1.00 32.56 ? 26  ARG B NE  1 
ATOM   760  C CZ  . ARG B 2 26 ? 9.547   -1.656  5.483   1.00 30.69 ? 26  ARG B CZ  1 
ATOM   761  N NH1 . ARG B 2 26 ? 8.292   -1.940  5.815   1.00 39.13 ? 26  ARG B NH1 1 
ATOM   762  N NH2 . ARG B 2 26 ? 10.366  -1.115  6.374   1.00 31.60 ? 26  ARG B NH2 1 
ATOM   763  N N   . ALA B 2 27 ? 6.284   0.531   0.461   1.00 22.41 ? 27  ALA B N   1 
ATOM   764  C CA  . ALA B 2 27 ? 5.411   0.094   -0.629  1.00 22.18 ? 27  ALA B CA  1 
ATOM   765  C C   . ALA B 2 27 ? 5.516   1.047   -1.811  1.00 23.25 ? 27  ALA B C   1 
ATOM   766  O O   . ALA B 2 27 ? 5.603   0.630   -2.961  1.00 22.87 ? 27  ALA B O   1 
ATOM   767  C CB  . ALA B 2 27 ? 3.965   -0.010  -0.147  1.00 24.06 ? 27  ALA B CB  1 
ATOM   768  N N   . ALA B 2 28 ? 5.526   2.343   -1.520  1.00 18.69 ? 28  ALA B N   1 
ATOM   769  C CA  . ALA B 2 28 ? 5.601   3.353   -2.568  1.00 22.88 ? 28  ALA B CA  1 
ATOM   770  C C   . ALA B 2 28 ? 6.934   3.305   -3.297  1.00 21.92 ? 28  ALA B C   1 
ATOM   771  O O   . ALA B 2 28 ? 6.996   3.527   -4.505  1.00 25.62 ? 28  ALA B O   1 
ATOM   772  C CB  . ALA B 2 28 ? 5.359   4.744   -1.975  1.00 20.89 ? 28  ALA B CB  1 
ATOM   773  N N   . CYS B 2 29 ? 7.994   3.018   -2.542  1.00 23.48 ? 29  CYS B N   1 
ATOM   774  C CA  . CYS B 2 29 ? 9.362   3.023   -3.066  1.00 25.78 ? 29  CYS B CA  1 
ATOM   775  C C   . CYS B 2 29 ? 9.640   1.893   -4.063  1.00 30.74 ? 29  CYS B C   1 
ATOM   776  O O   . CYS B 2 29 ? 10.449  2.059   -4.972  1.00 33.73 ? 29  CYS B O   1 
ATOM   777  C CB  . CYS B 2 29 ? 10.381  2.957   -1.924  1.00 23.22 ? 29  CYS B CB  1 
ATOM   778  S SG  . CYS B 2 29 ? 12.072  3.450   -2.402  1.00 25.45 ? 29  CYS B SG  1 
ATOM   779  N N   . SER B 2 30 ? 8.976   0.752   -3.905  1.00 30.16 ? 30  SER B N   1 
ATOM   780  C CA  . SER B 2 30 ? 9.155   -0.347  -4.857  1.00 36.17 ? 30  SER B CA  1 
ATOM   781  C C   . SER B 2 30 ? 8.036   -0.398  -5.906  1.00 38.23 ? 30  SER B C   1 
ATOM   782  O O   . SER B 2 30 ? 7.803   0.563   -6.645  1.00 41.29 ? 30  SER B O   1 
ATOM   783  C CB  . SER B 2 30 ? 9.270   -1.685  -4.117  1.00 34.58 ? 30  SER B CB  1 
ATOM   784  O OG  . SER B 2 30 ? 8.096   -1.940  -3.373  1.00 36.06 ? 30  SER B OG  1 
ATOM   785  N N   . ILE B 2 35 ? 8.042   3.900   -9.406  1.00 41.99 ? 35  ILE B N   1 
ATOM   786  C CA  . ILE B 2 35 ? 9.059   4.587   -8.616  1.00 40.26 ? 35  ILE B CA  1 
ATOM   787  C C   . ILE B 2 35 ? 10.389  3.828   -8.661  1.00 39.90 ? 35  ILE B C   1 
ATOM   788  O O   . ILE B 2 35 ? 11.403  4.357   -9.123  1.00 39.72 ? 35  ILE B O   1 
ATOM   789  C CB  . ILE B 2 35 ? 8.624   4.763   -7.143  1.00 34.02 ? 35  ILE B CB  1 
ATOM   790  C CG1 . ILE B 2 35 ? 7.475   5.769   -7.031  1.00 31.34 ? 35  ILE B CG1 1 
ATOM   791  C CG2 . ILE B 2 35 ? 9.796   5.225   -6.303  1.00 32.98 ? 35  ILE B CG2 1 
ATOM   792  C CD1 . ILE B 2 35 ? 7.853   7.181   -7.466  1.00 31.80 ? 35  ILE B CD1 1 
ATOM   793  N N   . ASP B 2 36 ? 10.375  2.602   -8.155  1.00 39.35 ? 36  ASP B N   1 
ATOM   794  C CA  . ASP B 2 36 ? 11.542  1.730   -8.208  1.00 43.50 ? 36  ASP B CA  1 
ATOM   795  C C   . ASP B 2 36 ? 12.837  2.406   -7.720  1.00 40.12 ? 36  ASP B C   1 
ATOM   796  O O   . ASP B 2 36 ? 13.779  2.605   -8.494  1.00 41.18 ? 36  ASP B O   1 
ATOM   797  C CB  . ASP B 2 36 ? 11.708  1.180   -9.630  1.00 46.92 ? 36  ASP B CB  1 
ATOM   798  C CG  . ASP B 2 36 ? 12.613  -0.035  -9.687  1.00 50.87 ? 36  ASP B CG  1 
ATOM   799  O OD1 . ASP B 2 36 ? 12.667  -0.789  -8.691  1.00 47.55 ? 36  ASP B OD1 1 
ATOM   800  O OD2 . ASP B 2 36 ? 13.272  -0.232  -10.729 1.00 52.57 ? 36  ASP B OD2 1 
ATOM   801  N N   . GLY B 2 37 ? 12.875  2.760   -6.437  1.00 35.27 ? 37  GLY B N   1 
ATOM   802  C CA  . GLY B 2 37 ? 14.079  3.300   -5.827  1.00 32.32 ? 37  GLY B CA  1 
ATOM   803  C C   . GLY B 2 37 ? 14.541  2.372   -4.726  1.00 33.04 ? 37  GLY B C   1 
ATOM   804  O O   . GLY B 2 37 ? 14.081  1.235   -4.647  1.00 30.27 ? 37  GLY B O   1 
ATOM   805  N N   . TYR B 2 38 ? 15.439  2.827   -3.861  1.00 29.36 ? 38  TYR B N   1 
ATOM   806  C CA  . TYR B 2 38 ? 15.779  1.978   -2.724  1.00 33.55 ? 38  TYR B CA  1 
ATOM   807  C C   . TYR B 2 38 ? 15.418  2.615   -1.393  1.00 30.41 ? 38  TYR B C   1 
ATOM   808  O O   . TYR B 2 38 ? 15.464  3.845   -1.242  1.00 30.56 ? 38  TYR B O   1 
ATOM   809  C CB  . TYR B 2 38 ? 17.240  1.523   -2.757  1.00 32.16 ? 38  TYR B CB  1 
ATOM   810  C CG  . TYR B 2 38 ? 18.229  2.603   -2.405  1.00 28.15 ? 38  TYR B CG  1 
ATOM   811  C CD1 . TYR B 2 38 ? 18.751  2.697   -1.121  1.00 28.80 ? 38  TYR B CD1 1 
ATOM   812  C CD2 . TYR B 2 38 ? 18.635  3.529   -3.356  1.00 34.19 ? 38  TYR B CD2 1 
ATOM   813  C CE1 . TYR B 2 38 ? 19.661  3.694   -0.784  1.00 31.20 ? 38  TYR B CE1 1 
ATOM   814  C CE2 . TYR B 2 38 ? 19.549  4.528   -3.041  1.00 36.08 ? 38  TYR B CE2 1 
ATOM   815  C CZ  . TYR B 2 38 ? 20.057  4.601   -1.748  1.00 31.44 ? 38  TYR B CZ  1 
ATOM   816  O OH  . TYR B 2 38 ? 20.961  5.593   -1.425  1.00 33.09 ? 38  TYR B OH  1 
ATOM   817  N N   . TYR B 2 39 ? 15.064  1.765   -0.435  1.00 31.32 ? 39  TYR B N   1 
ATOM   818  C CA  . TYR B 2 39 ? 14.554  2.201   0.850   1.00 30.18 ? 39  TYR B CA  1 
ATOM   819  C C   . TYR B 2 39 ? 15.586  2.016   1.950   1.00 33.14 ? 39  TYR B C   1 
ATOM   820  O O   . TYR B 2 39 ? 16.186  0.960   2.065   1.00 34.78 ? 39  TYR B O   1 
ATOM   821  C CB  . TYR B 2 39 ? 13.299  1.404   1.201   1.00 29.90 ? 39  TYR B CB  1 
ATOM   822  C CG  . TYR B 2 39 ? 12.753  1.766   2.550   1.00 27.92 ? 39  TYR B CG  1 
ATOM   823  C CD1 . TYR B 2 39 ? 12.034  2.941   2.727   1.00 23.91 ? 39  TYR B CD1 1 
ATOM   824  C CD2 . TYR B 2 39 ? 12.969  0.954   3.658   1.00 28.87 ? 39  TYR B CD2 1 
ATOM   825  C CE1 . TYR B 2 39 ? 11.544  3.294   3.961   1.00 24.44 ? 39  TYR B CE1 1 
ATOM   826  C CE2 . TYR B 2 39 ? 12.472  1.300   4.905   1.00 28.04 ? 39  TYR B CE2 1 
ATOM   827  C CZ  . TYR B 2 39 ? 11.757  2.479   5.040   1.00 25.09 ? 39  TYR B CZ  1 
ATOM   828  O OH  . TYR B 2 39 ? 11.253  2.849   6.257   1.00 25.39 ? 39  TYR B OH  1 
ATOM   829  N N   . THR B 2 40 ? 15.773  3.040   2.779   1.00 33.74 ? 40  THR B N   1 
ATOM   830  C CA  . THR B 2 40 ? 16.748  2.961   3.863   1.00 33.41 ? 40  THR B CA  1 
ATOM   831  C C   . THR B 2 40 ? 16.075  2.798   5.212   1.00 35.05 ? 40  THR B C   1 
ATOM   832  O O   . THR B 2 40 ? 15.444  3.723   5.716   1.00 39.13 ? 40  THR B O   1 
ATOM   833  C CB  . THR B 2 40 ? 17.656  4.198   3.893   1.00 33.10 ? 40  THR B CB  1 
ATOM   834  O OG1 . THR B 2 40 ? 18.305  4.342   2.624   1.00 29.85 ? 40  THR B OG1 1 
ATOM   835  C CG2 . THR B 2 40 ? 18.698  4.075   5.005   1.00 35.27 ? 40  THR B CG2 1 
ATOM   836  N N   . GLU B 2 41 ? 16.224  1.619   5.806   1.00 38.85 ? 41  GLU B N   1 
ATOM   837  C CA  . GLU B 2 41 ? 15.496  1.280   7.026   1.00 36.40 ? 41  GLU B CA  1 
ATOM   838  C C   . GLU B 2 41 ? 15.641  2.283   8.184   1.00 38.84 ? 41  GLU B C   1 
ATOM   839  O O   . GLU B 2 41 ? 14.652  2.612   8.836   1.00 43.86 ? 41  GLU B O   1 
ATOM   840  C CB  . GLU B 2 41 ? 15.850  -0.145  7.479   1.00 42.49 ? 41  GLU B CB  1 
ATOM   841  C CG  . GLU B 2 41 ? 14.890  -0.725  8.519   1.00 45.52 ? 41  GLU B CG  1 
ATOM   842  C CD  . GLU B 2 41 ? 15.295  -2.121  9.003   1.00 50.65 ? 41  GLU B CD  1 
ATOM   843  O OE1 . GLU B 2 41 ? 15.993  -2.205  10.043  1.00 46.00 ? 41  GLU B OE1 1 
ATOM   844  O OE2 . GLU B 2 41 ? 14.910  -3.129  8.352   1.00 45.91 ? 41  GLU B OE2 1 
ATOM   845  N N   . LYS B 2 42 ? 16.849  2.778   8.439   1.00 38.71 ? 42  LYS B N   1 
ATOM   846  C CA  . LYS B 2 42 ? 17.073  3.603   9.630   1.00 39.44 ? 42  LYS B CA  1 
ATOM   847  C C   . LYS B 2 42 ? 16.458  5.001   9.578   1.00 41.16 ? 42  LYS B C   1 
ATOM   848  O O   . LYS B 2 42 ? 15.932  5.486   10.586  1.00 42.09 ? 42  LYS B O   1 
ATOM   849  C CB  . LYS B 2 42 ? 18.561  3.664   10.022  1.00 41.19 ? 42  LYS B CB  1 
ATOM   850  C CG  . LYS B 2 42 ? 19.535  4.016   8.902   1.00 40.56 ? 42  LYS B CG  1 
ATOM   851  C CD  . LYS B 2 42 ? 20.988  3.950   9.399   1.00 40.41 ? 42  LYS B CD  1 
ATOM   852  C CE  . LYS B 2 42 ? 21.998  4.242   8.279   1.00 33.31 ? 42  LYS B CE  1 
ATOM   853  N NZ  . LYS B 2 42 ? 22.099  3.112   7.291   1.00 38.64 ? 42  LYS B NZ  1 
ATOM   854  N N   . ASP B 2 43 ? 16.516  5.648   8.416   1.00 36.68 ? 43  ASP B N   1 
ATOM   855  C CA  . ASP B 2 43 ? 15.970  6.999   8.289   1.00 33.73 ? 43  ASP B CA  1 
ATOM   856  C C   . ASP B 2 43 ? 14.651  7.044   7.508   1.00 33.53 ? 43  ASP B C   1 
ATOM   857  O O   . ASP B 2 43 ? 14.006  8.088   7.446   1.00 29.08 ? 43  ASP B O   1 
ATOM   858  C CB  . ASP B 2 43 ? 16.992  7.941   7.656   1.00 30.32 ? 43  ASP B CB  1 
ATOM   859  C CG  . ASP B 2 43 ? 17.403  7.498   6.271   1.00 33.92 ? 43  ASP B CG  1 
ATOM   860  O OD1 . ASP B 2 43 ? 16.532  7.048   5.496   1.00 28.87 ? 43  ASP B OD1 1 
ATOM   861  O OD2 . ASP B 2 43 ? 18.606  7.601   5.959   1.00 40.33 ? 43  ASP B OD2 1 
ATOM   862  N N   . GLY B 2 44 ? 14.280  5.923   6.895   1.00 30.60 ? 44  GLY B N   1 
ATOM   863  C CA  . GLY B 2 44 ? 12.960  5.766   6.307   1.00 28.63 ? 44  GLY B CA  1 
ATOM   864  C C   . GLY B 2 44 ? 12.715  6.477   4.988   1.00 28.02 ? 44  GLY B C   1 
ATOM   865  O O   . GLY B 2 44 ? 11.564  6.640   4.567   1.00 24.58 ? 44  GLY B O   1 
ATOM   866  N N   . PHE B 2 45 ? 13.782  6.905   4.323   1.00 25.46 ? 45  PHE B N   1 
ATOM   867  C CA  . PHE B 2 45 ? 13.623  7.576   3.033   1.00 20.87 ? 45  PHE B CA  1 
ATOM   868  C C   . PHE B 2 45 ? 13.746  6.619   1.869   1.00 23.58 ? 45  PHE B C   1 
ATOM   869  O O   . PHE B 2 45 ? 14.453  5.619   1.956   1.00 26.27 ? 45  PHE B O   1 
ATOM   870  C CB  . PHE B 2 45 ? 14.653  8.692   2.871   1.00 24.40 ? 45  PHE B CB  1 
ATOM   871  C CG  . PHE B 2 45 ? 14.269  9.971   3.554   1.00 20.86 ? 45  PHE B CG  1 
ATOM   872  C CD1 . PHE B 2 45 ? 14.646  10.213  4.860   1.00 28.39 ? 45  PHE B CD1 1 
ATOM   873  C CD2 . PHE B 2 45 ? 13.539  10.934  2.883   1.00 25.35 ? 45  PHE B CD2 1 
ATOM   874  C CE1 . PHE B 2 45 ? 14.298  11.390  5.487   1.00 31.74 ? 45  PHE B CE1 1 
ATOM   875  C CE2 . PHE B 2 45 ? 13.185  12.116  3.502   1.00 25.51 ? 45  PHE B CE2 1 
ATOM   876  C CZ  . PHE B 2 45 ? 13.557  12.344  4.802   1.00 29.83 ? 45  PHE B CZ  1 
ATOM   877  N N   . CYS B 2 46 ? 13.055  6.942   0.784   1.00 21.60 ? 46  CYS B N   1 
ATOM   878  C CA  . CYS B 2 46 ? 13.244  6.286   -0.498  1.00 22.38 ? 46  CYS B CA  1 
ATOM   879  C C   . CYS B 2 46 ? 14.146  7.172   -1.353  1.00 22.42 ? 46  CYS B C   1 
ATOM   880  O O   . CYS B 2 46 ? 13.909  8.377   -1.480  1.00 27.61 ? 46  CYS B O   1 
ATOM   881  C CB  . CYS B 2 46 ? 11.886  6.088   -1.172  1.00 19.74 ? 46  CYS B CB  1 
ATOM   882  S SG  . CYS B 2 46 ? 11.905  5.435   -2.839  1.00 25.33 ? 46  CYS B SG  1 
ATOM   883  N N   . ARG B 2 47 ? 15.186  6.587   -1.928  1.00 26.05 ? 47  ARG B N   1 
ATOM   884  C CA  . ARG B 2 47 ? 16.114  7.335   -2.761  1.00 26.30 ? 47  ARG B CA  1 
ATOM   885  C C   . ARG B 2 47 ? 16.200  6.748   -4.165  1.00 29.30 ? 47  ARG B C   1 
ATOM   886  O O   . ARG B 2 47 ? 15.894  5.573   -4.370  1.00 32.61 ? 47  ARG B O   1 
ATOM   887  C CB  . ARG B 2 47 ? 17.500  7.342   -2.118  1.00 27.75 ? 47  ARG B CB  1 
ATOM   888  C CG  . ARG B 2 47 ? 17.563  8.031   -0.768  1.00 29.10 ? 47  ARG B CG  1 
ATOM   889  C CD  . ARG B 2 47 ? 18.898  7.734   -0.097  1.00 27.88 ? 47  ARG B CD  1 
ATOM   890  N NE  . ARG B 2 47 ? 19.156  8.619   1.036   1.00 24.86 ? 47  ARG B NE  1 
ATOM   891  C CZ  . ARG B 2 47 ? 18.723  8.393   2.270   1.00 28.43 ? 47  ARG B CZ  1 
ATOM   892  N NH1 . ARG B 2 47 ? 17.994  7.311   2.538   1.00 23.76 ? 47  ARG B NH1 1 
ATOM   893  N NH2 . ARG B 2 47 ? 19.010  9.254   3.239   1.00 26.65 ? 47  ARG B NH2 1 
ATOM   894  N N   . ALA B 2 48 ? 16.606  7.571   -5.126  1.00 28.95 ? 48  ALA B N   1 
ATOM   895  C CA  . ALA B 2 48 ? 16.863  7.101   -6.481  1.00 29.78 ? 48  ALA B CA  1 
ATOM   896  C C   . ALA B 2 48 ? 18.065  6.153   -6.470  1.00 36.02 ? 48  ALA B C   1 
ATOM   897  O O   . ALA B 2 48 ? 19.018  6.353   -5.715  1.00 34.02 ? 48  ALA B O   1 
ATOM   898  C CB  . ALA B 2 48 ? 17.118  8.269   -7.404  1.00 33.84 ? 48  ALA B CB  1 
ATOM   899  N N   . LYS B 2 49 ? 18.016  5.114   -7.296  1.00 35.14 ? 49  LYS B N   1 
ATOM   900  C CA  . LYS B 2 49 ? 19.120  4.162   -7.370  1.00 34.36 ? 49  LYS B CA  1 
ATOM   901  C C   . LYS B 2 49 ? 20.354  4.777   -8.039  1.00 37.68 ? 49  LYS B C   1 
ATOM   902  O O   . LYS B 2 49 ? 21.492  4.466   -7.677  1.00 37.77 ? 49  LYS B O   1 
ATOM   903  C CB  . LYS B 2 49 ? 18.675  2.890   -8.098  1.00 37.30 ? 49  LYS B CB  1 
ATOM   904  C CG  . LYS B 2 49 ? 17.539  2.171   -7.394  1.00 39.89 ? 49  LYS B CG  1 
ATOM   905  C CD  . LYS B 2 49 ? 17.141  0.883   -8.088  1.00 41.56 ? 49  LYS B CD  1 
ATOM   906  C CE  . LYS B 2 49 ? 16.359  -0.011  -7.132  1.00 42.10 ? 49  LYS B CE  1 
ATOM   907  N NZ  . LYS B 2 49 ? 15.997  -1.328  -7.734  1.00 49.60 ? 49  LYS B NZ  1 
ATOM   908  N N   . TYR B 2 50 ? 20.116  5.663   -9.005  1.00 35.55 ? 50  TYR B N   1 
ATOM   909  C CA  . TYR B 2 50 ? 21.189  6.361   -9.703  1.00 35.46 ? 50  TYR B CA  1 
ATOM   910  C C   . TYR B 2 50 ? 20.781  7.810   -9.942  1.00 38.82 ? 50  TYR B C   1 
ATOM   911  O O   . TYR B 2 50 ? 19.593  8.113   -10.008 1.00 43.34 ? 50  TYR B O   1 
ATOM   912  C CB  . TYR B 2 50 ? 21.459  5.706   -11.056 1.00 36.45 ? 50  TYR B CB  1 
ATOM   913  C CG  . TYR B 2 50 ? 21.804  4.233   -11.017 1.00 37.28 ? 50  TYR B CG  1 
ATOM   914  C CD1 . TYR B 2 50 ? 23.070  3.801   -10.637 1.00 40.23 ? 50  TYR B CD1 1 
ATOM   915  C CD2 . TYR B 2 50 ? 20.876  3.277   -11.411 1.00 34.66 ? 50  TYR B CD2 1 
ATOM   916  C CE1 . TYR B 2 50 ? 23.393  2.449   -10.624 1.00 40.26 ? 50  TYR B CE1 1 
ATOM   917  C CE2 . TYR B 2 50 ? 21.187  1.931   -11.403 1.00 40.18 ? 50  TYR B CE2 1 
ATOM   918  C CZ  . TYR B 2 50 ? 22.443  1.521   -11.005 1.00 42.15 ? 50  TYR B CZ  1 
ATOM   919  O OH  . TYR B 2 50 ? 22.746  0.180   -11.001 1.00 49.04 ? 50  TYR B OH  1 
ATOM   920  N N   . SER B 2 51 ? 21.757  8.700   -10.108 1.00 37.33 ? 51  SER B N   1 
ATOM   921  C CA  . SER B 2 51 ? 21.454  10.124  -10.263 1.00 41.52 ? 51  SER B CA  1 
ATOM   922  C C   . SER B 2 51 ? 20.662  10.405  -11.538 1.00 42.19 ? 51  SER B C   1 
ATOM   923  O O   . SER B 2 51 ? 19.889  11.368  -11.606 1.00 42.33 ? 51  SER B O   1 
ATOM   924  C CB  . SER B 2 51 ? 22.730  10.978  -10.218 1.00 38.03 ? 51  SER B CB  1 
ATOM   925  O OG  . SER B 2 51 ? 23.453  10.905  -11.432 1.00 39.74 ? 51  SER B OG  1 
ATOM   926  N N   . TRP B 2 52 ? 20.849  9.556   -12.543 1.00 34.53 ? 52  TRP B N   1 
ATOM   927  C CA  . TRP B 2 52 ? 20.149  9.710   -13.812 1.00 36.32 ? 52  TRP B CA  1 
ATOM   928  C C   . TRP B 2 52 ? 18.782  9.031   -13.744 1.00 37.03 ? 52  TRP B C   1 
ATOM   929  O O   . TRP B 2 52 ? 17.900  9.292   -14.563 1.00 42.02 ? 52  TRP B O   1 
ATOM   930  C CB  . TRP B 2 52 ? 20.994  9.130   -14.956 1.00 30.30 ? 52  TRP B CB  1 
ATOM   931  C CG  . TRP B 2 52 ? 21.545  7.758   -14.652 1.00 30.68 ? 52  TRP B CG  1 
ATOM   932  C CD1 . TRP B 2 52 ? 22.778  7.460   -14.146 1.00 29.66 ? 52  TRP B CD1 1 
ATOM   933  C CD2 . TRP B 2 52 ? 20.868  6.501   -14.822 1.00 29.53 ? 52  TRP B CD2 1 
ATOM   934  N NE1 . TRP B 2 52 ? 22.913  6.099   -13.994 1.00 26.02 ? 52  TRP B NE1 1 
ATOM   935  C CE2 . TRP B 2 52 ? 21.755  5.489   -14.403 1.00 29.72 ? 52  TRP B CE2 1 
ATOM   936  C CE3 . TRP B 2 52 ? 19.601  6.138   -15.288 1.00 31.72 ? 52  TRP B CE3 1 
ATOM   937  C CZ2 . TRP B 2 52 ? 21.413  4.134   -14.439 1.00 31.26 ? 52  TRP B CZ2 1 
ATOM   938  C CZ3 . TRP B 2 52 ? 19.265  4.791   -15.324 1.00 32.40 ? 52  TRP B CZ3 1 
ATOM   939  C CH2 . TRP B 2 52 ? 20.169  3.808   -14.898 1.00 26.29 ? 52  TRP B CH2 1 
ATOM   940  N N   . ASP B 2 53 ? 18.611  8.179   -12.737 1.00 38.51 ? 53  ASP B N   1 
ATOM   941  C CA  . ASP B 2 53 ? 17.412  7.359   -12.588 1.00 37.70 ? 53  ASP B CA  1 
ATOM   942  C C   . ASP B 2 53 ? 16.513  7.891   -11.463 1.00 42.02 ? 53  ASP B C   1 
ATOM   943  O O   . ASP B 2 53 ? 16.112  7.146   -10.568 1.00 42.55 ? 53  ASP B O   1 
ATOM   944  C CB  . ASP B 2 53 ? 17.832  5.920   -12.278 1.00 36.14 ? 53  ASP B CB  1 
ATOM   945  C CG  . ASP B 2 53 ? 16.672  4.938   -12.328 1.00 37.78 ? 53  ASP B CG  1 
ATOM   946  O OD1 . ASP B 2 53 ? 15.823  5.049   -13.238 1.00 39.66 ? 53  ASP B OD1 1 
ATOM   947  O OD2 . ASP B 2 53 ? 16.617  4.044   -11.461 1.00 38.08 ? 53  ASP B OD2 1 
ATOM   948  N N   . LEU B 2 54 ? 16.199  9.182   -11.508 1.00 42.02 ? 54  LEU B N   1 
ATOM   949  C CA  . LEU B 2 54 ? 15.457  9.811   -10.416 1.00 39.87 ? 54  LEU B CA  1 
ATOM   950  C C   . LEU B 2 54 ? 13.946  9.720   -10.615 1.00 35.95 ? 54  LEU B C   1 
ATOM   951  O O   . LEU B 2 54 ? 13.456  9.627   -11.739 1.00 35.96 ? 54  LEU B O   1 
ATOM   952  C CB  . LEU B 2 54 ? 15.890  11.271  -10.239 1.00 42.62 ? 54  LEU B CB  1 
ATOM   953  C CG  . LEU B 2 54 ? 15.338  12.335  -11.191 1.00 40.38 ? 54  LEU B CG  1 
ATOM   954  C CD1 . LEU B 2 54 ? 13.977  12.844  -10.719 1.00 44.10 ? 54  LEU B CD1 1 
ATOM   955  C CD2 . LEU B 2 54 ? 16.308  13.504  -11.319 1.00 45.23 ? 54  LEU B CD2 1 
ATOM   956  N N   . PHE B 2 55 ? 13.213  9.725   -9.506  1.00 31.93 ? 55  PHE B N   1 
ATOM   957  C CA  . PHE B 2 55 ? 11.762  9.860   -9.543  1.00 28.10 ? 55  PHE B CA  1 
ATOM   958  C C   . PHE B 2 55 ? 11.424  11.271  -9.041  1.00 29.77 ? 55  PHE B C   1 
ATOM   959  O O   . PHE B 2 55 ? 12.198  11.866  -8.286  1.00 31.08 ? 55  PHE B O   1 
ATOM   960  C CB  . PHE B 2 55 ? 11.110  8.797   -8.664  1.00 27.81 ? 55  PHE B CB  1 
ATOM   961  C CG  . PHE B 2 55 ? 11.584  8.821   -7.240  1.00 26.90 ? 55  PHE B CG  1 
ATOM   962  C CD1 . PHE B 2 55 ? 11.034  9.705   -6.328  1.00 26.70 ? 55  PHE B CD1 1 
ATOM   963  C CD2 . PHE B 2 55 ? 12.573  7.962   -6.812  1.00 29.08 ? 55  PHE B CD2 1 
ATOM   964  C CE1 . PHE B 2 55 ? 11.469  9.741   -5.011  1.00 22.59 ? 55  PHE B CE1 1 
ATOM   965  C CE2 . PHE B 2 55 ? 13.013  7.986   -5.497  1.00 28.22 ? 55  PHE B CE2 1 
ATOM   966  C CZ  . PHE B 2 55 ? 12.456  8.887   -4.593  1.00 24.45 ? 55  PHE B CZ  1 
ATOM   967  N N   . THR B 2 56 ? 10.293  11.826  -9.456  1.00 25.12 ? 56  THR B N   1 
ATOM   968  C CA  . THR B 2 56 ? 9.967   13.187  -9.038  1.00 27.61 ? 56  THR B CA  1 
ATOM   969  C C   . THR B 2 56 ? 9.206   13.205  -7.714  1.00 25.70 ? 56  THR B C   1 
ATOM   970  O O   . THR B 2 56 ? 8.559   12.228  -7.333  1.00 26.12 ? 56  THR B O   1 
ATOM   971  C CB  . THR B 2 56 ? 9.144   13.950  -10.093 1.00 22.09 ? 56  THR B CB  1 
ATOM   972  O OG1 . THR B 2 56 ? 7.841   13.373  -10.199 1.00 24.88 ? 56  THR B OG1 1 
ATOM   973  C CG2 . THR B 2 56 ? 9.833   13.917  -11.457 1.00 34.02 ? 56  THR B CG2 1 
ATOM   974  N N   . SER B 2 57 ? 9.282   14.326  -7.014  1.00 26.31 ? 57  SER B N   1 
ATOM   975  C CA  . SER B 2 57 ? 8.511   14.483  -5.793  1.00 25.09 ? 57  SER B CA  1 
ATOM   976  C C   . SER B 2 57 ? 7.025   14.251  -6.074  1.00 23.36 ? 57  SER B C   1 
ATOM   977  O O   . SER B 2 57 ? 6.314   13.682  -5.246  1.00 26.58 ? 57  SER B O   1 
ATOM   978  C CB  . SER B 2 57 ? 8.744   15.860  -5.180  1.00 21.68 ? 57  SER B CB  1 
ATOM   979  O OG  . SER B 2 57 ? 8.462   16.867  -6.126  1.00 29.54 ? 57  SER B OG  1 
ATOM   980  N N   . GLY B 2 58 ? 6.562   14.675  -7.249  1.00 23.43 ? 58  GLY B N   1 
ATOM   981  C CA  . GLY B 2 58 ? 5.169   14.504  -7.619  1.00 24.22 ? 58  GLY B CA  1 
ATOM   982  C C   . GLY B 2 58 ? 4.766   13.050  -7.815  1.00 26.47 ? 58  GLY B C   1 
ATOM   983  O O   . GLY B 2 58 ? 3.683   12.633  -7.408  1.00 20.25 ? 58  GLY B O   1 
ATOM   984  N N   . GLN B 2 59 ? 5.638   12.281  -8.460  1.00 27.89 ? 59  GLN B N   1 
ATOM   985  C CA  . GLN B 2 59 ? 5.416   10.851  -8.650  1.00 27.48 ? 59  GLN B CA  1 
ATOM   986  C C   . GLN B 2 59 ? 5.311   10.123  -7.313  1.00 25.34 ? 59  GLN B C   1 
ATOM   987  O O   . GLN B 2 59 ? 4.427   9.281   -7.117  1.00 28.66 ? 59  GLN B O   1 
ATOM   988  C CB  . GLN B 2 59 ? 6.553   10.245  -9.476  1.00 28.71 ? 59  GLN B CB  1 
ATOM   989  C CG  . GLN B 2 59 ? 6.630   10.752  -10.920 1.00 32.37 ? 59  GLN B CG  1 
ATOM   990  C CD  . GLN B 2 59 ? 7.864   10.244  -11.644 1.00 33.73 ? 59  GLN B CD  1 
ATOM   991  O OE1 . GLN B 2 59 ? 8.945   10.136  -11.055 1.00 34.47 ? 59  GLN B OE1 1 
ATOM   992  N NE2 . GLN B 2 59 ? 7.712   9.926   -12.927 1.00 41.25 ? 59  GLN B NE2 1 
ATOM   993  N N   . PHE B 2 60 ? 6.219   10.439  -6.395  1.00 24.84 ? 60  PHE B N   1 
ATOM   994  C CA  . PHE B 2 60 ? 6.224   9.791   -5.090  1.00 22.65 ? 60  PHE B CA  1 
ATOM   995  C C   . PHE B 2 60 ? 4.966   10.090  -4.301  1.00 24.12 ? 60  PHE B C   1 
ATOM   996  O O   . PHE B 2 60 ? 4.450   9.217   -3.600  1.00 24.55 ? 60  PHE B O   1 
ATOM   997  C CB  . PHE B 2 60 ? 7.450   10.175  -4.269  1.00 23.11 ? 60  PHE B CB  1 
ATOM   998  C CG  . PHE B 2 60 ? 7.758   9.195   -3.183  1.00 19.22 ? 60  PHE B CG  1 
ATOM   999  C CD1 . PHE B 2 60 ? 8.380   8.004   -3.483  1.00 21.83 ? 60  PHE B CD1 1 
ATOM   1000 C CD2 . PHE B 2 60 ? 7.384   9.444   -1.867  1.00 21.96 ? 60  PHE B CD2 1 
ATOM   1001 C CE1 . PHE B 2 60 ? 8.654   7.080   -2.496  1.00 20.02 ? 60  PHE B CE1 1 
ATOM   1002 C CE2 . PHE B 2 60 ? 7.659   8.524   -0.882  1.00 20.21 ? 60  PHE B CE2 1 
ATOM   1003 C CZ  . PHE B 2 60 ? 8.297   7.339   -1.201  1.00 19.58 ? 60  PHE B CZ  1 
ATOM   1004 N N   . TYR B 2 61 ? 4.483   11.327  -4.401  1.00 20.84 ? 61  TYR B N   1 
ATOM   1005 C CA  . TYR B 2 61 ? 3.237   11.722  -3.750  1.00 24.98 ? 61  TYR B CA  1 
ATOM   1006 C C   . TYR B 2 61 ? 2.078   10.836  -4.198  1.00 20.15 ? 61  TYR B C   1 
ATOM   1007 O O   . TYR B 2 61 ? 1.267   10.389  -3.385  1.00 23.42 ? 61  TYR B O   1 
ATOM   1008 C CB  . TYR B 2 61 ? 2.913   13.197  -4.039  1.00 23.53 ? 61  TYR B CB  1 
ATOM   1009 C CG  . TYR B 2 61 ? 1.640   13.691  -3.385  1.00 20.62 ? 61  TYR B CG  1 
ATOM   1010 C CD1 . TYR B 2 61 ? 0.438   13.723  -4.086  1.00 24.20 ? 61  TYR B CD1 1 
ATOM   1011 C CD2 . TYR B 2 61 ? 1.641   14.119  -2.063  1.00 21.24 ? 61  TYR B CD2 1 
ATOM   1012 C CE1 . TYR B 2 61 ? -0.727  14.176  -3.482  1.00 27.83 ? 61  TYR B CE1 1 
ATOM   1013 C CE2 . TYR B 2 61 ? 0.486   14.566  -1.452  1.00 26.20 ? 61  TYR B CE2 1 
ATOM   1014 C CZ  . TYR B 2 61 ? -0.697  14.588  -2.165  1.00 25.03 ? 61  TYR B CZ  1 
ATOM   1015 O OH  . TYR B 2 61 ? -1.848  15.032  -1.553  1.00 29.53 ? 61  TYR B OH  1 
ATOM   1016 N N   . GLN B 2 62 ? 1.981   10.616  -5.501  1.00 26.47 ? 62  GLN B N   1 
ATOM   1017 C CA  . GLN B 2 62 ? 0.943   9.738   -6.037  1.00 25.32 ? 62  GLN B CA  1 
ATOM   1018 C C   . GLN B 2 62 ? 1.132   8.328   -5.468  1.00 29.75 ? 62  GLN B C   1 
ATOM   1019 O O   . GLN B 2 62 ? 0.163   7.666   -5.080  1.00 26.09 ? 62  GLN B O   1 
ATOM   1020 C CB  . GLN B 2 62 ? 1.015   9.700   -7.562  1.00 27.50 ? 62  GLN B CB  1 
ATOM   1021 C CG  . GLN B 2 62 ? -0.026  8.792   -8.200  1.00 37.40 ? 62  GLN B CG  1 
ATOM   1022 C CD  . GLN B 2 62 ? -0.101  8.946   -9.712  1.00 45.39 ? 62  GLN B CD  1 
ATOM   1023 O OE1 . GLN B 2 62 ? 0.600   9.773   -10.303 1.00 49.59 ? 62  GLN B OE1 1 
ATOM   1024 N NE2 . GLN B 2 62 ? -0.956  8.148   -10.344 1.00 40.10 ? 62  GLN B NE2 1 
ATOM   1025 N N   . ALA B 2 63 ? 2.389   7.881   -5.419  1.00 27.13 ? 63  ALA B N   1 
ATOM   1026 C CA  . ALA B 2 63 ? 2.730   6.556   -4.882  1.00 27.22 ? 63  ALA B CA  1 
ATOM   1027 C C   . ALA B 2 63 ? 2.254   6.372   -3.437  1.00 25.78 ? 63  ALA B C   1 
ATOM   1028 O O   . ALA B 2 63 ? 1.596   5.383   -3.105  1.00 26.72 ? 63  ALA B O   1 
ATOM   1029 C CB  . ALA B 2 63 ? 4.232   6.303   -4.990  1.00 23.83 ? 63  ALA B CB  1 
ATOM   1030 N N   . CYS B 2 64 ? 2.583   7.333   -2.580  1.00 23.63 ? 64  CYS B N   1 
ATOM   1031 C CA  . CYS B 2 64 ? 2.152   7.285   -1.186  1.00 19.69 ? 64  CYS B CA  1 
ATOM   1032 C C   . CYS B 2 64 ? 0.633   7.174   -1.090  1.00 25.96 ? 64  CYS B C   1 
ATOM   1033 O O   . CYS B 2 64 ? 0.112   6.371   -0.325  1.00 26.57 ? 64  CYS B O   1 
ATOM   1034 C CB  . CYS B 2 64 ? 2.628   8.521   -0.412  1.00 25.42 ? 64  CYS B CB  1 
ATOM   1035 S SG  . CYS B 2 64 ? 4.430   8.626   -0.214  1.00 20.99 ? 64  CYS B SG  1 
ATOM   1036 N N   . LEU B 2 65 ? -0.069  7.979   -1.878  1.00 25.82 ? 65  LEU B N   1 
ATOM   1037 C CA  . LEU B 2 65 ? -1.521  8.052   -1.805  1.00 26.13 ? 65  LEU B CA  1 
ATOM   1038 C C   . LEU B 2 65 ? -2.211  6.787   -2.311  1.00 22.80 ? 65  LEU B C   1 
ATOM   1039 O O   . LEU B 2 65 ? -3.367  6.540   -1.988  1.00 29.75 ? 65  LEU B O   1 
ATOM   1040 C CB  . LEU B 2 65 ? -2.040  9.274   -2.560  1.00 26.51 ? 65  LEU B CB  1 
ATOM   1041 C CG  . LEU B 2 65 ? -2.090  10.589  -1.784  1.00 27.91 ? 65  LEU B CG  1 
ATOM   1042 C CD1 . LEU B 2 65 ? -2.688  11.663  -2.673  1.00 31.35 ? 65  LEU B CD1 1 
ATOM   1043 C CD2 . LEU B 2 65 ? -2.915  10.438  -0.503  1.00 30.41 ? 65  LEU B CD2 1 
ATOM   1044 N N   . ARG B 2 66 ? -1.510  6.000   -3.111  1.00 25.42 ? 66  ARG B N   1 
ATOM   1045 C CA  . ARG B 2 66 ? -2.045  4.715   -3.543  1.00 25.67 ? 66  ARG B CA  1 
ATOM   1046 C C   . ARG B 2 66 ? -2.092  3.706   -2.397  1.00 31.85 ? 66  ARG B C   1 
ATOM   1047 O O   . ARG B 2 66 ? -2.859  2.733   -2.443  1.00 26.17 ? 66  ARG B O   1 
ATOM   1048 C CB  . ARG B 2 66 ? -1.237  4.166   -4.713  1.00 28.64 ? 66  ARG B CB  1 
ATOM   1049 C CG  . ARG B 2 66 ? -1.697  4.734   -6.045  1.00 34.48 ? 66  ARG B CG  1 
ATOM   1050 C CD  . ARG B 2 66 ? -0.533  5.179   -6.879  1.00 38.22 ? 66  ARG B CD  1 
ATOM   1051 N NE  . ARG B 2 66 ? 0.209   4.042   -7.417  1.00 38.58 ? 66  ARG B NE  1 
ATOM   1052 C CZ  . ARG B 2 66 ? 0.196   3.687   -8.697  1.00 40.01 ? 66  ARG B CZ  1 
ATOM   1053 N NH1 . ARG B 2 66 ? -0.518  4.385   -9.567  1.00 47.65 ? 66  ARG B NH1 1 
ATOM   1054 N NH2 . ARG B 2 66 ? 0.901   2.643   -9.107  1.00 44.42 ? 66  ARG B NH2 1 
ATOM   1055 N N   . TYR B 2 67 ? -1.298  3.940   -1.356  1.00 22.82 ? 67  TYR B N   1 
ATOM   1056 C CA  . TYR B 2 67 ? -1.182  2.943   -0.295  1.00 24.05 ? 67  TYR B CA  1 
ATOM   1057 C C   . TYR B 2 67 ? -1.771  3.324   1.052   1.00 19.07 ? 67  TYR B C   1 
ATOM   1058 O O   . TYR B 2 67 ? -2.053  2.452   1.870   1.00 20.06 ? 67  TYR B O   1 
ATOM   1059 C CB  . TYR B 2 67 ? 0.270   2.444   -0.153  1.00 17.43 ? 67  TYR B CB  1 
ATOM   1060 C CG  . TYR B 2 67 ? 0.681   1.605   -1.338  1.00 23.92 ? 67  TYR B CG  1 
ATOM   1061 C CD1 . TYR B 2 67 ? 0.324   0.261   -1.415  1.00 20.94 ? 67  TYR B CD1 1 
ATOM   1062 C CD2 . TYR B 2 67 ? 1.386   2.159   -2.396  1.00 22.59 ? 67  TYR B CD2 1 
ATOM   1063 C CE1 . TYR B 2 67 ? 0.666   -0.499  -2.503  1.00 21.16 ? 67  TYR B CE1 1 
ATOM   1064 C CE2 . TYR B 2 67 ? 1.733   1.397   -3.492  1.00 23.98 ? 67  TYR B CE2 1 
ATOM   1065 C CZ  . TYR B 2 67 ? 1.368   0.068   -3.535  1.00 21.34 ? 67  TYR B CZ  1 
ATOM   1066 O OH  . TYR B 2 67 ? 1.712   -0.695  -4.624  1.00 24.76 ? 67  TYR B OH  1 
ATOM   1067 N N   . SER B 2 68 ? -1.970  4.620   1.277   1.00 20.90 ? 68  SER B N   1 
ATOM   1068 C CA  . SER B 2 68 ? -2.471  5.102   2.559   1.00 18.99 ? 68  SER B CA  1 
ATOM   1069 C C   . SER B 2 68 ? -2.987  6.528   2.439   1.00 18.91 ? 68  SER B C   1 
ATOM   1070 O O   . SER B 2 68 ? -2.702  7.218   1.457   1.00 20.55 ? 68  SER B O   1 
ATOM   1071 C CB  . SER B 2 68 ? -1.350  5.047   3.604   1.00 14.55 ? 68  SER B CB  1 
ATOM   1072 O OG  . SER B 2 68 ? -1.854  5.187   4.927   1.00 18.92 ? 68  SER B OG  1 
ATOM   1073 N N   . HIS B 2 69 ? -3.745  6.987   3.432   1.00 20.38 ? 69  HIS B N   1 
ATOM   1074 C CA  . HIS B 2 69 ? -4.085  8.404   3.442   1.00 21.59 ? 69  HIS B CA  1 
ATOM   1075 C C   . HIS B 2 69 ? -2.867  9.153   3.963   1.00 26.32 ? 69  HIS B C   1 
ATOM   1076 O O   . HIS B 2 69 ? -2.762  9.457   5.160   1.00 22.02 ? 69  HIS B O   1 
ATOM   1077 C CB  . HIS B 2 69 ? -5.293  8.726   4.307   1.00 23.99 ? 69  HIS B CB  1 
ATOM   1078 C CG  . HIS B 2 69 ? -5.722  10.162  4.209   1.00 29.98 ? 69  HIS B CG  1 
ATOM   1079 N ND1 . HIS B 2 69 ? -6.247  10.703  3.057   1.00 35.08 ? 69  HIS B ND1 1 
ATOM   1080 C CD2 . HIS B 2 69 ? -5.673  11.173  5.107   1.00 33.22 ? 69  HIS B CD2 1 
ATOM   1081 C CE1 . HIS B 2 69 ? -6.519  11.978  3.251   1.00 30.55 ? 69  HIS B CE1 1 
ATOM   1082 N NE2 . HIS B 2 69 ? -6.177  12.290  4.488   1.00 38.39 ? 69  HIS B NE2 1 
ATOM   1083 N N   . ALA B 2 70 ? -1.935  9.424   3.059   1.00 24.85 ? 70  ALA B N   1 
ATOM   1084 C CA  . ALA B 2 70 ? -0.641  9.943   3.469   1.00 21.06 ? 70  ALA B CA  1 
ATOM   1085 C C   . ALA B 2 70 ? -0.237  11.169  2.662   1.00 21.59 ? 70  ALA B C   1 
ATOM   1086 O O   . ALA B 2 70 ? -0.714  11.391  1.549   1.00 26.81 ? 70  ALA B O   1 
ATOM   1087 C CB  . ALA B 2 70 ? 0.423   8.857   3.340   1.00 19.49 ? 70  ALA B CB  1 
ATOM   1088 N N   . GLY B 2 71 ? 0.646   11.962  3.248   1.00 22.11 ? 71  GLY B N   1 
ATOM   1089 C CA  . GLY B 2 71 ? 1.269   13.047  2.529   1.00 23.51 ? 71  GLY B CA  1 
ATOM   1090 C C   . GLY B 2 71 ? 2.705   12.627  2.327   1.00 19.84 ? 71  GLY B C   1 
ATOM   1091 O O   . GLY B 2 71 ? 3.067   11.482  2.609   1.00 20.44 ? 71  GLY B O   1 
ATOM   1092 N N   . THR B 2 72 ? 3.532   13.549  1.855   1.00 17.87 ? 72  THR B N   1 
ATOM   1093 C CA  . THR B 2 72 ? 4.914   13.217  1.601   1.00 17.70 ? 72  THR B CA  1 
ATOM   1094 C C   . THR B 2 72 ? 5.806   14.324  2.108   1.00 21.96 ? 72  THR B C   1 
ATOM   1095 O O   . THR B 2 72 ? 5.444   15.491  2.049   1.00 20.14 ? 72  THR B O   1 
ATOM   1096 C CB  . THR B 2 72 ? 5.188   13.035  0.103   1.00 22.66 ? 72  THR B CB  1 
ATOM   1097 O OG1 . THR B 2 72 ? 4.955   14.278  -0.575  1.00 25.33 ? 72  THR B OG1 1 
ATOM   1098 C CG2 . THR B 2 72 ? 4.288   11.928  -0.484  1.00 21.25 ? 72  THR B CG2 1 
ATOM   1099 N N   . ASN B 2 73 ? 6.964   13.941  2.623   1.00 20.85 ? 73  ASN B N   1 
ATOM   1100 C CA  . ASN B 2 73 ? 8.006   14.903  2.921   1.00 18.78 ? 73  ASN B CA  1 
ATOM   1101 C C   . ASN B 2 73 ? 9.123   14.590  1.957   1.00 20.75 ? 73  ASN B C   1 
ATOM   1102 O O   . ASN B 2 73 ? 9.605   13.468  1.931   1.00 17.76 ? 73  ASN B O   1 
ATOM   1103 C CB  . ASN B 2 73 ? 8.515   14.758  4.357   1.00 18.73 ? 73  ASN B CB  1 
ATOM   1104 C CG  . ASN B 2 73 ? 7.456   15.079  5.399   1.00 31.80 ? 73  ASN B CG  1 
ATOM   1105 O OD1 . ASN B 2 73 ? 6.384   15.612  5.086   1.00 31.61 ? 73  ASN B OD1 1 
ATOM   1106 N ND2 . ASN B 2 73 ? 7.762   14.772  6.655   1.00 31.62 ? 73  ASN B ND2 1 
ATOM   1107 N N   . CYS B 2 74 ? 9.523   15.563  1.147   1.00 16.99 ? 74  CYS B N   1 
ATOM   1108 C CA  . CYS B 2 74 ? 10.552  15.317  0.148   1.00 18.89 ? 74  CYS B CA  1 
ATOM   1109 C C   . CYS B 2 74 ? 11.661  16.329  0.322   1.00 22.71 ? 74  CYS B C   1 
ATOM   1110 O O   . CYS B 2 74 ? 11.403  17.458  0.711   1.00 20.02 ? 74  CYS B O   1 
ATOM   1111 C CB  . CYS B 2 74 ? 9.991   15.425  -1.270  1.00 19.33 ? 74  CYS B CB  1 
ATOM   1112 S SG  . CYS B 2 74 ? 8.903   14.077  -1.777  1.00 19.26 ? 74  CYS B SG  1 
ATOM   1113 N N   . GLN B 2 75 ? 12.892  15.921  0.034   1.00 19.24 ? 75  GLN B N   1 
ATOM   1114 C CA  . GLN B 2 75 ? 13.981  16.889  -0.011  1.00 18.92 ? 75  GLN B CA  1 
ATOM   1115 C C   . GLN B 2 75 ? 15.057  16.499  -1.007  1.00 21.85 ? 75  GLN B C   1 
ATOM   1116 O O   . GLN B 2 75 ? 15.139  15.348  -1.421  1.00 19.47 ? 75  GLN B O   1 
ATOM   1117 C CB  . GLN B 2 75 ? 14.579  17.106  1.372   1.00 23.13 ? 75  GLN B CB  1 
ATOM   1118 C CG  . GLN B 2 75 ? 14.979  15.862  2.112   1.00 24.23 ? 75  GLN B CG  1 
ATOM   1119 C CD  . GLN B 2 75 ? 15.464  16.181  3.508   1.00 33.81 ? 75  GLN B CD  1 
ATOM   1120 O OE1 . GLN B 2 75 ? 14.719  16.066  4.478   1.00 40.22 ? 75  GLN B OE1 1 
ATOM   1121 N NE2 . GLN B 2 75 ? 16.715  16.603  3.615   1.00 38.13 ? 75  GLN B NE2 1 
ATOM   1122 N N   . PRO B 2 76 ? 15.896  17.467  -1.403  1.00 23.41 ? 76  PRO B N   1 
ATOM   1123 C CA  . PRO B 2 76 ? 16.967  17.069  -2.313  1.00 26.07 ? 76  PRO B CA  1 
ATOM   1124 C C   . PRO B 2 76 ? 17.864  16.049  -1.630  1.00 21.50 ? 76  PRO B C   1 
ATOM   1125 O O   . PRO B 2 76 ? 18.130  16.137  -0.429  1.00 20.45 ? 76  PRO B O   1 
ATOM   1126 C CB  . PRO B 2 76 ? 17.708  18.383  -2.591  1.00 25.19 ? 76  PRO B CB  1 
ATOM   1127 C CG  . PRO B 2 76 ? 17.313  19.301  -1.486  1.00 29.06 ? 76  PRO B CG  1 
ATOM   1128 C CD  . PRO B 2 76 ? 15.959  18.889  -1.025  1.00 25.41 ? 76  PRO B CD  1 
ATOM   1129 N N   . ASP B 2 77 ? 18.280  15.047  -2.390  1.00 26.51 ? 77  ASP B N   1 
ATOM   1130 C CA  . ASP B 2 77 ? 19.115  13.983  -1.858  1.00 22.84 ? 77  ASP B CA  1 
ATOM   1131 C C   . ASP B 2 77 ? 20.570  14.438  -1.908  1.00 25.87 ? 77  ASP B C   1 
ATOM   1132 O O   . ASP B 2 77 ? 21.114  14.638  -2.985  1.00 29.34 ? 77  ASP B O   1 
ATOM   1133 C CB  . ASP B 2 77 ? 18.937  12.722  -2.705  1.00 26.22 ? 77  ASP B CB  1 
ATOM   1134 C CG  . ASP B 2 77 ? 19.706  11.530  -2.160  1.00 29.17 ? 77  ASP B CG  1 
ATOM   1135 O OD1 . ASP B 2 77 ? 20.602  11.713  -1.313  1.00 29.06 ? 77  ASP B OD1 1 
ATOM   1136 O OD2 . ASP B 2 77 ? 19.419  10.394  -2.599  1.00 30.28 ? 77  ASP B OD2 1 
ATOM   1137 N N   . PRO B 2 78 ? 21.203  14.597  -0.740  1.00 31.29 ? 78  PRO B N   1 
ATOM   1138 C CA  . PRO B 2 78 ? 22.577  15.117  -0.631  1.00 30.71 ? 78  PRO B CA  1 
ATOM   1139 C C   . PRO B 2 78 ? 23.620  14.319  -1.420  1.00 33.93 ? 78  PRO B C   1 
ATOM   1140 O O   . PRO B 2 78 ? 24.619  14.892  -1.857  1.00 39.70 ? 78  PRO B O   1 
ATOM   1141 C CB  . PRO B 2 78 ? 22.870  15.026  0.869   1.00 34.24 ? 78  PRO B CB  1 
ATOM   1142 C CG  . PRO B 2 78 ? 21.547  15.015  1.522   1.00 36.60 ? 78  PRO B CG  1 
ATOM   1143 C CD  . PRO B 2 78 ? 20.612  14.317  0.578   1.00 27.40 ? 78  PRO B CD  1 
ATOM   1144 N N   . GLN B 2 79 ? 23.389  13.023  -1.616  1.00 33.60 ? 79  GLN B N   1 
ATOM   1145 C CA  . GLN B 2 79 ? 24.373  12.187  -2.301  1.00 31.84 ? 79  GLN B CA  1 
ATOM   1146 C C   . GLN B 2 79 ? 24.459  12.504  -3.785  1.00 32.63 ? 79  GLN B C   1 
ATOM   1147 O O   . GLN B 2 79 ? 25.333  11.989  -4.479  1.00 31.52 ? 79  GLN B O   1 
ATOM   1148 C CB  . GLN B 2 79 ? 24.070  10.697  -2.109  1.00 31.62 ? 79  GLN B CB  1 
ATOM   1149 C CG  . GLN B 2 79 ? 22.942  10.181  -2.991  1.00 30.02 ? 79  GLN B CG  1 
ATOM   1150 C CD  . GLN B 2 79 ? 22.740  8.678   -2.889  1.00 36.98 ? 79  GLN B CD  1 
ATOM   1151 O OE1 . GLN B 2 79 ? 23.703  7.906   -2.875  1.00 33.24 ? 79  GLN B OE1 1 
ATOM   1152 N NE2 . GLN B 2 79 ? 21.480  8.254   -2.819  1.00 29.00 ? 79  GLN B NE2 1 
ATOM   1153 N N   . TYR B 2 80 ? 23.550  13.344  -4.275  1.00 33.19 ? 80  TYR B N   1 
ATOM   1154 C CA  . TYR B 2 80 ? 23.530  13.704  -5.689  1.00 33.38 ? 80  TYR B CA  1 
ATOM   1155 C C   . TYR B 2 80 ? 23.629  15.224  -5.908  1.00 38.39 ? 80  TYR B C   1 
ATOM   1156 O O   . TYR B 2 80 ? 23.458  15.706  -7.028  1.00 40.97 ? 80  TYR B O   1 
ATOM   1157 C CB  . TYR B 2 80 ? 22.269  13.157  -6.368  1.00 36.74 ? 80  TYR B CB  1 
ATOM   1158 C CG  . TYR B 2 80 ? 22.133  11.643  -6.358  1.00 37.66 ? 80  TYR B CG  1 
ATOM   1159 C CD1 . TYR B 2 80 ? 23.167  10.826  -6.794  1.00 33.85 ? 80  TYR B CD1 1 
ATOM   1160 C CD2 . TYR B 2 80 ? 20.964  11.030  -5.911  1.00 36.86 ? 80  TYR B CD2 1 
ATOM   1161 C CE1 . TYR B 2 80 ? 23.042  9.442   -6.792  1.00 34.56 ? 80  TYR B CE1 1 
ATOM   1162 C CE2 . TYR B 2 80 ? 20.834  9.639   -5.902  1.00 33.83 ? 80  TYR B CE2 1 
ATOM   1163 C CZ  . TYR B 2 80 ? 21.875  8.856   -6.347  1.00 32.77 ? 80  TYR B CZ  1 
ATOM   1164 O OH  . TYR B 2 80 ? 21.764  7.480   -6.343  1.00 31.62 ? 80  TYR B OH  1 
ATOM   1165 N N   . GLU B 2 81 ? 23.905  15.969  -4.840  1.00 39.36 ? 81  GLU B N   1 
ATOM   1166 C CA  . GLU B 2 81 ? 23.997  17.431  -4.913  1.00 42.41 ? 81  GLU B CA  1 
ATOM   1167 C C   . GLU B 2 81 ? 25.406  17.879  -5.287  1.00 48.74 ? 81  GLU B C   1 
ATOM   1168 O O   . GLU B 2 81 ? 26.358  17.641  -4.541  1.00 50.06 ? 81  GLU B O   1 
ATOM   1169 C CB  . GLU B 2 81 ? 23.593  18.071  -3.581  1.00 36.46 ? 81  GLU B CB  1 
ATOM   1170 C CG  . GLU B 2 81 ? 22.115  17.922  -3.225  1.00 37.05 ? 81  GLU B CG  1 
ATOM   1171 C CD  . GLU B 2 81 ? 21.712  18.693  -1.968  1.00 34.92 ? 81  GLU B CD  1 
ATOM   1172 O OE1 . GLU B 2 81 ? 22.259  18.439  -0.873  1.00 36.97 ? 81  GLU B OE1 1 
ATOM   1173 O OE2 . GLU B 2 81 ? 20.827  19.561  -2.073  1.00 32.45 ? 81  GLU B OE2 1 
HETATM 1174 O O   . HOH C 3 .  ? -5.114  5.619   5.638   1.00 21.50 ? 101 HOH A O   1 
HETATM 1175 O O   . HOH C 3 .  ? -12.293 -27.098 -1.970  1.00 19.45 ? 102 HOH A O   1 
HETATM 1176 O O   . HOH C 3 .  ? -9.285  -23.361 -7.741  1.00 26.98 ? 103 HOH A O   1 
HETATM 1177 O O   . HOH C 3 .  ? -10.914 -19.168 -0.318  1.00 17.14 ? 104 HOH A O   1 
HETATM 1178 O O   . HOH C 3 .  ? -13.381 -22.488 3.714   1.00 26.12 ? 105 HOH A O   1 
HETATM 1179 O O   . HOH C 3 .  ? 2.748   -7.612  -1.158  1.00 20.91 ? 106 HOH A O   1 
HETATM 1180 O O   . HOH C 3 .  ? -8.663  3.127   -4.541  1.00 36.42 ? 107 HOH A O   1 
HETATM 1181 O O   . HOH C 3 .  ? -6.802  -14.000 -7.631  1.00 25.71 ? 108 HOH A O   1 
HETATM 1182 O O   . HOH C 3 .  ? -18.117 -15.382 -3.897  1.00 27.69 ? 109 HOH A O   1 
HETATM 1183 O O   . HOH C 3 .  ? -0.336  -2.913  -5.043  1.00 25.61 ? 110 HOH A O   1 
HETATM 1184 O O   . HOH C 3 .  ? -2.470  7.178   6.710   1.00 28.08 ? 111 HOH A O   1 
HETATM 1185 O O   . HOH C 3 .  ? -4.237  -19.337 -3.717  1.00 32.66 ? 112 HOH A O   1 
HETATM 1186 O O   . HOH C 3 .  ? -20.652 -14.818 -4.220  1.00 38.31 ? 113 HOH A O   1 
HETATM 1187 O O   . HOH C 3 .  ? -4.528  -16.715 -4.257  1.00 24.18 ? 114 HOH A O   1 
HETATM 1188 O O   . HOH C 3 .  ? -9.723  -1.562  -2.058  1.00 24.60 ? 115 HOH A O   1 
HETATM 1189 O O   . HOH C 3 .  ? -19.563 -15.214 5.816   1.00 38.68 ? 116 HOH A O   1 
HETATM 1190 O O   . HOH C 3 .  ? -11.578 -0.715  -4.393  1.00 32.32 ? 117 HOH A O   1 
HETATM 1191 O O   . HOH C 3 .  ? 2.612   2.519   8.176   1.00 31.22 ? 118 HOH A O   1 
HETATM 1192 O O   . HOH C 3 .  ? -18.870 -22.839 1.099   1.00 30.39 ? 119 HOH A O   1 
HETATM 1193 O O   . HOH C 3 .  ? -15.769 -16.807 -12.249 1.00 32.15 ? 120 HOH A O   1 
HETATM 1194 O O   . HOH C 3 .  ? -20.841 -16.730 -1.821  1.00 35.79 ? 121 HOH A O   1 
HETATM 1195 O O   . HOH C 3 .  ? -9.724  -13.863 10.887  1.00 27.77 ? 122 HOH A O   1 
HETATM 1196 O O   . HOH C 3 .  ? -9.050  -15.447 12.469  1.00 39.82 ? 123 HOH A O   1 
HETATM 1197 O O   . HOH C 3 .  ? -16.291 -3.922  7.964   1.00 36.22 ? 124 HOH A O   1 
HETATM 1198 O O   . HOH C 3 .  ? -9.618  -27.390 -1.877  1.00 22.80 ? 125 HOH A O   1 
HETATM 1199 O O   . HOH C 3 .  ? -7.094  -16.710 -6.827  1.00 25.33 ? 126 HOH A O   1 
HETATM 1200 O O   . HOH C 3 .  ? -7.747  -13.658 -9.899  1.00 36.48 ? 127 HOH A O   1 
HETATM 1201 O O   . HOH C 3 .  ? -5.233  1.069   11.071  1.00 33.64 ? 128 HOH A O   1 
HETATM 1202 O O   . HOH C 3 .  ? 0.101   -5.022  11.082  1.00 30.59 ? 129 HOH A O   1 
HETATM 1203 O O   . HOH C 3 .  ? 0.613   -5.478  -4.988  1.00 28.59 ? 130 HOH A O   1 
HETATM 1204 O O   . HOH C 3 .  ? -21.101 -20.957 -5.993  1.00 26.23 ? 131 HOH A O   1 
HETATM 1205 O O   . HOH C 3 .  ? -14.821 -5.334  9.529   1.00 41.57 ? 132 HOH A O   1 
HETATM 1206 O O   . HOH C 3 .  ? -5.718  -21.837 -4.154  1.00 35.63 ? 133 HOH A O   1 
HETATM 1207 O O   . HOH C 3 .  ? -12.382 -29.410 1.118   1.00 30.12 ? 134 HOH A O   1 
HETATM 1208 O O   . HOH C 3 .  ? -11.852 -20.312 8.715   1.00 27.30 ? 135 HOH A O   1 
HETATM 1209 O O   . HOH C 3 .  ? -9.718  -28.233 1.787   1.00 25.77 ? 136 HOH A O   1 
HETATM 1210 O O   . HOH C 3 .  ? -12.813 -22.281 7.420   1.00 34.36 ? 137 HOH A O   1 
HETATM 1211 O O   . HOH C 3 .  ? -14.308 -24.944 4.220   1.00 38.81 ? 138 HOH A O   1 
HETATM 1212 O O   . HOH C 3 .  ? -15.952 -8.104  -6.077  1.00 36.78 ? 139 HOH A O   1 
HETATM 1213 O O   . HOH C 3 .  ? -18.001 -15.146 -13.010 1.00 38.31 ? 140 HOH A O   1 
HETATM 1214 O O   . HOH C 3 .  ? -22.157 -13.625 -3.544  1.00 43.09 ? 141 HOH A O   1 
HETATM 1215 O O   . HOH C 3 .  ? -9.413  -20.770 -11.988 1.00 32.76 ? 142 HOH A O   1 
HETATM 1216 O O   . HOH C 3 .  ? -17.508 -10.136 -5.737  1.00 41.76 ? 143 HOH A O   1 
HETATM 1217 O O   . HOH C 3 .  ? -7.979  -17.629 -10.236 1.00 36.11 ? 144 HOH A O   1 
HETATM 1218 O O   . HOH C 3 .  ? -4.463  -13.832 -8.506  1.00 30.13 ? 145 HOH A O   1 
HETATM 1219 O O   . HOH C 3 .  ? -13.754 -27.092 0.633   1.00 24.90 ? 146 HOH A O   1 
HETATM 1220 O O   . HOH C 3 .  ? -7.959  -22.524 -2.694  1.00 27.83 ? 147 HOH A O   1 
HETATM 1221 O O   . HOH C 3 .  ? -6.865  -21.817 -7.285  1.00 32.90 ? 148 HOH A O   1 
HETATM 1222 O O   . HOH C 3 .  ? 0.876   -7.754  -6.866  1.00 36.80 ? 149 HOH A O   1 
HETATM 1223 O O   . HOH C 3 .  ? -2.227  -11.279 -7.233  1.00 33.59 ? 150 HOH A O   1 
HETATM 1224 O O   . HOH C 3 .  ? -12.336 -13.906 12.382  1.00 35.59 ? 151 HOH A O   1 
HETATM 1225 O O   . HOH C 3 .  ? -3.054  -9.117  -5.991  1.00 31.72 ? 152 HOH A O   1 
HETATM 1226 O O   . HOH C 3 .  ? -3.003  -17.526 10.949  1.00 35.55 ? 153 HOH A O   1 
HETATM 1227 O O   . HOH C 3 .  ? -21.614 -7.979  5.727   1.00 37.35 ? 154 HOH A O   1 
HETATM 1228 O O   . HOH C 3 .  ? -18.026 -13.511 12.555  1.00 40.43 ? 155 HOH A O   1 
HETATM 1229 O O   . HOH C 3 .  ? -18.063 -11.336 11.904  1.00 34.53 ? 156 HOH A O   1 
HETATM 1230 O O   . HOH C 3 .  ? -10.896 -1.214  10.348  1.00 31.44 ? 157 HOH A O   1 
HETATM 1231 O O   . HOH C 3 .  ? -8.552  -0.174  11.934  1.00 31.56 ? 158 HOH A O   1 
HETATM 1232 O O   . HOH C 3 .  ? -2.416  0.977   12.104  1.00 32.08 ? 159 HOH A O   1 
HETATM 1233 O O   . HOH C 3 .  ? -13.310 0.406   9.163   1.00 35.52 ? 160 HOH A O   1 
HETATM 1234 O O   . HOH C 3 .  ? 2.922   -5.547  -3.576  1.00 31.98 ? 161 HOH A O   1 
HETATM 1235 O O   . HOH C 3 .  ? -13.341 0.773   6.681   1.00 29.27 ? 162 HOH A O   1 
HETATM 1236 O O   . HOH C 3 .  ? -18.129 -14.878 -10.721 1.00 42.16 ? 163 HOH A O   1 
HETATM 1237 O O   . HOH C 3 .  ? -15.429 10.548  2.022   1.00 41.64 ? 164 HOH A O   1 
HETATM 1238 O O   . HOH C 3 .  ? -3.777  -16.913 13.088  1.00 47.67 ? 165 HOH A O   1 
HETATM 1239 O O   . HOH C 3 .  ? -14.163 12.358  2.535   1.00 44.22 ? 166 HOH A O   1 
HETATM 1240 O O   . HOH C 3 .  ? 4.599   -9.585  -1.520  1.00 31.11 ? 167 HOH A O   1 
HETATM 1241 O O   . HOH C 3 .  ? -13.776 4.984   -2.581  1.00 37.12 ? 168 HOH A O   1 
HETATM 1242 O O   . HOH C 3 .  ? -14.880 -0.949  -6.392  1.00 35.66 ? 169 HOH A O   1 
HETATM 1243 O O   . HOH C 3 .  ? -17.535 -7.325  -8.278  1.00 34.19 ? 170 HOH A O   1 
HETATM 1244 O O   . HOH C 3 .  ? -3.794  -19.440 9.750   1.00 46.51 ? 171 HOH A O   1 
HETATM 1245 O O   . HOH C 3 .  ? -19.126 -16.260 -15.407 1.00 36.11 ? 172 HOH A O   1 
HETATM 1246 O O   . HOH C 3 .  ? -8.384  -13.458 -12.044 1.00 44.45 ? 173 HOH A O   1 
HETATM 1247 O O   . HOH C 3 .  ? -18.934 -17.262 7.625   1.00 41.24 ? 174 HOH A O   1 
HETATM 1248 O O   . HOH C 3 .  ? 1.011   0.301   12.178  1.00 38.08 ? 175 HOH A O   1 
HETATM 1249 O O   . HOH C 3 .  ? 1.317   2.635   10.593  1.00 33.40 ? 176 HOH A O   1 
HETATM 1250 O O   . HOH C 3 .  ? -8.821  -23.765 -10.402 1.00 34.76 ? 177 HOH A O   1 
HETATM 1251 O O   . HOH C 3 .  ? -7.673  -24.812 -5.583  1.00 36.50 ? 178 HOH A O   1 
HETATM 1252 O O   . HOH C 3 .  ? -15.209 11.634  4.762   1.00 47.48 ? 179 HOH A O   1 
HETATM 1253 O O   . HOH C 3 .  ? -10.992 1.775   -5.841  1.00 38.77 ? 180 HOH A O   1 
HETATM 1254 O O   . HOH C 3 .  ? -6.282  -20.123 -10.351 1.00 44.06 ? 181 HOH A O   1 
HETATM 1255 O O   . HOH C 3 .  ? -20.498 -16.224 -13.045 1.00 41.17 ? 182 HOH A O   1 
HETATM 1256 O O   . HOH C 3 .  ? -2.090  -7.543  -8.002  1.00 38.00 ? 183 HOH A O   1 
HETATM 1257 O O   . HOH C 3 .  ? -16.298 -8.092  9.579   1.00 40.76 ? 184 HOH A O   1 
HETATM 1258 O O   . HOH C 3 .  ? -24.181 -13.472 6.327   1.00 44.87 ? 185 HOH A O   1 
HETATM 1259 O O   . HOH C 3 .  ? -19.415 1.184   2.587   1.00 49.48 ? 186 HOH A O   1 
HETATM 1260 O O   . HOH C 3 .  ? -11.981 4.220   -5.211  1.00 40.94 ? 187 HOH A O   1 
HETATM 1261 O O   . HOH C 3 .  ? -11.751 4.644   6.825   1.00 34.05 ? 188 HOH A O   1 
HETATM 1262 O O   . HOH C 3 .  ? -12.656 -25.128 1.626   1.00 24.80 ? 189 HOH A O   1 
HETATM 1263 O O   . HOH C 3 .  ? -3.916  -11.202 16.063  1.00 38.24 ? 190 HOH A O   1 
HETATM 1264 O O   . HOH C 3 .  ? 3.520   -0.490  9.663   1.00 33.15 ? 191 HOH A O   1 
HETATM 1265 O O   . HOH C 3 .  ? 3.645   -7.321  -6.763  1.00 46.29 ? 192 HOH A O   1 
HETATM 1266 O O   . HOH C 3 .  ? -19.287 -24.052 5.911   1.00 47.06 ? 193 HOH A O   1 
HETATM 1267 O O   . HOH C 3 .  ? -13.557 8.653   11.525  1.00 53.56 ? 194 HOH A O   1 
HETATM 1268 O O   . HOH C 3 .  ? -22.547 -18.787 -2.601  1.00 36.42 ? 195 HOH A O   1 
HETATM 1269 O O   . HOH C 3 .  ? -12.431 9.361   13.350  1.00 53.97 ? 196 HOH A O   1 
HETATM 1270 O O   . HOH C 3 .  ? -19.448 -5.117  -1.896  1.00 47.15 ? 197 HOH A O   1 
HETATM 1271 O O   . HOH C 3 .  ? -1.910  -12.140 -11.377 1.00 47.19 ? 198 HOH A O   1 
HETATM 1272 O O   . HOH C 3 .  ? -20.217 -7.085  -0.526  1.00 45.87 ? 199 HOH A O   1 
HETATM 1273 O O   . HOH C 3 .  ? -3.391  -11.718 -9.485  1.00 44.44 ? 200 HOH A O   1 
HETATM 1274 O O   . HOH C 3 .  ? -5.632  4.036   10.662  1.00 36.87 ? 201 HOH A O   1 
HETATM 1275 O O   . HOH C 3 .  ? -25.102 -10.750 5.921   1.00 42.23 ? 202 HOH A O   1 
HETATM 1276 O O   . HOH C 3 .  ? -7.803  -25.397 -2.661  1.00 27.81 ? 203 HOH A O   1 
HETATM 1277 O O   . HOH C 3 .  ? -12.210 -8.688  -12.495 1.00 42.49 ? 204 HOH A O   1 
HETATM 1278 O O   . HOH C 3 .  ? -15.893 1.112   3.089   1.00 40.94 ? 205 HOH A O   1 
HETATM 1279 O O   . HOH C 3 .  ? -10.885 -10.266 -10.946 1.00 36.79 ? 206 HOH A O   1 
HETATM 1280 O O   . HOH C 3 .  ? -8.898  -26.107 0.805   1.00 34.50 ? 207 HOH A O   1 
HETATM 1281 O O   . HOH D 3 .  ? 6.479   16.709  -0.431  0.50 22.09 ? 101 HOH B O   1 
HETATM 1282 O O   . HOH D 3 .  ? 9.210   6.279   6.051   1.00 24.00 ? 102 HOH B O   1 
HETATM 1283 O O   . HOH D 3 .  ? -5.078  2.490   -3.911  1.00 24.93 ? 103 HOH B O   1 
HETATM 1284 O O   . HOH D 3 .  ? 14.642  11.263  -6.940  1.00 28.58 ? 104 HOH B O   1 
HETATM 1285 O O   . HOH D 3 .  ? 17.381  10.205  -4.495  1.00 25.69 ? 105 HOH B O   1 
HETATM 1286 O O   . HOH D 3 .  ? -4.272  15.009  -2.776  1.00 33.33 ? 106 HOH B O   1 
HETATM 1287 O O   . HOH D 3 .  ? 5.785   15.307  -3.029  1.00 25.91 ? 107 HOH B O   1 
HETATM 1288 O O   . HOH D 3 .  ? 21.347  10.538  0.910   1.00 31.74 ? 108 HOH B O   1 
HETATM 1289 O O   . HOH D 3 .  ? 17.009  5.235   0.932   1.00 25.89 ? 109 HOH B O   1 
HETATM 1290 O O   . HOH D 3 .  ? 19.801  15.916  -5.172  1.00 32.69 ? 110 HOH B O   1 
HETATM 1291 O O   . HOH D 3 .  ? 6.288   3.944   10.605  1.00 31.45 ? 111 HOH B O   1 
HETATM 1292 O O   . HOH D 3 .  ? 21.126  11.045  2.959   1.00 36.02 ? 112 HOH B O   1 
HETATM 1293 O O   . HOH D 3 .  ? 9.661   4.537   12.068  1.00 35.22 ? 113 HOH B O   1 
HETATM 1294 O O   . HOH D 3 .  ? 13.871  -2.492  2.106   1.00 28.93 ? 114 HOH B O   1 
HETATM 1295 O O   . HOH D 3 .  ? 13.150  -2.061  4.392   1.00 33.99 ? 115 HOH B O   1 
HETATM 1296 O O   . HOH D 3 .  ? 10.850  16.399  -7.666  1.00 31.02 ? 116 HOH B O   1 
HETATM 1297 O O   . HOH D 3 .  ? 18.941  17.703  1.684   1.00 35.33 ? 117 HOH B O   1 
HETATM 1298 O O   . HOH D 3 .  ? 13.202  -1.491  6.274   1.00 31.86 ? 118 HOH B O   1 
HETATM 1299 O O   . HOH D 3 .  ? 12.332  -0.418  -3.075  1.00 35.35 ? 119 HOH B O   1 
HETATM 1300 O O   . HOH D 3 .  ? 4.651   -1.488  -3.891  1.00 34.75 ? 120 HOH B O   1 
HETATM 1301 O O   . HOH D 3 .  ? 3.653   -3.254  -1.951  1.00 27.40 ? 121 HOH B O   1 
HETATM 1302 O O   . HOH D 3 .  ? 6.628   3.018   -11.085 1.00 34.26 ? 122 HOH B O   1 
HETATM 1303 O O   . HOH D 3 .  ? 6.222   15.547  8.603   1.00 37.71 ? 123 HOH B O   1 
HETATM 1304 O O   . HOH D 3 .  ? 7.521   2.437   -12.987 1.00 42.56 ? 124 HOH B O   1 
HETATM 1305 O O   . HOH D 3 .  ? 10.995  -0.180  -1.171  1.00 32.37 ? 125 HOH B O   1 
HETATM 1306 O O   . HOH D 3 .  ? 13.202  -0.949  -6.486  1.00 41.98 ? 126 HOH B O   1 
HETATM 1307 O O   . HOH D 3 .  ? 8.428   6.101   -11.155 1.00 44.56 ? 127 HOH B O   1 
HETATM 1308 O O   . HOH D 3 .  ? 25.760  10.775  -10.495 1.00 42.10 ? 128 HOH B O   1 
HETATM 1309 O O   . HOH D 3 .  ? 4.988   2.042   9.822   1.00 34.67 ? 129 HOH B O   1 
HETATM 1310 O O   . HOH D 3 .  ? 15.662  -5.838  8.153   1.00 29.59 ? 130 HOH B O   1 
HETATM 1311 O O   . HOH D 3 .  ? 7.887   17.030  10.600  0.50 44.89 ? 131 HOH B O   1 
HETATM 1312 O O   . HOH D 3 .  ? -1.013  16.817  10.703  1.00 50.98 ? 132 HOH B O   1 
HETATM 1313 O O   . HOH D 3 .  ? 11.594  -1.765  1.162   1.00 37.69 ? 133 HOH B O   1 
HETATM 1314 O O   . HOH D 3 .  ? -6.036  4.752   -5.425  1.00 39.36 ? 134 HOH B O   1 
HETATM 1315 O O   . HOH D 3 .  ? 12.973  18.127  4.779   1.00 38.43 ? 135 HOH B O   1 
HETATM 1316 O O   . HOH D 3 .  ? 10.939  17.576  4.014   1.00 29.97 ? 136 HOH B O   1 
HETATM 1317 O O   . HOH D 3 .  ? 14.528  6.716   -14.468 1.00 44.22 ? 137 HOH B O   1 
HETATM 1318 O O   . HOH D 3 .  ? 16.809  -1.606  11.978  1.00 42.55 ? 138 HOH B O   1 
HETATM 1319 O O   . HOH D 3 .  ? 13.468  16.262  -8.897  1.00 42.78 ? 139 HOH B O   1 
HETATM 1320 O O   . HOH D 3 .  ? -6.279  13.549  -2.320  1.00 44.77 ? 140 HOH B O   1 
HETATM 1321 O O   . HOH D 3 .  ? 5.717   0.984   -9.403  1.00 40.75 ? 141 HOH B O   1 
HETATM 1322 O O   . HOH D 3 .  ? -2.592  18.960  8.993   1.00 41.76 ? 142 HOH B O   1 
HETATM 1323 O O   . HOH D 3 .  ? -0.243  18.616  9.744   1.00 40.56 ? 143 HOH B O   1 
HETATM 1324 O O   . HOH D 3 .  ? 19.428  14.889  -12.700 1.00 46.04 ? 144 HOH B O   1 
HETATM 1325 O O   . HOH D 3 .  ? 29.347  18.371  -4.804  1.00 49.17 ? 145 HOH B O   1 
HETATM 1326 O O   . HOH D 3 .  ? 19.776  16.563  -14.084 1.00 54.60 ? 146 HOH B O   1 
HETATM 1327 O O   . HOH D 3 .  ? 13.494  10.509  9.982   1.00 43.47 ? 147 HOH B O   1 
HETATM 1328 O O   . HOH D 3 .  ? 12.419  12.670  9.003   1.00 42.96 ? 148 HOH B O   1 
HETATM 1329 O O   . HOH D 3 .  ? 2.398   1.104   -11.406 1.00 41.21 ? 149 HOH B O   1 
HETATM 1330 O O   . HOH D 3 .  ? 4.787   2.476   -6.378  1.00 39.08 ? 150 HOH B O   1 
HETATM 1331 O O   . HOH D 3 .  ? -4.386  5.439   -9.133  1.00 42.93 ? 151 HOH B O   1 
HETATM 1332 O O   . HOH D 3 .  ? -2.078  5.615   -10.428 1.00 44.52 ? 152 HOH B O   1 
HETATM 1333 O O   . HOH D 3 .  ? 22.192  5.789   1.778   1.00 40.25 ? 153 HOH B O   1 
HETATM 1334 O O   . HOH D 3 .  ? 8.990   10.925  11.737  1.00 38.88 ? 154 HOH B O   1 
HETATM 1335 O O   . HOH D 3 .  ? 7.278   -0.735  8.887   1.00 33.76 ? 155 HOH B O   1 
HETATM 1336 O O   . HOH D 3 .  ? -6.382  3.597   -9.358  1.00 50.17 ? 156 HOH B O   1 
HETATM 1337 O O   . HOH D 3 .  ? 8.852   12.695  9.413   1.00 38.13 ? 157 HOH B O   1 
HETATM 1338 O O   . HOH D 3 .  ? 7.067   0.220   11.131  1.00 42.69 ? 158 HOH B O   1 
HETATM 1339 O O   . HOH D 3 .  ? 21.022  6.807   5.278   1.00 40.73 ? 159 HOH B O   1 
HETATM 1340 O O   . HOH D 3 .  ? -2.728  4.695   -13.122 1.00 54.86 ? 160 HOH B O   1 
HETATM 1341 O O   . HOH D 3 .  ? 23.143  7.928   1.382   1.00 44.05 ? 161 HOH B O   1 
# 
